data_2DHS
#
_entry.id   2DHS
#
_entity_poly.entity_id   1
_entity_poly.type   'polypeptide(L)'
_entity_poly.pdbx_seq_one_letter_code
;MNGTLDHPDQPDLDAIKMFVGQVPRTWSEKDLRELFEQYGAVYEINVLRDRSQNPPQSKGCCFVTFYTRKAALEAQNALH
NMKVLPGMHHPIQMKPADSEKNNAVEDRKLFIGMISKKCTENDIRVMFSSFGQIEECRILRGPDGLSRGCAFVTFTTRAM
AQTAIKAMHQAQTMEGCSSPMVVKFAD
;
_entity_poly.pdbx_strand_id   A
#
# COMPACT_ATOMS: atom_id res chain seq x y z
N MET A 1 32.15 -13.16 -24.99
CA MET A 1 32.83 -12.98 -23.68
C MET A 1 31.82 -12.86 -22.55
N ASN A 2 32.31 -12.61 -21.34
CA ASN A 2 31.45 -12.46 -20.18
C ASN A 2 31.84 -11.23 -19.36
N GLY A 3 30.88 -10.32 -19.19
CA GLY A 3 31.14 -9.11 -18.43
C GLY A 3 29.86 -8.51 -17.86
N THR A 4 29.91 -8.13 -16.59
CA THR A 4 28.76 -7.54 -15.92
C THR A 4 28.89 -6.02 -15.82
N LEU A 5 28.85 -5.36 -16.97
CA LEU A 5 28.96 -3.92 -17.01
C LEU A 5 27.73 -3.29 -16.34
N ASP A 6 26.73 -4.13 -16.09
CA ASP A 6 25.47 -3.71 -15.47
C ASP A 6 24.60 -2.93 -16.44
N HIS A 7 25.22 -2.29 -17.44
CA HIS A 7 24.46 -1.52 -18.42
C HIS A 7 25.07 -1.70 -19.83
N PRO A 8 25.01 -2.94 -20.36
CA PRO A 8 25.55 -3.24 -21.71
C PRO A 8 24.70 -2.66 -22.83
N ASP A 9 23.43 -2.37 -22.52
CA ASP A 9 22.51 -1.82 -23.51
C ASP A 9 21.51 -0.87 -22.88
N GLN A 10 21.03 -1.24 -21.69
CA GLN A 10 20.05 -0.41 -20.99
C GLN A 10 20.72 0.37 -19.85
N PRO A 11 20.87 1.71 -20.02
CA PRO A 11 21.49 2.56 -19.03
C PRO A 11 20.49 3.10 -18.01
N ASP A 12 19.44 2.32 -17.75
CA ASP A 12 18.41 2.72 -16.80
C ASP A 12 17.55 1.53 -16.38
N LEU A 13 17.32 1.40 -15.08
CA LEU A 13 16.51 0.31 -14.56
C LEU A 13 15.03 0.71 -14.55
N ASP A 14 14.67 1.58 -15.48
CA ASP A 14 13.29 2.06 -15.60
C ASP A 14 12.42 1.01 -16.29
N ALA A 15 12.99 -0.17 -16.52
CA ALA A 15 12.25 -1.25 -17.17
C ALA A 15 11.03 -1.64 -16.36
N ILE A 16 11.14 -2.72 -15.58
CA ILE A 16 10.03 -3.18 -14.76
C ILE A 16 10.41 -4.44 -13.98
N LYS A 17 9.96 -4.48 -12.72
CA LYS A 17 10.22 -5.62 -11.84
C LYS A 17 8.93 -6.20 -11.30
N MET A 18 8.85 -7.53 -11.24
CA MET A 18 7.65 -8.19 -10.74
C MET A 18 8.00 -9.20 -9.65
N PHE A 19 7.11 -9.32 -8.68
CA PHE A 19 7.29 -10.23 -7.55
C PHE A 19 6.05 -11.12 -7.38
N VAL A 20 6.27 -12.43 -7.27
CA VAL A 20 5.15 -13.37 -7.12
C VAL A 20 5.32 -14.24 -5.88
N GLY A 21 4.19 -14.55 -5.23
CA GLY A 21 4.21 -15.39 -4.05
C GLY A 21 3.17 -16.48 -4.12
N GLN A 22 3.57 -17.70 -3.80
CA GLN A 22 2.67 -18.85 -3.81
C GLN A 22 2.35 -19.29 -5.23
N VAL A 23 3.38 -19.63 -5.99
CA VAL A 23 3.21 -20.08 -7.37
C VAL A 23 3.24 -21.61 -7.44
N PRO A 24 2.31 -22.22 -8.22
CA PRO A 24 2.23 -23.67 -8.37
C PRO A 24 3.57 -24.40 -8.27
N ARG A 25 4.56 -23.94 -9.03
CA ARG A 25 5.87 -24.57 -9.02
C ARG A 25 5.78 -26.03 -9.43
N THR A 26 4.66 -26.40 -10.04
CA THR A 26 4.43 -27.76 -10.49
C THR A 26 5.17 -28.04 -11.79
N TRP A 27 5.68 -26.98 -12.42
CA TRP A 27 6.41 -27.11 -13.67
C TRP A 27 7.87 -26.71 -13.49
N SER A 28 8.57 -26.51 -14.61
CA SER A 28 9.97 -26.12 -14.57
C SER A 28 10.11 -24.60 -14.62
N GLU A 29 11.35 -24.11 -14.57
CA GLU A 29 11.57 -22.68 -14.60
C GLU A 29 11.28 -22.11 -15.99
N LYS A 30 11.80 -22.75 -17.02
CA LYS A 30 11.61 -22.29 -18.39
C LYS A 30 10.14 -22.22 -18.72
N ASP A 31 9.42 -23.27 -18.37
CA ASP A 31 8.01 -23.33 -18.63
C ASP A 31 7.28 -22.20 -17.92
N LEU A 32 7.76 -21.88 -16.71
CA LEU A 32 7.16 -20.83 -15.91
C LEU A 32 7.28 -19.49 -16.63
N ARG A 33 8.39 -19.30 -17.34
CA ARG A 33 8.62 -18.06 -18.07
C ARG A 33 7.50 -17.79 -19.06
N GLU A 34 7.00 -18.86 -19.69
CA GLU A 34 5.93 -18.73 -20.68
C GLU A 34 4.72 -18.03 -20.07
N LEU A 35 4.42 -18.36 -18.83
CA LEU A 35 3.28 -17.78 -18.14
C LEU A 35 3.40 -16.26 -18.07
N PHE A 36 4.61 -15.78 -17.80
CA PHE A 36 4.87 -14.35 -17.70
C PHE A 36 4.93 -13.71 -19.09
N GLU A 37 5.26 -14.52 -20.10
CA GLU A 37 5.36 -14.02 -21.47
C GLU A 37 4.02 -13.49 -21.97
N GLN A 38 2.94 -13.99 -21.39
CA GLN A 38 1.60 -13.57 -21.78
C GLN A 38 1.32 -12.13 -21.34
N TYR A 39 2.22 -11.58 -20.54
CA TYR A 39 2.06 -10.22 -20.04
C TYR A 39 2.94 -9.25 -20.84
N GLY A 40 3.91 -9.78 -21.57
CA GLY A 40 4.79 -8.93 -22.36
C GLY A 40 6.11 -9.61 -22.70
N ALA A 41 7.12 -8.80 -23.02
CA ALA A 41 8.43 -9.32 -23.35
C ALA A 41 9.32 -9.45 -22.13
N VAL A 42 9.41 -10.66 -21.58
CA VAL A 42 10.22 -10.93 -20.40
C VAL A 42 11.70 -10.78 -20.73
N TYR A 43 12.54 -10.86 -19.70
CA TYR A 43 13.98 -10.73 -19.88
C TYR A 43 14.75 -11.66 -18.95
N GLU A 44 14.50 -11.51 -17.64
CA GLU A 44 15.18 -12.34 -16.64
C GLU A 44 14.19 -12.86 -15.61
N ILE A 45 14.19 -14.17 -15.40
CA ILE A 45 13.30 -14.79 -14.44
C ILE A 45 14.04 -15.74 -13.52
N ASN A 46 13.83 -15.57 -12.22
CA ASN A 46 14.49 -16.42 -11.23
C ASN A 46 13.50 -16.89 -10.17
N VAL A 47 13.51 -18.19 -9.87
CA VAL A 47 12.63 -18.76 -8.87
C VAL A 47 13.44 -19.21 -7.67
N LEU A 48 12.93 -18.90 -6.47
CA LEU A 48 13.63 -19.28 -5.26
C LEU A 48 13.13 -20.59 -4.69
N ARG A 49 14.04 -21.27 -4.01
CA ARG A 49 13.77 -22.57 -3.41
C ARG A 49 14.94 -23.04 -2.55
N ASP A 50 16.15 -22.77 -3.03
CA ASP A 50 17.39 -23.14 -2.33
C ASP A 50 17.63 -24.65 -2.37
N ARG A 51 18.20 -25.12 -3.49
CA ARG A 51 18.50 -26.53 -3.69
C ARG A 51 17.30 -27.44 -3.42
N SER A 52 16.12 -26.83 -3.26
CA SER A 52 14.89 -27.56 -3.01
C SER A 52 15.07 -28.69 -1.99
N GLN A 53 15.72 -28.38 -0.87
CA GLN A 53 15.95 -29.39 0.16
C GLN A 53 14.78 -29.39 1.14
N ASN A 54 15.02 -29.89 2.35
CA ASN A 54 13.97 -29.91 3.36
C ASN A 54 13.95 -28.60 4.16
N PRO A 55 15.10 -28.18 4.72
CA PRO A 55 15.18 -26.91 5.47
C PRO A 55 14.63 -25.70 4.69
N PRO A 56 14.87 -25.63 3.36
CA PRO A 56 14.42 -24.52 2.53
C PRO A 56 13.07 -24.78 1.86
N GLN A 57 13.07 -25.59 0.80
CA GLN A 57 11.86 -25.93 0.08
C GLN A 57 11.38 -24.76 -0.76
N SER A 58 10.93 -25.05 -1.96
CA SER A 58 10.43 -24.02 -2.88
C SER A 58 9.37 -23.16 -2.21
N LYS A 59 9.75 -21.93 -1.88
CA LYS A 59 8.83 -20.99 -1.23
C LYS A 59 7.79 -20.48 -2.21
N GLY A 60 7.83 -20.98 -3.44
CA GLY A 60 6.89 -20.56 -4.45
C GLY A 60 6.96 -19.07 -4.74
N CYS A 61 8.18 -18.56 -4.86
CA CYS A 61 8.39 -17.14 -5.13
C CYS A 61 9.21 -16.96 -6.39
N CYS A 62 8.78 -16.05 -7.25
CA CYS A 62 9.47 -15.79 -8.51
C CYS A 62 9.40 -14.31 -8.88
N PHE A 63 10.52 -13.78 -9.37
CA PHE A 63 10.57 -12.38 -9.80
C PHE A 63 11.04 -12.28 -11.24
N VAL A 64 10.34 -11.46 -12.04
CA VAL A 64 10.67 -11.30 -13.44
C VAL A 64 10.88 -9.84 -13.82
N THR A 65 11.78 -9.61 -14.77
CA THR A 65 12.08 -8.26 -15.24
C THR A 65 11.85 -8.21 -16.76
N PHE A 66 11.17 -7.17 -17.21
CA PHE A 66 10.85 -7.03 -18.63
C PHE A 66 11.76 -6.04 -19.34
N TYR A 67 11.55 -5.89 -20.64
CA TYR A 67 12.33 -4.98 -21.47
C TYR A 67 11.44 -3.90 -22.07
N THR A 68 10.15 -4.19 -22.15
CA THR A 68 9.18 -3.24 -22.69
C THR A 68 8.20 -2.81 -21.61
N ARG A 69 8.54 -1.75 -20.90
CA ARG A 69 7.71 -1.24 -19.82
C ARG A 69 6.29 -0.96 -20.29
N LYS A 70 6.15 -0.55 -21.54
CA LYS A 70 4.83 -0.26 -22.10
C LYS A 70 3.97 -1.52 -22.02
N ALA A 71 4.58 -2.64 -22.35
CA ALA A 71 3.88 -3.92 -22.31
C ALA A 71 3.49 -4.27 -20.88
N ALA A 72 4.34 -3.88 -19.94
CA ALA A 72 4.10 -4.14 -18.53
C ALA A 72 2.80 -3.49 -18.06
N LEU A 73 2.44 -2.39 -18.71
CA LEU A 73 1.21 -1.67 -18.37
C LEU A 73 0.01 -2.61 -18.40
N GLU A 74 -0.06 -3.44 -19.43
CA GLU A 74 -1.16 -4.39 -19.57
C GLU A 74 -1.20 -5.33 -18.37
N ALA A 75 -0.02 -5.76 -17.92
CA ALA A 75 0.07 -6.67 -16.79
C ALA A 75 -0.62 -6.09 -15.57
N GLN A 76 -0.52 -4.77 -15.40
CA GLN A 76 -1.14 -4.10 -14.27
C GLN A 76 -2.63 -4.40 -14.23
N ASN A 77 -3.28 -4.28 -15.39
CA ASN A 77 -4.70 -4.54 -15.50
C ASN A 77 -4.98 -6.02 -15.27
N ALA A 78 -4.00 -6.85 -15.60
CA ALA A 78 -4.12 -8.29 -15.44
C ALA A 78 -3.96 -8.71 -13.99
N LEU A 79 -3.27 -7.89 -13.19
CA LEU A 79 -3.05 -8.23 -11.78
C LEU A 79 -2.99 -7.00 -10.88
N HIS A 80 -1.92 -6.21 -11.00
CA HIS A 80 -1.74 -5.02 -10.18
C HIS A 80 -1.36 -5.44 -8.75
N ASN A 81 -1.24 -4.48 -7.85
CA ASN A 81 -0.87 -4.77 -6.46
C ASN A 81 -1.83 -5.80 -5.84
N MET A 82 -3.03 -5.90 -6.39
CA MET A 82 -4.02 -6.85 -5.88
C MET A 82 -4.58 -7.71 -7.02
N LYS A 83 -4.48 -9.03 -6.86
CA LYS A 83 -4.95 -9.97 -7.87
C LYS A 83 -5.81 -11.06 -7.23
N VAL A 84 -6.81 -11.53 -7.98
CA VAL A 84 -7.70 -12.57 -7.48
C VAL A 84 -7.75 -13.78 -8.41
N LEU A 85 -7.45 -14.95 -7.85
CA LEU A 85 -7.47 -16.20 -8.59
C LEU A 85 -8.62 -17.10 -8.15
N PRO A 86 -9.16 -17.93 -9.08
CA PRO A 86 -10.26 -18.84 -8.81
C PRO A 86 -10.44 -19.18 -7.34
N GLY A 87 -9.36 -19.66 -6.73
CA GLY A 87 -9.40 -20.01 -5.31
C GLY A 87 -9.68 -21.48 -5.07
N MET A 88 -9.85 -22.24 -6.15
CA MET A 88 -10.11 -23.67 -6.04
C MET A 88 -9.05 -24.35 -5.18
N HIS A 89 -7.81 -24.33 -5.65
CA HIS A 89 -6.69 -24.94 -4.94
C HIS A 89 -5.38 -24.62 -5.66
N HIS A 90 -5.40 -23.57 -6.47
CA HIS A 90 -4.24 -23.15 -7.22
C HIS A 90 -4.05 -21.63 -7.17
N PRO A 91 -3.81 -21.07 -5.97
CA PRO A 91 -3.64 -19.62 -5.80
C PRO A 91 -2.21 -19.16 -6.08
N ILE A 92 -2.10 -18.01 -6.73
CA ILE A 92 -0.82 -17.40 -7.05
C ILE A 92 -0.93 -15.90 -6.79
N GLN A 93 0.17 -15.26 -6.40
CA GLN A 93 0.09 -13.84 -6.12
C GLN A 93 1.10 -13.07 -6.95
N MET A 94 0.62 -12.10 -7.71
CA MET A 94 1.49 -11.32 -8.57
C MET A 94 1.36 -9.83 -8.30
N LYS A 95 2.47 -9.21 -7.98
CA LYS A 95 2.53 -7.78 -7.69
C LYS A 95 3.79 -7.21 -8.29
N PRO A 96 3.79 -5.94 -8.72
CA PRO A 96 4.96 -5.34 -9.33
C PRO A 96 5.66 -4.34 -8.43
N ALA A 97 6.95 -4.60 -8.20
CA ALA A 97 7.78 -3.75 -7.36
C ALA A 97 7.00 -3.13 -6.21
N ASP A 98 6.81 -3.91 -5.16
CA ASP A 98 6.09 -3.46 -3.97
C ASP A 98 6.73 -2.20 -3.39
N SER A 99 8.00 -2.02 -3.68
CA SER A 99 8.73 -0.85 -3.18
C SER A 99 8.24 0.42 -3.86
N GLU A 100 7.71 0.30 -5.07
CA GLU A 100 7.20 1.45 -5.81
C GLU A 100 5.82 1.17 -6.38
N LYS A 101 4.98 0.55 -5.55
CA LYS A 101 3.62 0.21 -5.94
C LYS A 101 2.85 1.44 -6.43
N ASN A 102 3.31 2.62 -6.02
CA ASN A 102 2.66 3.88 -6.37
C ASN A 102 1.49 4.11 -5.43
N ASN A 103 0.93 3.02 -4.94
CA ASN A 103 -0.17 3.06 -4.00
C ASN A 103 0.36 2.88 -2.59
N ALA A 104 1.48 3.55 -2.33
CA ALA A 104 2.15 3.48 -1.04
C ALA A 104 1.24 4.00 0.06
N VAL A 105 0.29 4.84 -0.33
CA VAL A 105 -0.65 5.40 0.62
C VAL A 105 -1.42 4.29 1.33
N GLU A 106 -1.77 3.25 0.57
CA GLU A 106 -2.50 2.12 1.11
C GLU A 106 -1.67 1.38 2.15
N ASP A 107 -0.34 1.53 2.06
CA ASP A 107 0.56 0.87 2.99
C ASP A 107 0.16 1.22 4.41
N ARG A 108 -0.22 2.47 4.65
CA ARG A 108 -0.68 2.89 5.96
C ARG A 108 -2.04 3.53 5.85
N LYS A 109 -3.03 2.83 6.37
CA LYS A 109 -4.40 3.31 6.32
C LYS A 109 -5.10 3.29 7.67
N LEU A 110 -5.91 4.31 7.91
CA LEU A 110 -6.71 4.40 9.12
C LEU A 110 -8.16 4.67 8.72
N PHE A 111 -9.09 4.02 9.41
CA PHE A 111 -10.51 4.19 9.08
C PHE A 111 -11.32 4.67 10.27
N ILE A 112 -12.01 5.80 10.07
CA ILE A 112 -12.83 6.38 11.11
C ILE A 112 -14.30 6.33 10.69
N GLY A 113 -15.16 5.85 11.59
CA GLY A 113 -16.58 5.71 11.27
C GLY A 113 -17.46 6.86 11.72
N MET A 114 -17.38 7.23 13.00
CA MET A 114 -18.22 8.31 13.51
C MET A 114 -17.42 9.48 14.04
N ILE A 115 -17.49 10.59 13.30
CA ILE A 115 -16.82 11.83 13.66
C ILE A 115 -17.79 13.01 13.64
N SER A 116 -17.43 14.08 14.35
CA SER A 116 -18.29 15.25 14.42
C SER A 116 -18.42 15.94 13.07
N LYS A 117 -19.63 16.41 12.80
CA LYS A 117 -19.94 17.08 11.54
C LYS A 117 -19.08 18.31 11.31
N LYS A 118 -18.61 18.91 12.41
CA LYS A 118 -17.78 20.11 12.33
C LYS A 118 -16.30 19.76 12.14
N CYS A 119 -16.04 18.72 11.34
CA CYS A 119 -14.67 18.28 11.08
C CYS A 119 -14.32 18.38 9.60
N THR A 120 -13.25 19.09 9.29
CA THR A 120 -12.78 19.24 7.92
C THR A 120 -11.68 18.24 7.63
N GLU A 121 -11.35 18.03 6.37
CA GLU A 121 -10.30 17.07 6.02
C GLU A 121 -8.93 17.54 6.48
N ASN A 122 -8.58 18.79 6.19
CA ASN A 122 -7.29 19.33 6.60
C ASN A 122 -7.31 19.59 8.09
N ASP A 123 -8.50 19.92 8.61
CA ASP A 123 -8.67 20.16 10.02
C ASP A 123 -8.33 18.90 10.78
N ILE A 124 -8.65 17.76 10.16
CA ILE A 124 -8.37 16.47 10.76
C ILE A 124 -6.87 16.32 10.92
N ARG A 125 -6.14 16.82 9.94
CA ARG A 125 -4.70 16.76 9.96
C ARG A 125 -4.15 17.36 11.23
N VAL A 126 -4.74 18.47 11.64
CA VAL A 126 -4.28 19.17 12.82
C VAL A 126 -4.25 18.23 14.03
N MET A 127 -5.30 17.46 14.21
CA MET A 127 -5.38 16.55 15.34
C MET A 127 -4.35 15.43 15.21
N PHE A 128 -4.19 14.92 13.99
CA PHE A 128 -3.26 13.83 13.75
C PHE A 128 -1.82 14.32 13.78
N SER A 129 -1.63 15.62 13.57
CA SER A 129 -0.30 16.20 13.57
C SER A 129 0.34 16.05 14.94
N SER A 130 -0.49 15.91 15.97
CA SER A 130 -0.01 15.75 17.33
C SER A 130 0.74 14.43 17.49
N PHE A 131 0.42 13.47 16.63
CA PHE A 131 1.05 12.16 16.68
C PHE A 131 2.41 12.16 15.99
N GLY A 132 2.43 12.47 14.70
CA GLY A 132 3.68 12.50 13.96
C GLY A 132 3.54 12.99 12.54
N GLN A 133 4.28 12.36 11.63
CA GLN A 133 4.26 12.73 10.22
C GLN A 133 3.11 12.05 9.48
N ILE A 134 2.31 12.84 8.77
CA ILE A 134 1.18 12.30 8.03
C ILE A 134 1.44 12.36 6.53
N GLU A 135 1.14 11.24 5.86
CA GLU A 135 1.32 11.15 4.43
C GLU A 135 0.14 11.76 3.69
N GLU A 136 -1.08 11.37 4.09
CA GLU A 136 -2.29 11.90 3.45
C GLU A 136 -3.44 12.02 4.44
N CYS A 137 -4.27 13.04 4.24
CA CYS A 137 -5.44 13.27 5.10
C CYS A 137 -6.69 13.31 4.24
N ARG A 138 -7.69 12.53 4.63
CA ARG A 138 -8.93 12.46 3.87
C ARG A 138 -10.15 12.45 4.78
N ILE A 139 -11.19 13.11 4.33
CA ILE A 139 -12.45 13.17 5.06
C ILE A 139 -13.61 13.05 4.10
N LEU A 140 -14.69 12.46 4.56
CA LEU A 140 -15.87 12.32 3.75
C LEU A 140 -17.02 13.05 4.42
N ARG A 141 -17.54 14.00 3.66
CA ARG A 141 -18.62 14.87 4.08
C ARG A 141 -19.62 15.03 2.94
N GLY A 142 -20.90 15.22 3.27
CA GLY A 142 -21.90 15.36 2.24
C GLY A 142 -22.50 16.76 2.17
N PRO A 143 -22.95 17.19 0.97
CA PRO A 143 -23.53 18.53 0.77
C PRO A 143 -24.83 18.76 1.54
N ASP A 144 -25.21 17.81 2.37
CA ASP A 144 -26.42 17.94 3.16
C ASP A 144 -26.35 19.19 4.05
N GLY A 145 -25.14 19.69 4.23
CA GLY A 145 -24.94 20.87 5.05
C GLY A 145 -23.86 20.65 6.10
N LEU A 146 -23.45 19.39 6.24
CA LEU A 146 -22.43 19.02 7.21
C LEU A 146 -21.71 17.76 6.78
N SER A 147 -20.67 17.38 7.52
CA SER A 147 -19.92 16.17 7.21
C SER A 147 -20.68 14.93 7.66
N ARG A 148 -20.91 14.01 6.72
CA ARG A 148 -21.63 12.78 7.02
C ARG A 148 -21.06 12.13 8.28
N GLY A 149 -19.74 12.28 8.48
CA GLY A 149 -19.12 11.75 9.67
C GLY A 149 -18.12 10.63 9.43
N CYS A 150 -17.39 10.63 8.31
CA CYS A 150 -16.40 9.58 8.07
C CYS A 150 -15.09 10.17 7.59
N ALA A 151 -13.97 9.53 7.96
CA ALA A 151 -12.66 10.03 7.56
C ALA A 151 -11.65 8.92 7.30
N PHE A 152 -10.73 9.19 6.38
CA PHE A 152 -9.67 8.26 6.02
C PHE A 152 -8.32 8.95 6.22
N VAL A 153 -7.32 8.22 6.72
CA VAL A 153 -5.99 8.80 6.96
C VAL A 153 -4.87 7.84 6.60
N THR A 154 -3.75 8.40 6.16
CA THR A 154 -2.57 7.62 5.80
C THR A 154 -1.42 8.09 6.67
N PHE A 155 -0.79 7.15 7.37
CA PHE A 155 0.28 7.52 8.31
C PHE A 155 1.62 6.82 8.06
N THR A 156 2.66 7.64 7.93
CA THR A 156 4.02 7.16 7.68
C THR A 156 4.34 5.84 8.38
N THR A 157 4.46 5.87 9.70
CA THR A 157 4.78 4.67 10.46
C THR A 157 3.53 4.07 11.11
N ARG A 158 3.34 2.77 10.90
CA ARG A 158 2.19 2.08 11.47
C ARG A 158 2.14 2.25 12.98
N ALA A 159 3.29 2.20 13.63
CA ALA A 159 3.35 2.36 15.07
C ALA A 159 2.70 3.68 15.47
N MET A 160 3.06 4.74 14.78
CA MET A 160 2.50 6.06 15.04
C MET A 160 1.01 6.04 14.80
N ALA A 161 0.59 5.28 13.79
CA ALA A 161 -0.81 5.16 13.46
C ALA A 161 -1.57 4.50 14.61
N GLN A 162 -0.92 3.52 15.23
CA GLN A 162 -1.52 2.81 16.35
C GLN A 162 -1.80 3.79 17.49
N THR A 163 -0.93 4.79 17.63
CA THR A 163 -1.09 5.79 18.66
C THR A 163 -2.41 6.51 18.48
N ALA A 164 -2.74 6.82 17.23
CA ALA A 164 -3.99 7.51 16.91
C ALA A 164 -5.17 6.73 17.44
N ILE A 165 -5.08 5.41 17.34
CA ILE A 165 -6.14 4.53 17.79
C ILE A 165 -6.42 4.76 19.27
N LYS A 166 -5.36 4.85 20.06
CA LYS A 166 -5.49 5.07 21.49
C LYS A 166 -6.08 6.44 21.76
N ALA A 167 -5.79 7.37 20.88
CA ALA A 167 -6.25 8.74 21.00
C ALA A 167 -7.73 8.86 20.62
N MET A 168 -8.19 7.96 19.75
CA MET A 168 -9.57 8.00 19.30
C MET A 168 -10.35 6.77 19.76
N HIS A 169 -10.00 5.61 19.21
CA HIS A 169 -10.64 4.36 19.55
C HIS A 169 -10.73 4.18 21.07
N GLN A 170 -9.68 4.57 21.76
CA GLN A 170 -9.64 4.46 23.23
C GLN A 170 -9.84 5.83 23.87
N ALA A 171 -10.93 6.51 23.51
CA ALA A 171 -11.23 7.83 24.06
C ALA A 171 -12.67 8.22 23.74
N GLN A 172 -13.03 8.20 22.46
CA GLN A 172 -14.37 8.57 22.02
C GLN A 172 -14.66 10.03 22.30
N THR A 173 -15.51 10.63 21.48
CA THR A 173 -15.89 12.02 21.63
C THR A 173 -17.03 12.19 22.63
N MET A 174 -16.87 11.60 23.80
CA MET A 174 -17.88 11.69 24.84
C MET A 174 -17.81 13.03 25.56
N GLU A 175 -18.05 14.10 24.81
CA GLU A 175 -18.00 15.46 25.36
C GLU A 175 -18.48 16.48 24.33
N GLY A 176 -18.01 16.33 23.10
CA GLY A 176 -18.41 17.24 22.04
C GLY A 176 -19.68 16.80 21.35
N CYS A 177 -19.80 15.51 21.10
CA CYS A 177 -20.97 14.95 20.44
C CYS A 177 -21.56 13.81 21.27
N SER A 178 -20.81 13.36 22.27
CA SER A 178 -21.24 12.29 23.14
C SER A 178 -21.56 11.02 22.34
N SER A 179 -20.52 10.43 21.74
CA SER A 179 -20.69 9.22 20.97
C SER A 179 -19.36 8.49 20.84
N PRO A 180 -19.38 7.15 20.84
CA PRO A 180 -18.16 6.37 20.70
C PRO A 180 -17.45 6.69 19.41
N MET A 181 -16.14 6.59 19.42
CA MET A 181 -15.35 6.85 18.22
C MET A 181 -14.52 5.62 17.88
N VAL A 182 -14.52 5.24 16.61
CA VAL A 182 -13.79 4.05 16.17
C VAL A 182 -12.80 4.35 15.06
N VAL A 183 -11.55 3.97 15.30
CA VAL A 183 -10.47 4.15 14.34
C VAL A 183 -9.57 2.92 14.35
N LYS A 184 -9.40 2.31 13.17
CA LYS A 184 -8.58 1.10 13.08
C LYS A 184 -7.84 1.00 11.75
N PHE A 185 -6.64 0.44 11.80
CA PHE A 185 -5.82 0.25 10.61
C PHE A 185 -6.56 -0.60 9.57
N ALA A 186 -6.46 -0.20 8.31
CA ALA A 186 -7.15 -0.93 7.23
C ALA A 186 -6.59 -2.34 7.08
N ASP A 187 -7.34 -3.19 6.41
CA ASP A 187 -6.94 -4.58 6.20
C ASP A 187 -7.27 -5.03 4.78
N MET A 1 41.01 14.95 -26.63
CA MET A 1 40.39 13.74 -26.05
C MET A 1 39.68 12.91 -27.12
N ASN A 2 39.22 11.73 -26.74
CA ASN A 2 38.53 10.83 -27.66
C ASN A 2 37.27 10.25 -27.01
N GLY A 3 37.46 9.61 -25.86
CA GLY A 3 36.32 9.03 -25.16
C GLY A 3 36.69 7.73 -24.45
N THR A 4 35.71 6.83 -24.32
CA THR A 4 35.93 5.55 -23.66
C THR A 4 36.65 5.72 -22.34
N LEU A 5 36.06 6.51 -21.45
CA LEU A 5 36.62 6.74 -20.14
C LEU A 5 36.50 5.49 -19.30
N ASP A 6 35.57 4.63 -19.71
CA ASP A 6 35.30 3.37 -19.02
C ASP A 6 34.07 2.69 -19.60
N HIS A 7 32.90 3.29 -19.37
CA HIS A 7 31.64 2.75 -19.87
C HIS A 7 30.70 3.88 -20.29
N PRO A 8 30.97 4.50 -21.45
CA PRO A 8 30.17 5.61 -21.97
C PRO A 8 28.91 5.14 -22.69
N ASP A 9 28.80 3.84 -22.87
CA ASP A 9 27.64 3.27 -23.55
C ASP A 9 26.92 2.25 -22.67
N GLN A 10 27.60 1.78 -21.64
CA GLN A 10 27.02 0.80 -20.72
C GLN A 10 27.21 1.24 -19.27
N PRO A 11 26.49 2.30 -18.84
CA PRO A 11 26.57 2.81 -17.47
C PRO A 11 26.06 1.80 -16.44
N ASP A 12 24.77 1.47 -16.55
CA ASP A 12 24.14 0.52 -15.63
C ASP A 12 24.06 1.06 -14.21
N LEU A 13 23.75 2.34 -14.10
CA LEU A 13 23.62 2.99 -12.79
C LEU A 13 22.20 2.90 -12.28
N ASP A 14 21.41 1.99 -12.85
CA ASP A 14 20.01 1.82 -12.46
C ASP A 14 19.24 3.12 -12.59
N ALA A 15 19.09 3.58 -13.84
CA ALA A 15 18.39 4.83 -14.11
C ALA A 15 16.94 4.77 -13.59
N ILE A 16 16.05 4.16 -14.38
CA ILE A 16 14.65 4.05 -13.99
C ILE A 16 13.90 3.10 -14.92
N LYS A 17 12.86 2.46 -14.38
CA LYS A 17 12.05 1.52 -15.13
C LYS A 17 10.58 1.94 -15.08
N MET A 18 9.93 1.99 -16.25
CA MET A 18 8.53 2.40 -16.31
C MET A 18 7.68 1.40 -17.08
N PHE A 19 6.44 1.26 -16.64
CA PHE A 19 5.48 0.36 -17.25
C PHE A 19 4.18 1.10 -17.58
N VAL A 20 3.67 0.94 -18.80
CA VAL A 20 2.44 1.60 -19.20
C VAL A 20 1.39 0.62 -19.70
N GLY A 21 0.13 0.95 -19.44
CA GLY A 21 -0.98 0.11 -19.84
C GLY A 21 -2.03 0.86 -20.62
N GLN A 22 -2.63 0.21 -21.61
CA GLN A 22 -3.66 0.82 -22.43
C GLN A 22 -3.09 2.00 -23.22
N VAL A 23 -1.86 1.86 -23.67
CA VAL A 23 -1.21 2.90 -24.46
C VAL A 23 -1.53 2.74 -25.93
N PRO A 24 -1.86 3.84 -26.63
CA PRO A 24 -2.18 3.80 -28.06
C PRO A 24 -0.95 3.44 -28.90
N ARG A 25 -0.57 2.17 -28.85
CA ARG A 25 0.59 1.69 -29.59
C ARG A 25 0.21 1.25 -31.00
N THR A 26 -0.98 1.66 -31.45
CA THR A 26 -1.45 1.30 -32.77
C THR A 26 -0.64 2.02 -33.85
N TRP A 27 0.06 3.06 -33.42
CA TRP A 27 0.88 3.85 -34.33
C TRP A 27 2.25 3.18 -34.53
N SER A 28 3.29 3.99 -34.72
CA SER A 28 4.63 3.46 -34.91
C SER A 28 5.38 3.40 -33.59
N GLU A 29 6.43 2.59 -33.54
CA GLU A 29 7.23 2.45 -32.33
C GLU A 29 8.09 3.68 -32.08
N LYS A 30 8.74 4.15 -33.14
CA LYS A 30 9.60 5.31 -33.05
C LYS A 30 8.87 6.50 -32.45
N ASP A 31 7.66 6.75 -32.92
CA ASP A 31 6.86 7.87 -32.41
C ASP A 31 6.63 7.70 -30.92
N LEU A 32 6.35 6.47 -30.51
CA LEU A 32 6.10 6.15 -29.11
C LEU A 32 7.28 6.60 -28.27
N ARG A 33 8.49 6.39 -28.79
CA ARG A 33 9.68 6.79 -28.08
C ARG A 33 9.64 8.28 -27.77
N GLU A 34 9.28 9.06 -28.80
CA GLU A 34 9.21 10.52 -28.66
C GLU A 34 8.12 10.91 -27.69
N LEU A 35 7.06 10.11 -27.63
CA LEU A 35 5.94 10.39 -26.74
C LEU A 35 6.41 10.24 -25.30
N PHE A 36 7.33 9.31 -25.09
CA PHE A 36 7.88 9.06 -23.76
C PHE A 36 8.82 10.19 -23.34
N GLU A 37 9.38 10.88 -24.32
CA GLU A 37 10.32 11.98 -24.06
C GLU A 37 9.68 13.07 -23.21
N GLN A 38 8.36 13.18 -23.25
CA GLN A 38 7.64 14.19 -22.50
C GLN A 38 7.89 14.04 -20.99
N TYR A 39 8.59 12.98 -20.59
CA TYR A 39 8.86 12.74 -19.18
C TYR A 39 10.37 12.71 -18.91
N GLY A 40 11.16 12.62 -19.97
CA GLY A 40 12.60 12.59 -19.81
C GLY A 40 13.31 11.99 -21.01
N ALA A 41 14.58 11.61 -20.81
CA ALA A 41 15.36 11.01 -21.89
C ALA A 41 15.21 9.50 -21.92
N VAL A 42 14.57 8.99 -22.98
CA VAL A 42 14.35 7.56 -23.13
C VAL A 42 15.65 6.85 -23.48
N TYR A 43 15.65 5.52 -23.39
CA TYR A 43 16.83 4.74 -23.70
C TYR A 43 16.46 3.40 -24.35
N GLU A 44 15.69 2.60 -23.63
CA GLU A 44 15.28 1.29 -24.13
C GLU A 44 13.77 1.09 -23.98
N ILE A 45 13.11 0.77 -25.09
CA ILE A 45 11.67 0.55 -25.07
C ILE A 45 11.32 -0.79 -25.70
N ASN A 46 10.42 -1.52 -25.06
CA ASN A 46 10.01 -2.83 -25.55
C ASN A 46 8.48 -2.97 -25.52
N VAL A 47 7.94 -3.63 -26.54
CA VAL A 47 6.52 -3.86 -26.63
C VAL A 47 6.23 -5.36 -26.56
N LEU A 48 5.22 -5.74 -25.81
CA LEU A 48 4.87 -7.14 -25.68
C LEU A 48 4.10 -7.60 -26.90
N ARG A 49 3.61 -8.82 -26.84
CA ARG A 49 2.89 -9.42 -27.96
C ARG A 49 3.81 -9.53 -29.17
N ASP A 50 3.80 -8.51 -30.02
CA ASP A 50 4.66 -8.46 -31.22
C ASP A 50 4.06 -7.58 -32.31
N ARG A 51 2.75 -7.42 -32.25
CA ARG A 51 2.01 -6.62 -33.23
C ARG A 51 1.86 -7.36 -34.56
N SER A 52 2.98 -7.81 -35.11
CA SER A 52 2.98 -8.53 -36.39
C SER A 52 2.85 -10.03 -36.15
N GLN A 53 2.39 -10.39 -34.95
CA GLN A 53 2.21 -11.79 -34.58
C GLN A 53 0.90 -12.33 -35.14
N ASN A 54 0.43 -13.44 -34.58
CA ASN A 54 -0.82 -14.04 -35.03
C ASN A 54 -1.94 -13.04 -34.84
N PRO A 55 -3.14 -13.28 -35.43
CA PRO A 55 -4.25 -12.36 -35.37
C PRO A 55 -3.99 -11.17 -34.46
N PRO A 56 -3.09 -10.26 -34.94
CA PRO A 56 -2.65 -9.07 -34.25
C PRO A 56 -3.48 -8.76 -33.02
N GLN A 57 -2.93 -9.15 -31.90
CA GLN A 57 -3.56 -8.99 -30.61
C GLN A 57 -3.12 -7.70 -29.94
N SER A 58 -1.83 -7.62 -29.61
CA SER A 58 -1.27 -6.44 -28.96
C SER A 58 -2.03 -6.11 -27.68
N LYS A 59 -1.51 -6.57 -26.54
CA LYS A 59 -2.14 -6.32 -25.25
C LYS A 59 -2.23 -4.83 -24.95
N GLY A 60 -1.41 -4.03 -25.65
CA GLY A 60 -1.42 -2.60 -25.42
C GLY A 60 -0.61 -2.19 -24.21
N CYS A 61 0.43 -2.95 -23.90
CA CYS A 61 1.29 -2.67 -22.76
C CYS A 61 2.75 -2.63 -23.19
N CYS A 62 3.47 -1.61 -22.73
CA CYS A 62 4.89 -1.47 -23.06
C CYS A 62 5.67 -0.86 -21.90
N PHE A 63 6.93 -1.22 -21.77
CA PHE A 63 7.77 -0.70 -20.70
C PHE A 63 9.00 0.02 -21.26
N VAL A 64 9.34 1.13 -20.63
CA VAL A 64 10.46 1.97 -21.07
C VAL A 64 11.48 2.19 -19.96
N THR A 65 12.73 2.35 -20.36
CA THR A 65 13.82 2.59 -19.43
C THR A 65 14.52 3.90 -19.81
N PHE A 66 14.76 4.75 -18.81
CA PHE A 66 15.38 6.05 -19.05
C PHE A 66 16.89 6.03 -18.81
N TYR A 67 17.51 7.16 -19.07
CA TYR A 67 18.95 7.32 -18.89
C TYR A 67 19.24 8.39 -17.84
N THR A 68 18.24 9.20 -17.56
CA THR A 68 18.35 10.27 -16.56
C THR A 68 17.34 10.06 -15.44
N ARG A 69 17.76 9.31 -14.42
CA ARG A 69 16.89 9.02 -13.28
C ARG A 69 16.35 10.29 -12.66
N LYS A 70 17.16 11.35 -12.66
CA LYS A 70 16.74 12.62 -12.09
C LYS A 70 15.50 13.12 -12.79
N ALA A 71 15.47 12.95 -14.11
CA ALA A 71 14.34 13.37 -14.92
C ALA A 71 13.09 12.59 -14.54
N ALA A 72 13.28 11.32 -14.22
CA ALA A 72 12.17 10.44 -13.86
C ALA A 72 11.40 11.00 -12.66
N LEU A 73 12.09 11.73 -11.81
CA LEU A 73 11.45 12.31 -10.63
C LEU A 73 10.23 13.13 -11.01
N GLU A 74 10.38 13.96 -12.04
CA GLU A 74 9.30 14.80 -12.51
C GLU A 74 8.15 13.93 -13.03
N ALA A 75 8.49 12.82 -13.67
CA ALA A 75 7.48 11.92 -14.21
C ALA A 75 6.53 11.46 -13.11
N GLN A 76 7.08 11.29 -11.91
CA GLN A 76 6.28 10.85 -10.78
C GLN A 76 5.12 11.81 -10.53
N ASN A 77 5.41 13.09 -10.58
CA ASN A 77 4.39 14.11 -10.35
C ASN A 77 3.34 14.06 -11.45
N ALA A 78 3.77 13.65 -12.64
CA ALA A 78 2.90 13.55 -13.79
C ALA A 78 2.00 12.32 -13.73
N LEU A 79 2.42 11.29 -13.02
CA LEU A 79 1.62 10.07 -12.93
C LEU A 79 1.75 9.36 -11.59
N HIS A 80 2.94 8.85 -11.30
CA HIS A 80 3.17 8.10 -10.06
C HIS A 80 2.37 6.81 -10.07
N ASN A 81 1.96 6.34 -8.90
CA ASN A 81 1.18 5.10 -8.81
C ASN A 81 -0.28 5.30 -9.19
N MET A 82 -0.74 6.54 -9.17
CA MET A 82 -2.13 6.85 -9.50
C MET A 82 -2.22 8.00 -10.50
N LYS A 83 -2.89 7.74 -11.62
CA LYS A 83 -3.06 8.75 -12.67
C LYS A 83 -4.43 8.60 -13.34
N VAL A 84 -5.03 9.73 -13.70
CA VAL A 84 -6.33 9.72 -14.36
C VAL A 84 -6.32 10.55 -15.64
N LEU A 85 -6.66 9.91 -16.76
CA LEU A 85 -6.69 10.58 -18.05
C LEU A 85 -8.13 10.74 -18.57
N PRO A 86 -8.38 11.82 -19.34
CA PRO A 86 -9.69 12.12 -19.92
C PRO A 86 -10.55 10.89 -20.13
N GLY A 87 -10.06 9.95 -20.93
CA GLY A 87 -10.81 8.73 -21.20
C GLY A 87 -11.82 8.91 -22.31
N MET A 88 -11.44 9.67 -23.33
CA MET A 88 -12.31 9.92 -24.47
C MET A 88 -11.84 9.12 -25.68
N HIS A 89 -11.94 7.79 -25.57
CA HIS A 89 -11.51 6.90 -26.64
C HIS A 89 -10.02 7.05 -26.92
N HIS A 90 -9.33 7.76 -26.03
CA HIS A 90 -7.89 7.99 -26.18
C HIS A 90 -7.20 7.99 -24.81
N PRO A 91 -7.45 6.96 -23.96
CA PRO A 91 -6.84 6.89 -22.63
C PRO A 91 -5.55 6.08 -22.60
N ILE A 92 -4.57 6.60 -21.87
CA ILE A 92 -3.30 5.93 -21.70
C ILE A 92 -2.90 5.99 -20.23
N GLN A 93 -2.25 4.94 -19.75
CA GLN A 93 -1.85 4.89 -18.35
C GLN A 93 -0.34 4.71 -18.21
N MET A 94 0.29 5.59 -17.45
CA MET A 94 1.73 5.51 -17.25
C MET A 94 2.07 5.43 -15.77
N LYS A 95 2.80 4.39 -15.42
CA LYS A 95 3.24 4.17 -14.05
C LYS A 95 4.64 3.56 -14.06
N PRO A 96 5.50 3.85 -13.07
CA PRO A 96 6.86 3.32 -13.07
C PRO A 96 7.13 2.21 -12.04
N ALA A 97 7.62 1.09 -12.57
CA ALA A 97 7.97 -0.11 -11.81
C ALA A 97 7.31 -0.21 -10.43
N ASP A 98 8.13 -0.31 -9.39
CA ASP A 98 7.63 -0.41 -8.01
C ASP A 98 7.14 0.92 -7.52
N SER A 99 7.64 1.99 -8.11
CA SER A 99 7.23 3.32 -7.74
C SER A 99 5.72 3.46 -7.80
N GLU A 100 5.09 2.60 -8.59
CA GLU A 100 3.64 2.64 -8.76
C GLU A 100 2.92 1.49 -8.10
N LYS A 101 3.32 1.14 -6.90
CA LYS A 101 2.66 0.04 -6.19
C LYS A 101 1.17 0.30 -6.16
N ASN A 102 0.78 1.57 -6.29
CA ASN A 102 -0.63 1.98 -6.27
C ASN A 102 -1.17 2.03 -4.85
N ASN A 103 -0.56 1.25 -3.96
CA ASN A 103 -1.01 1.21 -2.59
C ASN A 103 0.05 1.75 -1.65
N ALA A 104 0.97 2.55 -2.20
CA ALA A 104 2.02 3.12 -1.40
C ALA A 104 1.39 3.86 -0.24
N VAL A 105 0.35 4.61 -0.59
CA VAL A 105 -0.41 5.37 0.36
C VAL A 105 -1.23 4.44 1.24
N GLU A 106 -1.74 3.39 0.60
CA GLU A 106 -2.53 2.38 1.26
C GLU A 106 -1.70 1.62 2.28
N ASP A 107 -0.37 1.70 2.12
CA ASP A 107 0.53 0.99 3.02
C ASP A 107 0.19 1.35 4.45
N ARG A 108 -0.22 2.60 4.66
CA ARG A 108 -0.64 3.03 5.99
C ARG A 108 -2.01 3.65 5.90
N LYS A 109 -2.98 2.94 6.47
CA LYS A 109 -4.37 3.39 6.43
C LYS A 109 -5.06 3.37 7.78
N LEU A 110 -5.90 4.37 8.00
CA LEU A 110 -6.72 4.46 9.20
C LEU A 110 -8.16 4.65 8.79
N PHE A 111 -9.08 4.04 9.52
CA PHE A 111 -10.49 4.15 9.18
C PHE A 111 -11.31 4.71 10.33
N ILE A 112 -12.02 5.80 10.05
CA ILE A 112 -12.87 6.44 11.05
C ILE A 112 -14.34 6.32 10.63
N GLY A 113 -15.14 5.71 11.49
CA GLY A 113 -16.54 5.49 11.16
C GLY A 113 -17.47 6.64 11.53
N MET A 114 -17.43 7.08 12.78
CA MET A 114 -18.32 8.14 13.23
C MET A 114 -17.59 9.32 13.84
N ILE A 115 -17.56 10.42 13.08
CA ILE A 115 -16.94 11.66 13.55
C ILE A 115 -17.92 12.82 13.52
N SER A 116 -17.64 13.84 14.32
CA SER A 116 -18.50 15.01 14.41
C SER A 116 -18.51 15.78 13.10
N LYS A 117 -19.69 16.30 12.75
CA LYS A 117 -19.88 17.05 11.52
C LYS A 117 -18.99 18.28 11.48
N LYS A 118 -18.46 18.68 12.64
CA LYS A 118 -17.59 19.84 12.71
C LYS A 118 -16.14 19.44 12.48
N CYS A 119 -15.90 18.68 11.42
CA CYS A 119 -14.57 18.21 11.09
C CYS A 119 -14.23 18.47 9.62
N THR A 120 -13.06 19.05 9.39
CA THR A 120 -12.60 19.33 8.04
C THR A 120 -11.43 18.42 7.69
N GLU A 121 -11.25 18.11 6.41
CA GLU A 121 -10.17 17.23 5.99
C GLU A 121 -8.82 17.79 6.41
N ASN A 122 -8.58 19.07 6.14
CA ASN A 122 -7.32 19.69 6.51
C ASN A 122 -7.15 19.71 8.01
N ASP A 123 -8.22 20.10 8.70
CA ASP A 123 -8.21 20.17 10.15
C ASP A 123 -7.87 18.82 10.76
N ILE A 124 -8.28 17.75 10.09
CA ILE A 124 -8.03 16.41 10.59
C ILE A 124 -6.54 16.19 10.75
N ARG A 125 -5.77 16.63 9.77
CA ARG A 125 -4.33 16.48 9.80
C ARG A 125 -3.78 17.07 11.09
N VAL A 126 -4.29 18.24 11.45
CA VAL A 126 -3.83 18.93 12.66
C VAL A 126 -3.96 18.04 13.88
N MET A 127 -5.10 17.37 14.01
CA MET A 127 -5.33 16.48 15.14
C MET A 127 -4.32 15.34 15.12
N PHE A 128 -4.06 14.81 13.94
CA PHE A 128 -3.14 13.69 13.80
C PHE A 128 -1.71 14.16 13.95
N SER A 129 -1.48 15.46 13.72
CA SER A 129 -0.14 16.03 13.84
C SER A 129 0.38 15.86 15.26
N SER A 130 -0.55 15.73 16.22
CA SER A 130 -0.17 15.56 17.61
C SER A 130 0.63 14.27 17.81
N PHE A 131 0.43 13.32 16.89
CA PHE A 131 1.12 12.05 16.96
C PHE A 131 2.44 12.09 16.19
N GLY A 132 2.35 12.36 14.88
CA GLY A 132 3.54 12.42 14.06
C GLY A 132 3.31 13.12 12.72
N GLN A 133 3.90 12.58 11.67
CA GLN A 133 3.77 13.14 10.33
C GLN A 133 2.65 12.46 9.55
N ILE A 134 1.80 13.28 8.93
CA ILE A 134 0.67 12.77 8.14
C ILE A 134 1.01 12.75 6.66
N GLU A 135 0.98 11.58 6.05
CA GLU A 135 1.26 11.45 4.63
C GLU A 135 0.09 12.00 3.82
N GLU A 136 -1.12 11.59 4.20
CA GLU A 136 -2.31 12.06 3.52
C GLU A 136 -3.48 12.22 4.50
N CYS A 137 -4.26 13.27 4.31
CA CYS A 137 -5.41 13.54 5.15
C CYS A 137 -6.67 13.64 4.30
N ARG A 138 -7.68 12.83 4.62
CA ARG A 138 -8.90 12.83 3.86
C ARG A 138 -10.13 12.74 4.76
N ILE A 139 -11.17 13.48 4.39
CA ILE A 139 -12.41 13.48 5.13
C ILE A 139 -13.59 13.30 4.18
N LEU A 140 -14.62 12.65 4.67
CA LEU A 140 -15.81 12.42 3.86
C LEU A 140 -16.99 13.08 4.51
N ARG A 141 -17.61 13.96 3.70
CA ARG A 141 -18.75 14.74 4.09
C ARG A 141 -19.80 14.73 2.96
N GLY A 142 -21.07 14.81 3.33
CA GLY A 142 -22.12 14.78 2.30
C GLY A 142 -22.84 16.11 2.16
N PRO A 143 -23.36 16.41 0.96
CA PRO A 143 -24.07 17.67 0.68
C PRO A 143 -25.40 17.78 1.41
N ASP A 144 -25.70 16.84 2.29
CA ASP A 144 -26.94 16.85 3.05
C ASP A 144 -27.02 18.13 3.88
N GLY A 145 -25.87 18.71 4.19
CA GLY A 145 -25.80 19.92 4.98
C GLY A 145 -24.68 19.88 5.98
N LEU A 146 -24.11 18.70 6.17
CA LEU A 146 -23.01 18.49 7.10
C LEU A 146 -22.18 17.28 6.70
N SER A 147 -21.08 17.05 7.41
CA SER A 147 -20.22 15.91 7.13
C SER A 147 -20.88 14.60 7.56
N ARG A 148 -20.98 13.67 6.61
CA ARG A 148 -21.56 12.36 6.87
C ARG A 148 -21.03 11.79 8.18
N GLY A 149 -19.77 12.13 8.46
CA GLY A 149 -19.14 11.66 9.67
C GLY A 149 -18.17 10.53 9.42
N CYS A 150 -17.48 10.53 8.28
CA CYS A 150 -16.51 9.48 8.00
C CYS A 150 -15.23 10.05 7.43
N ALA A 151 -14.09 9.51 7.83
CA ALA A 151 -12.80 10.02 7.37
C ALA A 151 -11.73 8.95 7.23
N PHE A 152 -10.81 9.15 6.30
CA PHE A 152 -9.70 8.23 6.05
C PHE A 152 -8.37 8.96 6.22
N VAL A 153 -7.36 8.27 6.75
CA VAL A 153 -6.06 8.88 6.98
C VAL A 153 -4.91 7.93 6.64
N THR A 154 -3.80 8.50 6.18
CA THR A 154 -2.61 7.74 5.83
C THR A 154 -1.46 8.22 6.69
N PHE A 155 -0.82 7.28 7.39
CA PHE A 155 0.26 7.66 8.33
C PHE A 155 1.59 6.95 8.07
N THR A 156 2.64 7.76 7.93
CA THR A 156 4.00 7.27 7.65
C THR A 156 4.30 5.93 8.31
N THR A 157 4.45 5.92 9.63
CA THR A 157 4.75 4.69 10.35
C THR A 157 3.50 4.10 10.97
N ARG A 158 3.28 2.81 10.74
CA ARG A 158 2.12 2.11 11.28
C ARG A 158 2.04 2.26 12.79
N ALA A 159 3.18 2.17 13.45
CA ALA A 159 3.22 2.30 14.90
C ALA A 159 2.60 3.62 15.32
N MET A 160 3.01 4.69 14.64
CA MET A 160 2.47 6.01 14.92
C MET A 160 0.97 6.02 14.67
N ALA A 161 0.56 5.30 13.63
CA ALA A 161 -0.84 5.22 13.28
C ALA A 161 -1.63 4.56 14.41
N GLN A 162 -1.01 3.55 15.01
CA GLN A 162 -1.65 2.82 16.10
C GLN A 162 -1.83 3.74 17.30
N THR A 163 -0.92 4.70 17.45
CA THR A 163 -0.99 5.64 18.54
C THR A 163 -2.28 6.44 18.47
N ALA A 164 -2.69 6.78 17.24
CA ALA A 164 -3.91 7.54 17.04
C ALA A 164 -5.10 6.79 17.59
N ILE A 165 -5.08 5.47 17.42
CA ILE A 165 -6.16 4.62 17.88
C ILE A 165 -6.41 4.84 19.37
N LYS A 166 -5.33 4.95 20.13
CA LYS A 166 -5.43 5.18 21.57
C LYS A 166 -6.21 6.45 21.85
N ALA A 167 -5.86 7.49 21.11
CA ALA A 167 -6.47 8.80 21.28
C ALA A 167 -7.87 8.86 20.70
N MET A 168 -8.17 8.00 19.72
CA MET A 168 -9.48 7.99 19.09
C MET A 168 -10.33 6.83 19.58
N HIS A 169 -9.95 5.62 19.17
CA HIS A 169 -10.67 4.41 19.55
C HIS A 169 -10.89 4.34 21.06
N GLN A 170 -10.02 5.01 21.82
CA GLN A 170 -10.13 5.00 23.27
C GLN A 170 -10.23 6.43 23.81
N ALA A 171 -11.34 7.09 23.50
CA ALA A 171 -11.57 8.46 23.95
C ALA A 171 -13.01 8.89 23.70
N GLN A 172 -13.89 7.91 23.50
CA GLN A 172 -15.29 8.19 23.25
C GLN A 172 -16.07 8.32 24.55
N THR A 173 -16.84 9.40 24.66
CA THR A 173 -17.64 9.68 25.84
C THR A 173 -18.66 8.56 26.10
N MET A 174 -19.44 8.22 25.07
CA MET A 174 -20.45 7.17 25.18
C MET A 174 -21.27 7.29 26.47
N GLU A 175 -22.27 8.17 26.44
CA GLU A 175 -23.13 8.37 27.61
C GLU A 175 -24.21 9.40 27.31
N GLY A 176 -23.88 10.39 26.48
CA GLY A 176 -24.84 11.41 26.14
C GLY A 176 -24.20 12.68 25.61
N CYS A 177 -22.87 12.74 25.68
CA CYS A 177 -22.13 13.91 25.20
C CYS A 177 -22.18 13.99 23.68
N SER A 178 -21.15 13.50 23.02
CA SER A 178 -21.08 13.53 21.56
C SER A 178 -21.57 12.21 20.98
N SER A 179 -20.66 11.23 20.95
CA SER A 179 -20.96 9.91 20.40
C SER A 179 -19.73 9.02 20.47
N PRO A 180 -19.92 7.69 20.40
CA PRO A 180 -18.80 6.76 20.41
C PRO A 180 -17.94 7.00 19.18
N MET A 181 -16.63 6.78 19.30
CA MET A 181 -15.73 6.98 18.18
C MET A 181 -14.95 5.70 17.89
N VAL A 182 -14.81 5.36 16.62
CA VAL A 182 -14.10 4.16 16.22
C VAL A 182 -13.07 4.44 15.14
N VAL A 183 -11.82 4.07 15.42
CA VAL A 183 -10.72 4.26 14.47
C VAL A 183 -9.76 3.06 14.52
N LYS A 184 -9.55 2.43 13.37
CA LYS A 184 -8.65 1.27 13.30
C LYS A 184 -7.91 1.18 11.98
N PHE A 185 -6.68 0.70 12.05
CA PHE A 185 -5.83 0.54 10.87
C PHE A 185 -6.53 -0.28 9.79
N ALA A 186 -6.86 0.36 8.67
CA ALA A 186 -7.53 -0.32 7.57
C ALA A 186 -6.60 -1.34 6.92
N ASP A 187 -6.68 -2.58 7.37
CA ASP A 187 -5.85 -3.65 6.84
C ASP A 187 -6.61 -4.45 5.77
N MET A 1 5.04 15.80 -3.94
CA MET A 1 6.52 15.97 -3.89
C MET A 1 7.01 16.92 -4.97
N ASN A 2 8.31 16.91 -5.22
CA ASN A 2 8.91 17.78 -6.24
C ASN A 2 8.28 17.50 -7.61
N GLY A 3 7.64 18.52 -8.17
CA GLY A 3 7.02 18.37 -9.48
C GLY A 3 8.04 18.22 -10.59
N THR A 4 8.27 16.98 -11.02
CA THR A 4 9.23 16.71 -12.09
C THR A 4 8.66 15.75 -13.12
N LEU A 5 7.57 16.19 -13.76
CA LEU A 5 6.93 15.38 -14.80
C LEU A 5 7.86 15.25 -15.99
N ASP A 6 8.88 16.12 -16.01
CA ASP A 6 9.88 16.14 -17.08
C ASP A 6 9.31 16.65 -18.39
N HIS A 7 7.99 16.56 -18.55
CA HIS A 7 7.32 17.02 -19.76
C HIS A 7 5.95 17.57 -19.45
N PRO A 8 5.89 18.68 -18.69
CA PRO A 8 4.63 19.31 -18.34
C PRO A 8 3.93 19.84 -19.58
N ASP A 9 2.63 19.56 -19.68
CA ASP A 9 1.83 20.02 -20.82
C ASP A 9 2.07 19.13 -22.05
N GLN A 10 3.22 18.48 -22.08
CA GLN A 10 3.58 17.61 -23.20
C GLN A 10 3.03 16.20 -22.98
N PRO A 11 2.18 15.71 -23.89
CA PRO A 11 1.59 14.37 -23.79
C PRO A 11 2.65 13.28 -23.79
N ASP A 12 2.38 12.19 -23.10
CA ASP A 12 3.30 11.08 -23.01
C ASP A 12 2.69 9.82 -23.58
N LEU A 13 3.52 9.03 -24.23
CA LEU A 13 3.08 7.77 -24.79
C LEU A 13 2.27 6.97 -23.77
N ASP A 14 2.95 6.35 -22.77
CA ASP A 14 2.25 5.56 -21.73
C ASP A 14 3.15 4.58 -20.97
N ALA A 15 4.48 4.74 -21.01
CA ALA A 15 5.40 3.78 -20.32
C ALA A 15 4.76 3.16 -19.11
N ILE A 16 5.05 1.89 -18.91
CA ILE A 16 4.49 1.16 -17.80
C ILE A 16 4.83 -0.30 -17.91
N LYS A 17 4.55 -1.03 -16.84
CA LYS A 17 4.75 -2.46 -16.79
C LYS A 17 3.41 -3.09 -16.47
N MET A 18 2.95 -3.98 -17.33
CA MET A 18 1.64 -4.59 -17.14
C MET A 18 1.67 -6.10 -17.24
N PHE A 19 0.82 -6.72 -16.43
CA PHE A 19 0.66 -8.16 -16.41
C PHE A 19 -0.82 -8.46 -16.61
N VAL A 20 -1.15 -9.26 -17.64
CA VAL A 20 -2.54 -9.55 -17.93
C VAL A 20 -2.82 -11.05 -17.96
N GLY A 21 -4.03 -11.40 -17.56
CA GLY A 21 -4.46 -12.79 -17.51
C GLY A 21 -5.73 -13.03 -18.29
N GLN A 22 -5.83 -14.21 -18.91
CA GLN A 22 -7.00 -14.62 -19.68
C GLN A 22 -7.36 -13.60 -20.75
N VAL A 23 -6.37 -13.30 -21.60
CA VAL A 23 -6.56 -12.38 -22.69
C VAL A 23 -6.88 -13.16 -23.97
N PRO A 24 -7.88 -12.73 -24.76
CA PRO A 24 -8.26 -13.43 -26.00
C PRO A 24 -7.07 -13.66 -26.92
N ARG A 25 -6.38 -14.77 -26.71
CA ARG A 25 -5.22 -15.13 -27.51
C ARG A 25 -5.63 -15.93 -28.73
N THR A 26 -6.46 -15.34 -29.58
CA THR A 26 -6.93 -16.00 -30.79
C THR A 26 -6.51 -15.24 -32.03
N TRP A 27 -5.70 -14.20 -31.85
CA TRP A 27 -5.23 -13.40 -32.98
C TRP A 27 -3.70 -13.34 -33.01
N SER A 28 -3.16 -12.37 -33.76
CA SER A 28 -1.71 -12.21 -33.87
C SER A 28 -1.17 -11.26 -32.82
N GLU A 29 0.14 -11.06 -32.83
CA GLU A 29 0.79 -10.17 -31.87
C GLU A 29 0.50 -8.70 -32.16
N LYS A 30 0.59 -8.30 -33.42
CA LYS A 30 0.34 -6.92 -33.80
C LYS A 30 -1.04 -6.48 -33.35
N ASP A 31 -2.04 -7.29 -33.63
CA ASP A 31 -3.38 -6.94 -33.25
C ASP A 31 -3.49 -6.83 -31.74
N LEU A 32 -2.74 -7.70 -31.06
CA LEU A 32 -2.74 -7.74 -29.59
C LEU A 32 -2.25 -6.43 -28.97
N ARG A 33 -1.24 -5.81 -29.58
CA ARG A 33 -0.70 -4.58 -29.01
C ARG A 33 -1.72 -3.45 -29.04
N GLU A 34 -2.63 -3.51 -30.02
CA GLU A 34 -3.65 -2.47 -30.15
C GLU A 34 -4.48 -2.37 -28.87
N LEU A 35 -4.74 -3.51 -28.25
CA LEU A 35 -5.52 -3.54 -27.02
C LEU A 35 -4.86 -2.67 -25.97
N PHE A 36 -3.54 -2.80 -25.86
CA PHE A 36 -2.76 -2.04 -24.90
C PHE A 36 -2.58 -0.60 -25.38
N GLU A 37 -2.66 -0.42 -26.70
CA GLU A 37 -2.50 0.89 -27.32
C GLU A 37 -3.61 1.84 -26.87
N GLN A 38 -4.75 1.28 -26.51
CA GLN A 38 -5.91 2.07 -26.08
C GLN A 38 -5.53 3.11 -25.03
N TYR A 39 -4.48 2.83 -24.26
CA TYR A 39 -4.04 3.75 -23.21
C TYR A 39 -2.98 4.71 -23.74
N GLY A 40 -2.10 4.21 -24.60
CA GLY A 40 -1.05 5.04 -25.15
C GLY A 40 -0.18 4.29 -26.15
N ALA A 41 1.12 4.57 -26.15
CA ALA A 41 2.03 3.90 -27.08
C ALA A 41 2.84 2.82 -26.39
N VAL A 42 2.74 1.61 -26.96
CA VAL A 42 3.44 0.44 -26.43
C VAL A 42 4.92 0.48 -26.83
N TYR A 43 5.65 -0.57 -26.48
CA TYR A 43 7.07 -0.65 -26.79
C TYR A 43 7.54 -2.09 -26.92
N GLU A 44 7.48 -2.83 -25.82
CA GLU A 44 7.91 -4.23 -25.82
C GLU A 44 6.81 -5.15 -25.31
N ILE A 45 6.57 -6.23 -26.04
CA ILE A 45 5.54 -7.19 -25.66
C ILE A 45 6.05 -8.62 -25.74
N ASN A 46 5.75 -9.40 -24.72
CA ASN A 46 6.16 -10.79 -24.68
C ASN A 46 5.00 -11.68 -24.24
N VAL A 47 4.69 -12.68 -25.06
CA VAL A 47 3.61 -13.61 -24.76
C VAL A 47 4.17 -14.98 -24.41
N LEU A 48 3.72 -15.54 -23.29
CA LEU A 48 4.20 -16.83 -22.84
C LEU A 48 3.48 -17.96 -23.58
N ARG A 49 2.57 -17.58 -24.44
CA ARG A 49 1.78 -18.53 -25.20
C ARG A 49 2.61 -19.21 -26.28
N ASP A 50 2.86 -20.50 -26.10
CA ASP A 50 3.64 -21.28 -27.04
C ASP A 50 2.87 -22.53 -27.46
N ARG A 51 1.63 -22.33 -27.90
CA ARG A 51 0.77 -23.44 -28.33
C ARG A 51 0.33 -24.28 -27.14
N SER A 52 0.73 -23.85 -25.94
CA SER A 52 0.38 -24.55 -24.71
C SER A 52 0.84 -26.01 -24.75
N GLN A 53 2.16 -26.21 -24.77
CA GLN A 53 2.73 -27.55 -24.80
C GLN A 53 3.18 -27.96 -23.41
N ASN A 54 4.16 -28.85 -23.32
CA ASN A 54 4.68 -29.28 -22.04
C ASN A 54 5.88 -28.43 -21.62
N PRO A 55 6.91 -28.30 -22.50
CA PRO A 55 8.08 -27.46 -22.20
C PRO A 55 7.73 -26.03 -21.79
N PRO A 56 6.69 -25.41 -22.39
CA PRO A 56 6.29 -24.05 -22.08
C PRO A 56 5.15 -23.97 -21.06
N GLN A 57 3.97 -24.46 -21.43
CA GLN A 57 2.81 -24.43 -20.54
C GLN A 57 2.49 -23.00 -20.13
N SER A 58 1.71 -22.31 -20.96
CA SER A 58 1.33 -20.93 -20.69
C SER A 58 -0.05 -20.88 -20.03
N LYS A 59 -0.77 -19.76 -20.22
CA LYS A 59 -2.09 -19.61 -19.61
C LYS A 59 -2.75 -18.27 -19.97
N GLY A 60 -2.63 -17.87 -21.23
CA GLY A 60 -3.22 -16.62 -21.67
C GLY A 60 -2.73 -15.42 -20.88
N CYS A 61 -1.43 -15.37 -20.64
CA CYS A 61 -0.84 -14.26 -19.89
C CYS A 61 0.25 -13.57 -20.70
N CYS A 62 0.26 -12.25 -20.66
CA CYS A 62 1.24 -11.46 -21.41
C CYS A 62 1.61 -10.18 -20.65
N PHE A 63 2.85 -9.72 -20.81
CA PHE A 63 3.29 -8.50 -20.15
C PHE A 63 3.78 -7.49 -21.18
N VAL A 64 3.38 -6.23 -20.98
CA VAL A 64 3.70 -5.17 -21.93
C VAL A 64 4.30 -3.93 -21.27
N THR A 65 5.18 -3.25 -22.00
CA THR A 65 5.78 -2.01 -21.55
C THR A 65 5.51 -0.93 -22.57
N PHE A 66 5.07 0.23 -22.10
CA PHE A 66 4.76 1.33 -23.00
C PHE A 66 5.99 2.24 -23.17
N TYR A 67 5.80 3.56 -23.36
CA TYR A 67 6.98 4.42 -23.58
C TYR A 67 7.19 5.52 -22.52
N THR A 68 6.17 6.35 -22.25
CA THR A 68 6.31 7.39 -21.23
C THR A 68 5.19 7.24 -20.19
N ARG A 69 5.62 6.93 -18.99
CA ARG A 69 4.76 6.61 -17.84
C ARG A 69 3.70 7.66 -17.50
N LYS A 70 3.92 8.91 -17.83
CA LYS A 70 2.92 9.93 -17.48
C LYS A 70 1.54 9.50 -18.01
N ALA A 71 1.52 8.95 -19.21
CA ALA A 71 0.28 8.49 -19.82
C ALA A 71 -0.30 7.29 -19.07
N ALA A 72 0.57 6.46 -18.52
CA ALA A 72 0.17 5.28 -17.78
C ALA A 72 -0.79 5.61 -16.65
N LEU A 73 -0.72 6.84 -16.13
CA LEU A 73 -1.57 7.24 -15.02
C LEU A 73 -3.04 6.98 -15.36
N GLU A 74 -3.44 7.37 -16.58
CA GLU A 74 -4.81 7.17 -17.02
C GLU A 74 -5.19 5.69 -17.00
N ALA A 75 -4.26 4.84 -17.43
CA ALA A 75 -4.53 3.40 -17.49
C ALA A 75 -4.94 2.87 -16.12
N GLN A 76 -4.37 3.45 -15.07
CA GLN A 76 -4.70 3.03 -13.72
C GLN A 76 -6.19 3.21 -13.45
N ASN A 77 -6.72 4.36 -13.84
CA ASN A 77 -8.13 4.65 -13.65
C ASN A 77 -8.98 3.63 -14.39
N ALA A 78 -8.44 3.12 -15.49
CA ALA A 78 -9.13 2.14 -16.31
C ALA A 78 -9.09 0.74 -15.68
N LEU A 79 -7.99 0.42 -15.00
CA LEU A 79 -7.85 -0.89 -14.38
C LEU A 79 -7.14 -0.85 -13.03
N HIS A 80 -5.89 -0.37 -13.03
CA HIS A 80 -5.11 -0.31 -11.79
C HIS A 80 -4.87 -1.72 -11.24
N ASN A 81 -4.12 -1.83 -10.15
CA ASN A 81 -3.84 -3.12 -9.55
C ASN A 81 -5.12 -3.83 -9.12
N MET A 82 -6.21 -3.06 -9.02
CA MET A 82 -7.49 -3.63 -8.63
C MET A 82 -8.55 -3.36 -9.71
N LYS A 83 -9.12 -4.43 -10.22
CA LYS A 83 -10.14 -4.35 -11.26
C LYS A 83 -11.18 -5.44 -11.09
N VAL A 84 -12.42 -5.16 -11.48
CA VAL A 84 -13.49 -6.15 -11.35
C VAL A 84 -14.10 -6.45 -12.71
N LEU A 85 -14.11 -7.73 -13.05
CA LEU A 85 -14.66 -8.20 -14.31
C LEU A 85 -15.94 -9.00 -14.08
N PRO A 86 -16.90 -8.96 -15.03
CA PRO A 86 -18.17 -9.67 -14.94
C PRO A 86 -18.13 -10.89 -14.05
N GLY A 87 -17.39 -11.90 -14.49
CA GLY A 87 -17.27 -13.12 -13.73
C GLY A 87 -18.18 -14.20 -14.29
N MET A 88 -19.26 -13.78 -14.95
CA MET A 88 -20.20 -14.72 -15.54
C MET A 88 -19.52 -15.43 -16.70
N HIS A 89 -19.56 -14.80 -17.87
CA HIS A 89 -18.92 -15.35 -19.05
C HIS A 89 -17.42 -15.10 -18.94
N HIS A 90 -17.07 -14.18 -18.05
CA HIS A 90 -15.69 -13.81 -17.80
C HIS A 90 -15.04 -13.24 -19.05
N PRO A 91 -14.58 -11.97 -19.01
CA PRO A 91 -13.96 -11.31 -20.13
C PRO A 91 -12.43 -11.39 -20.13
N ILE A 92 -11.78 -10.30 -19.70
CA ILE A 92 -10.32 -10.23 -19.65
C ILE A 92 -9.86 -9.51 -18.39
N GLN A 93 -8.67 -9.85 -17.90
CA GLN A 93 -8.15 -9.24 -16.68
C GLN A 93 -6.85 -8.49 -16.94
N MET A 94 -6.82 -7.21 -16.54
CA MET A 94 -5.64 -6.38 -16.74
C MET A 94 -5.19 -5.72 -15.44
N LYS A 95 -3.95 -5.95 -15.07
CA LYS A 95 -3.36 -5.37 -13.87
C LYS A 95 -1.92 -4.96 -14.16
N PRO A 96 -1.41 -3.91 -13.49
CA PRO A 96 -0.06 -3.41 -13.73
C PRO A 96 0.90 -3.78 -12.60
N ALA A 97 2.16 -4.02 -12.99
CA ALA A 97 3.24 -4.40 -12.08
C ALA A 97 2.97 -4.00 -10.64
N ASP A 98 2.81 -4.99 -9.79
CA ASP A 98 2.55 -4.78 -8.36
C ASP A 98 3.67 -3.96 -7.72
N SER A 99 4.85 -3.99 -8.33
CA SER A 99 5.99 -3.24 -7.80
C SER A 99 5.69 -1.75 -7.82
N GLU A 100 4.89 -1.34 -8.80
CA GLU A 100 4.50 0.05 -8.95
C GLU A 100 2.98 0.18 -8.91
N LYS A 101 2.39 -0.39 -7.87
CA LYS A 101 0.94 -0.38 -7.69
C LYS A 101 0.35 1.01 -7.72
N ASN A 102 1.17 2.02 -7.43
CA ASN A 102 0.72 3.41 -7.39
C ASN A 102 -0.09 3.65 -6.12
N ASN A 103 -0.83 2.63 -5.70
CA ASN A 103 -1.63 2.72 -4.48
C ASN A 103 -0.76 2.35 -3.28
N ALA A 104 0.49 2.81 -3.32
CA ALA A 104 1.43 2.54 -2.26
C ALA A 104 0.95 3.17 -0.96
N VAL A 105 0.13 4.19 -1.09
CA VAL A 105 -0.43 4.87 0.06
C VAL A 105 -1.24 3.90 0.92
N GLU A 106 -1.73 2.85 0.25
CA GLU A 106 -2.52 1.80 0.90
C GLU A 106 -1.73 1.16 2.04
N ASP A 107 -0.40 1.31 1.99
CA ASP A 107 0.48 0.74 3.00
C ASP A 107 0.06 1.15 4.40
N ARG A 108 -0.28 2.43 4.58
CA ARG A 108 -0.73 2.88 5.89
C ARG A 108 -2.10 3.52 5.80
N LYS A 109 -3.08 2.83 6.35
CA LYS A 109 -4.45 3.30 6.34
C LYS A 109 -5.12 3.28 7.71
N LEU A 110 -5.93 4.31 7.95
CA LEU A 110 -6.70 4.40 9.19
C LEU A 110 -8.15 4.66 8.82
N PHE A 111 -9.07 4.03 9.54
CA PHE A 111 -10.49 4.19 9.23
C PHE A 111 -11.27 4.70 10.42
N ILE A 112 -11.96 5.81 10.21
CA ILE A 112 -12.78 6.42 11.24
C ILE A 112 -14.23 6.43 10.79
N GLY A 113 -15.11 5.86 11.61
CA GLY A 113 -16.51 5.76 11.24
C GLY A 113 -17.38 6.89 11.75
N MET A 114 -17.28 7.23 13.03
CA MET A 114 -18.11 8.28 13.61
C MET A 114 -17.33 9.51 14.03
N ILE A 115 -17.45 10.58 13.24
CA ILE A 115 -16.79 11.85 13.53
C ILE A 115 -17.76 13.00 13.42
N SER A 116 -17.44 14.12 14.08
CA SER A 116 -18.30 15.29 14.07
C SER A 116 -18.38 15.89 12.68
N LYS A 117 -19.58 16.31 12.30
CA LYS A 117 -19.83 16.89 10.99
C LYS A 117 -19.12 18.23 10.81
N LYS A 118 -18.76 18.86 11.93
CA LYS A 118 -18.08 20.15 11.89
C LYS A 118 -16.57 19.94 11.78
N CYS A 119 -16.16 18.92 11.03
CA CYS A 119 -14.75 18.60 10.84
C CYS A 119 -14.35 18.69 9.37
N THR A 120 -13.20 19.32 9.12
CA THR A 120 -12.69 19.44 7.75
C THR A 120 -11.54 18.46 7.56
N GLU A 121 -11.26 18.11 6.31
CA GLU A 121 -10.20 17.15 6.02
C GLU A 121 -8.85 17.61 6.58
N ASN A 122 -8.48 18.86 6.31
CA ASN A 122 -7.21 19.39 6.80
C ASN A 122 -7.30 19.60 8.30
N ASP A 123 -8.52 19.87 8.78
CA ASP A 123 -8.74 20.05 10.20
C ASP A 123 -8.37 18.78 10.92
N ILE A 124 -8.69 17.65 10.30
CA ILE A 124 -8.36 16.36 10.88
C ILE A 124 -6.87 16.20 10.99
N ARG A 125 -6.16 16.76 10.01
CA ARG A 125 -4.73 16.70 9.99
C ARG A 125 -4.16 17.25 11.28
N VAL A 126 -4.73 18.35 11.74
CA VAL A 126 -4.25 18.99 12.95
C VAL A 126 -4.21 18.00 14.11
N MET A 127 -5.27 17.23 14.27
CA MET A 127 -5.36 16.27 15.34
C MET A 127 -4.30 15.19 15.18
N PHE A 128 -4.13 14.72 13.95
CA PHE A 128 -3.18 13.65 13.68
C PHE A 128 -1.74 14.18 13.74
N SER A 129 -1.58 15.48 13.56
CA SER A 129 -0.26 16.09 13.58
C SER A 129 0.34 16.00 14.98
N SER A 130 -0.53 15.87 15.98
CA SER A 130 -0.09 15.78 17.36
C SER A 130 0.75 14.51 17.57
N PHE A 131 0.54 13.52 16.71
CA PHE A 131 1.25 12.25 16.80
C PHE A 131 2.60 12.30 16.08
N GLY A 132 2.56 12.49 14.76
CA GLY A 132 3.82 12.53 14.01
C GLY A 132 3.65 13.09 12.60
N GLN A 133 4.35 12.47 11.65
CA GLN A 133 4.29 12.90 10.25
C GLN A 133 3.21 12.17 9.49
N ILE A 134 2.38 12.92 8.77
CA ILE A 134 1.29 12.35 7.99
C ILE A 134 1.59 12.35 6.50
N GLU A 135 1.11 11.33 5.82
CA GLU A 135 1.29 11.21 4.38
C GLU A 135 0.11 11.84 3.65
N GLU A 136 -1.10 11.44 4.03
CA GLU A 136 -2.31 11.97 3.42
C GLU A 136 -3.47 12.06 4.41
N CYS A 137 -4.30 13.09 4.25
CA CYS A 137 -5.47 13.29 5.11
C CYS A 137 -6.71 13.37 4.25
N ARG A 138 -7.72 12.57 4.59
CA ARG A 138 -8.95 12.56 3.83
C ARG A 138 -10.19 12.54 4.71
N ILE A 139 -11.19 13.28 4.28
CA ILE A 139 -12.46 13.36 5.00
C ILE A 139 -13.62 13.26 4.03
N LEU A 140 -14.71 12.68 4.50
CA LEU A 140 -15.89 12.54 3.67
C LEU A 140 -17.03 13.27 4.33
N ARG A 141 -17.56 14.21 3.55
CA ARG A 141 -18.65 15.08 3.95
C ARG A 141 -19.68 15.20 2.81
N GLY A 142 -20.95 15.37 3.16
CA GLY A 142 -21.97 15.47 2.13
C GLY A 142 -22.60 16.86 2.06
N PRO A 143 -23.08 17.28 0.87
CA PRO A 143 -23.68 18.60 0.67
C PRO A 143 -25.07 18.73 1.30
N ASP A 144 -25.52 17.67 1.98
CA ASP A 144 -26.82 17.69 2.63
C ASP A 144 -26.89 18.83 3.64
N GLY A 145 -25.73 19.34 4.03
CA GLY A 145 -25.67 20.43 4.99
C GLY A 145 -24.63 20.16 6.05
N LEU A 146 -24.13 18.93 6.07
CA LEU A 146 -23.13 18.51 7.04
C LEU A 146 -22.33 17.33 6.51
N SER A 147 -21.20 17.04 7.15
CA SER A 147 -20.37 15.91 6.75
C SER A 147 -21.02 14.58 7.12
N ARG A 148 -20.97 13.62 6.18
CA ARG A 148 -21.52 12.29 6.43
C ARG A 148 -21.02 11.79 7.78
N GLY A 149 -19.85 12.28 8.16
CA GLY A 149 -19.25 11.89 9.42
C GLY A 149 -18.26 10.76 9.27
N CYS A 150 -17.52 10.73 8.16
CA CYS A 150 -16.54 9.65 7.97
C CYS A 150 -15.23 10.21 7.43
N ALA A 151 -14.11 9.62 7.84
CA ALA A 151 -12.80 10.10 7.39
C ALA A 151 -11.77 9.00 7.24
N PHE A 152 -10.85 9.20 6.28
CA PHE A 152 -9.77 8.26 6.02
C PHE A 152 -8.41 8.96 6.16
N VAL A 153 -7.42 8.24 6.66
CA VAL A 153 -6.08 8.80 6.87
C VAL A 153 -4.96 7.83 6.51
N THR A 154 -3.85 8.38 6.04
CA THR A 154 -2.67 7.60 5.68
C THR A 154 -1.52 8.07 6.55
N PHE A 155 -0.88 7.15 7.24
CA PHE A 155 0.20 7.53 8.18
C PHE A 155 1.54 6.84 7.92
N THR A 156 2.58 7.64 7.78
CA THR A 156 3.94 7.16 7.52
C THR A 156 4.25 5.83 8.21
N THR A 157 4.43 5.85 9.53
CA THR A 157 4.75 4.63 10.26
C THR A 157 3.52 4.04 10.93
N ARG A 158 3.35 2.73 10.79
CA ARG A 158 2.21 2.04 11.36
C ARG A 158 2.15 2.24 12.87
N ALA A 159 3.31 2.19 13.53
CA ALA A 159 3.36 2.38 14.97
C ALA A 159 2.72 3.70 15.36
N MET A 160 3.09 4.76 14.63
CA MET A 160 2.54 6.08 14.88
C MET A 160 1.03 6.05 14.68
N ALA A 161 0.60 5.31 13.67
CA ALA A 161 -0.81 5.18 13.38
C ALA A 161 -1.53 4.52 14.54
N GLN A 162 -0.88 3.53 15.13
CA GLN A 162 -1.44 2.80 16.26
C GLN A 162 -1.63 3.74 17.43
N THR A 163 -0.74 4.73 17.53
CA THR A 163 -0.82 5.71 18.61
C THR A 163 -2.15 6.45 18.54
N ALA A 164 -2.56 6.79 17.32
CA ALA A 164 -3.81 7.50 17.11
C ALA A 164 -4.98 6.69 17.65
N ILE A 165 -4.87 5.38 17.52
CA ILE A 165 -5.91 4.47 17.98
C ILE A 165 -6.17 4.66 19.48
N LYS A 166 -5.09 4.78 20.24
CA LYS A 166 -5.21 4.95 21.69
C LYS A 166 -5.86 6.30 22.01
N ALA A 167 -5.62 7.28 21.14
CA ALA A 167 -6.18 8.61 21.31
C ALA A 167 -7.65 8.68 20.93
N MET A 168 -8.09 7.79 20.03
CA MET A 168 -9.47 7.80 19.56
C MET A 168 -10.23 6.53 19.92
N HIS A 169 -9.75 5.41 19.41
CA HIS A 169 -10.40 4.11 19.65
C HIS A 169 -10.52 3.79 21.14
N GLN A 170 -9.82 4.56 21.98
CA GLN A 170 -9.89 4.34 23.43
C GLN A 170 -10.60 5.49 24.11
N ALA A 171 -10.82 6.57 23.36
CA ALA A 171 -11.50 7.75 23.89
C ALA A 171 -13.02 7.52 23.92
N GLN A 172 -13.49 6.62 23.06
CA GLN A 172 -14.91 6.29 22.99
C GLN A 172 -15.44 5.86 24.35
N THR A 173 -16.75 6.00 24.53
CA THR A 173 -17.41 5.64 25.79
C THR A 173 -16.99 4.24 26.26
N MET A 174 -17.15 3.25 25.38
CA MET A 174 -16.80 1.86 25.69
C MET A 174 -17.24 1.46 27.09
N GLU A 175 -18.46 0.95 27.20
CA GLU A 175 -19.00 0.53 28.49
C GLU A 175 -20.35 -0.16 28.32
N GLY A 176 -21.27 0.52 27.64
CA GLY A 176 -22.59 -0.05 27.40
C GLY A 176 -23.41 0.81 26.46
N CYS A 177 -22.72 1.62 25.66
CA CYS A 177 -23.39 2.51 24.71
C CYS A 177 -22.72 2.43 23.34
N SER A 178 -23.37 3.05 22.35
CA SER A 178 -22.83 3.07 21.00
C SER A 178 -21.78 4.16 20.88
N SER A 179 -20.53 3.76 21.14
CA SER A 179 -19.38 4.67 21.08
C SER A 179 -19.51 5.73 20.00
N PRO A 180 -19.04 6.95 20.29
CA PRO A 180 -19.09 8.08 19.37
C PRO A 180 -17.88 8.15 18.44
N MET A 181 -16.85 7.39 18.74
CA MET A 181 -15.65 7.40 17.91
C MET A 181 -15.01 6.02 17.76
N VAL A 182 -14.59 5.72 16.54
CA VAL A 182 -13.93 4.45 16.24
C VAL A 182 -12.85 4.64 15.18
N VAL A 183 -11.63 4.23 15.50
CA VAL A 183 -10.50 4.35 14.57
C VAL A 183 -9.64 3.09 14.60
N LYS A 184 -9.45 2.47 13.44
CA LYS A 184 -8.66 1.26 13.34
C LYS A 184 -7.90 1.17 12.02
N PHE A 185 -6.71 0.58 12.08
CA PHE A 185 -5.86 0.42 10.90
C PHE A 185 -6.56 -0.45 9.85
N ALA A 186 -6.91 0.17 8.72
CA ALA A 186 -7.59 -0.56 7.65
C ALA A 186 -6.73 -1.71 7.13
N ASP A 187 -7.08 -2.93 7.56
CA ASP A 187 -6.34 -4.12 7.13
C ASP A 187 -4.86 -3.99 7.46
N MET A 1 10.64 -11.62 -20.64
CA MET A 1 12.11 -11.50 -20.43
C MET A 1 12.81 -12.82 -20.73
N ASN A 2 14.09 -12.90 -20.36
CA ASN A 2 14.88 -14.10 -20.59
C ASN A 2 14.26 -15.30 -19.88
N GLY A 3 13.77 -16.25 -20.67
CA GLY A 3 13.16 -17.44 -20.10
C GLY A 3 13.04 -18.57 -21.11
N THR A 4 14.12 -19.33 -21.27
CA THR A 4 14.13 -20.45 -22.21
C THR A 4 13.88 -21.76 -21.49
N LEU A 5 12.72 -21.84 -20.84
CA LEU A 5 12.34 -23.04 -20.12
C LEU A 5 12.03 -24.16 -21.09
N ASP A 6 11.87 -23.78 -22.36
CA ASP A 6 11.57 -24.72 -23.44
C ASP A 6 10.18 -25.34 -23.30
N HIS A 7 9.63 -25.34 -22.08
CA HIS A 7 8.31 -25.90 -21.83
C HIS A 7 7.78 -25.48 -20.46
N PRO A 8 7.17 -24.29 -20.36
CA PRO A 8 6.63 -23.77 -19.10
C PRO A 8 5.28 -24.37 -18.75
N ASP A 9 4.47 -24.62 -19.78
CA ASP A 9 3.14 -25.19 -19.62
C ASP A 9 2.15 -24.13 -19.15
N GLN A 10 2.50 -23.48 -18.05
CA GLN A 10 1.69 -22.42 -17.48
C GLN A 10 0.21 -22.81 -17.42
N PRO A 11 -0.12 -23.87 -16.64
CA PRO A 11 -1.51 -24.33 -16.50
C PRO A 11 -2.28 -23.56 -15.44
N ASP A 12 -2.19 -22.24 -15.49
CA ASP A 12 -2.87 -21.39 -14.51
C ASP A 12 -3.86 -20.46 -15.19
N LEU A 13 -5.09 -20.44 -14.69
CA LEU A 13 -6.15 -19.60 -15.25
C LEU A 13 -5.84 -18.12 -15.03
N ASP A 14 -5.37 -17.78 -13.84
CA ASP A 14 -5.03 -16.40 -13.52
C ASP A 14 -3.77 -16.31 -12.67
N ALA A 15 -3.49 -17.38 -11.93
CA ALA A 15 -2.33 -17.44 -11.06
C ALA A 15 -2.20 -16.20 -10.19
N ILE A 16 -1.02 -16.00 -9.63
CA ILE A 16 -0.77 -14.85 -8.76
C ILE A 16 0.73 -14.72 -8.48
N LYS A 17 1.18 -13.49 -8.25
CA LYS A 17 2.59 -13.24 -7.98
C LYS A 17 2.80 -12.50 -6.66
N MET A 18 3.79 -12.96 -5.90
CA MET A 18 4.12 -12.37 -4.61
C MET A 18 5.60 -12.03 -4.53
N PHE A 19 5.91 -10.94 -3.83
CA PHE A 19 7.29 -10.49 -3.67
C PHE A 19 7.62 -10.32 -2.19
N VAL A 20 8.80 -10.79 -1.78
CA VAL A 20 9.21 -10.67 -0.37
C VAL A 20 10.56 -9.95 -0.27
N GLY A 21 10.73 -9.18 0.79
CA GLY A 21 11.96 -8.42 0.98
C GLY A 21 12.56 -8.55 2.37
N GLN A 22 13.89 -8.65 2.42
CA GLN A 22 14.62 -8.73 3.67
C GLN A 22 14.28 -10.00 4.45
N VAL A 23 14.59 -11.15 3.87
CA VAL A 23 14.32 -12.42 4.53
C VAL A 23 15.61 -13.23 4.70
N PRO A 24 15.81 -13.87 5.87
CA PRO A 24 17.01 -14.67 6.12
C PRO A 24 17.23 -15.74 5.05
N ARG A 25 17.98 -15.39 4.02
CA ARG A 25 18.27 -16.30 2.92
C ARG A 25 19.34 -17.32 3.32
N THR A 26 19.65 -17.36 4.60
CA THR A 26 20.67 -18.28 5.11
C THR A 26 20.22 -19.73 4.95
N TRP A 27 18.91 -19.94 4.94
CA TRP A 27 18.36 -21.28 4.79
C TRP A 27 18.39 -21.73 3.33
N SER A 28 17.79 -22.89 3.05
CA SER A 28 17.76 -23.43 1.70
C SER A 28 16.49 -23.00 0.96
N GLU A 29 16.38 -23.40 -0.30
CA GLU A 29 15.23 -23.04 -1.12
C GLU A 29 14.00 -23.86 -0.74
N LYS A 30 14.19 -25.17 -0.58
CA LYS A 30 13.08 -26.06 -0.25
C LYS A 30 12.35 -25.62 1.01
N ASP A 31 13.08 -25.33 2.08
CA ASP A 31 12.44 -24.91 3.33
C ASP A 31 11.73 -23.57 3.14
N LEU A 32 12.24 -22.77 2.22
CA LEU A 32 11.68 -21.46 1.94
C LEU A 32 10.23 -21.53 1.50
N ARG A 33 9.90 -22.51 0.64
CA ARG A 33 8.53 -22.62 0.14
C ARG A 33 7.57 -22.97 1.26
N GLU A 34 8.07 -23.66 2.28
CA GLU A 34 7.22 -24.03 3.41
C GLU A 34 6.56 -22.79 3.99
N LEU A 35 7.31 -21.69 4.04
CA LEU A 35 6.81 -20.43 4.57
C LEU A 35 5.58 -19.98 3.78
N PHE A 36 5.67 -20.10 2.46
CA PHE A 36 4.58 -19.71 1.58
C PHE A 36 3.44 -20.72 1.59
N GLU A 37 3.76 -21.97 1.94
CA GLU A 37 2.75 -23.02 1.97
C GLU A 37 1.68 -22.73 3.01
N GLN A 38 2.04 -21.95 4.04
CA GLN A 38 1.11 -21.60 5.10
C GLN A 38 0.02 -20.66 4.58
N TYR A 39 0.11 -20.29 3.31
CA TYR A 39 -0.86 -19.39 2.71
C TYR A 39 -1.74 -20.13 1.70
N GLY A 40 -1.25 -21.26 1.20
CA GLY A 40 -2.02 -22.04 0.24
C GLY A 40 -1.14 -22.98 -0.58
N ALA A 41 -1.55 -23.22 -1.82
CA ALA A 41 -0.81 -24.12 -2.71
C ALA A 41 0.14 -23.34 -3.62
N VAL A 42 1.44 -23.50 -3.39
CA VAL A 42 2.45 -22.81 -4.19
C VAL A 42 2.72 -23.58 -5.48
N TYR A 43 3.48 -22.97 -6.39
CA TYR A 43 3.79 -23.61 -7.66
C TYR A 43 5.24 -23.37 -8.09
N GLU A 44 5.57 -22.11 -8.34
CA GLU A 44 6.92 -21.75 -8.77
C GLU A 44 7.53 -20.68 -7.88
N ILE A 45 8.74 -20.93 -7.39
CA ILE A 45 9.44 -19.99 -6.53
C ILE A 45 10.89 -19.83 -6.99
N ASN A 46 11.33 -18.57 -7.04
CA ASN A 46 12.70 -18.27 -7.45
C ASN A 46 13.36 -17.27 -6.50
N VAL A 47 14.63 -17.52 -6.20
CA VAL A 47 15.39 -16.63 -5.31
C VAL A 47 16.61 -16.09 -6.04
N LEU A 48 16.81 -14.77 -5.93
CA LEU A 48 17.94 -14.12 -6.59
C LEU A 48 19.21 -14.25 -5.76
N ARG A 49 19.32 -15.34 -5.01
CA ARG A 49 20.49 -15.58 -4.19
C ARG A 49 21.29 -16.78 -4.70
N ASP A 50 22.56 -16.54 -4.99
CA ASP A 50 23.45 -17.59 -5.49
C ASP A 50 24.88 -17.32 -5.09
N ARG A 51 25.28 -16.07 -5.23
CA ARG A 51 26.64 -15.64 -4.88
C ARG A 51 27.69 -16.49 -5.58
N SER A 52 27.46 -16.79 -6.87
CA SER A 52 28.40 -17.59 -7.64
C SER A 52 28.22 -17.35 -9.13
N GLN A 53 27.61 -16.21 -9.46
CA GLN A 53 27.37 -15.85 -10.85
C GLN A 53 28.37 -14.78 -11.29
N ASN A 54 28.00 -13.99 -12.31
CA ASN A 54 28.88 -12.94 -12.82
C ASN A 54 28.77 -11.67 -12.00
N PRO A 55 27.54 -11.19 -11.73
CA PRO A 55 27.33 -10.00 -10.92
C PRO A 55 26.87 -10.34 -9.50
N PRO A 56 27.77 -10.90 -8.66
CA PRO A 56 27.47 -11.30 -7.29
C PRO A 56 26.23 -10.65 -6.72
N GLN A 57 25.13 -11.35 -6.89
CA GLN A 57 23.82 -10.91 -6.44
C GLN A 57 23.51 -11.40 -5.03
N SER A 58 23.06 -10.49 -4.17
CA SER A 58 22.75 -10.84 -2.79
C SER A 58 22.04 -9.69 -2.07
N LYS A 59 20.73 -9.83 -1.88
CA LYS A 59 19.95 -8.80 -1.19
C LYS A 59 19.02 -9.43 -0.17
N GLY A 60 18.13 -10.29 -0.65
CA GLY A 60 17.20 -10.96 0.24
C GLY A 60 15.76 -10.86 -0.22
N CYS A 61 15.56 -10.94 -1.54
CA CYS A 61 14.23 -10.85 -2.12
C CYS A 61 13.94 -12.04 -3.03
N CYS A 62 12.68 -12.49 -3.02
CA CYS A 62 12.25 -13.64 -3.82
C CYS A 62 10.80 -13.45 -4.29
N PHE A 63 10.47 -14.03 -5.43
CA PHE A 63 9.12 -13.92 -5.96
C PHE A 63 8.48 -15.29 -6.09
N VAL A 64 7.20 -15.37 -5.73
CA VAL A 64 6.47 -16.62 -5.72
C VAL A 64 5.20 -16.58 -6.56
N THR A 65 4.87 -17.71 -7.15
CA THR A 65 3.66 -17.84 -7.97
C THR A 65 2.80 -18.96 -7.43
N PHE A 66 1.50 -18.70 -7.26
CA PHE A 66 0.59 -19.71 -6.72
C PHE A 66 -0.23 -20.37 -7.81
N TYR A 67 -1.07 -21.32 -7.39
CA TYR A 67 -1.93 -22.06 -8.31
C TYR A 67 -3.40 -21.91 -7.92
N THR A 68 -3.64 -21.48 -6.68
CA THR A 68 -4.99 -21.29 -6.18
C THR A 68 -5.19 -19.84 -5.75
N ARG A 69 -5.66 -19.02 -6.68
CA ARG A 69 -5.88 -17.60 -6.42
C ARG A 69 -6.79 -17.42 -5.21
N LYS A 70 -7.76 -18.31 -5.06
CA LYS A 70 -8.69 -18.24 -3.93
C LYS A 70 -7.90 -18.29 -2.62
N ALA A 71 -6.91 -19.16 -2.58
CA ALA A 71 -6.07 -19.30 -1.40
C ALA A 71 -5.27 -18.03 -1.15
N ALA A 72 -4.87 -17.39 -2.25
CA ALA A 72 -4.09 -16.15 -2.16
C ALA A 72 -4.85 -15.08 -1.40
N LEU A 73 -6.18 -15.15 -1.46
CA LEU A 73 -7.02 -14.18 -0.78
C LEU A 73 -6.67 -14.12 0.71
N GLU A 74 -6.51 -15.28 1.31
CA GLU A 74 -6.17 -15.36 2.73
C GLU A 74 -4.83 -14.69 3.01
N ALA A 75 -3.89 -14.86 2.08
CA ALA A 75 -2.57 -14.28 2.22
C ALA A 75 -2.67 -12.77 2.39
N GLN A 76 -3.62 -12.17 1.70
CA GLN A 76 -3.81 -10.72 1.77
C GLN A 76 -4.00 -10.28 3.22
N ASN A 77 -4.85 -11.02 3.94
CA ASN A 77 -5.13 -10.70 5.33
C ASN A 77 -3.87 -10.84 6.19
N ALA A 78 -2.99 -11.75 5.80
CA ALA A 78 -1.76 -12.00 6.53
C ALA A 78 -0.70 -10.92 6.30
N LEU A 79 -0.76 -10.23 5.16
CA LEU A 79 0.22 -9.19 4.85
C LEU A 79 -0.43 -7.85 4.54
N HIS A 80 -1.35 -7.87 3.57
CA HIS A 80 -2.04 -6.66 3.11
C HIS A 80 -1.13 -6.00 2.10
N ASN A 81 -0.51 -4.88 2.45
CA ASN A 81 0.43 -4.31 1.52
C ASN A 81 1.72 -5.09 1.67
N MET A 82 2.17 -5.23 2.92
CA MET A 82 3.33 -6.05 3.22
C MET A 82 3.35 -6.46 4.70
N LYS A 83 3.12 -7.73 5.00
CA LYS A 83 3.26 -8.16 6.40
C LYS A 83 3.47 -9.66 6.57
N VAL A 84 4.62 -9.99 7.14
CA VAL A 84 4.93 -11.36 7.52
C VAL A 84 5.94 -11.29 8.63
N LEU A 85 5.63 -11.79 9.80
CA LEU A 85 6.59 -11.70 10.86
C LEU A 85 7.11 -13.06 11.30
N PRO A 86 8.43 -13.16 11.50
CA PRO A 86 9.08 -14.40 11.90
C PRO A 86 9.19 -14.56 13.40
N GLY A 87 9.50 -13.46 14.07
CA GLY A 87 9.62 -13.47 15.51
C GLY A 87 11.08 -13.52 15.98
N MET A 88 11.96 -14.04 15.13
CA MET A 88 13.37 -14.14 15.47
C MET A 88 14.03 -12.77 15.50
N HIS A 89 15.36 -12.74 15.55
CA HIS A 89 16.10 -11.48 15.59
C HIS A 89 16.16 -10.83 14.21
N HIS A 90 15.87 -11.62 13.17
CA HIS A 90 15.90 -11.10 11.81
C HIS A 90 14.48 -10.98 11.25
N PRO A 91 13.97 -9.74 11.08
CA PRO A 91 12.62 -9.52 10.55
C PRO A 91 12.54 -9.74 9.05
N ILE A 92 11.39 -10.21 8.59
CA ILE A 92 11.14 -10.47 7.18
C ILE A 92 9.86 -9.78 6.72
N GLN A 93 9.82 -9.39 5.45
CA GLN A 93 8.64 -8.69 4.92
C GLN A 93 8.03 -9.44 3.72
N MET A 94 6.70 -9.56 3.69
CA MET A 94 6.01 -10.24 2.59
C MET A 94 4.93 -9.36 2.00
N LYS A 95 4.99 -9.15 0.69
CA LYS A 95 4.01 -8.32 -0.01
C LYS A 95 3.67 -8.91 -1.37
N PRO A 96 2.45 -8.71 -1.88
CA PRO A 96 2.04 -9.26 -3.16
C PRO A 96 1.94 -8.20 -4.26
N ALA A 97 2.68 -8.46 -5.34
CA ALA A 97 2.73 -7.57 -6.51
C ALA A 97 2.97 -6.12 -6.13
N ASP A 98 3.83 -5.89 -5.16
CA ASP A 98 4.16 -4.54 -4.75
C ASP A 98 4.75 -3.78 -5.92
N SER A 99 5.28 -4.54 -6.86
CA SER A 99 5.90 -3.98 -8.04
C SER A 99 4.95 -3.08 -8.81
N GLU A 100 3.65 -3.33 -8.67
CA GLU A 100 2.65 -2.55 -9.37
C GLU A 100 1.36 -2.40 -8.57
N LYS A 101 1.48 -1.96 -7.32
CA LYS A 101 0.33 -1.78 -6.46
C LYS A 101 -0.48 -0.54 -6.87
N ASN A 102 0.23 0.55 -7.14
CA ASN A 102 -0.41 1.81 -7.53
C ASN A 102 -1.05 2.47 -6.31
N ASN A 103 -1.60 1.65 -5.42
CA ASN A 103 -2.23 2.13 -4.20
C ASN A 103 -1.27 1.97 -3.04
N ALA A 104 -0.06 2.50 -3.23
CA ALA A 104 0.99 2.42 -2.24
C ALA A 104 0.57 3.09 -0.94
N VAL A 105 -0.37 4.02 -1.06
CA VAL A 105 -0.88 4.74 0.09
C VAL A 105 -1.50 3.76 1.10
N GLU A 106 -1.95 2.62 0.59
CA GLU A 106 -2.56 1.58 1.41
C GLU A 106 -1.59 1.10 2.49
N ASP A 107 -0.29 1.34 2.26
CA ASP A 107 0.74 0.90 3.20
C ASP A 107 0.40 1.37 4.60
N ARG A 108 -0.06 2.60 4.72
CA ARG A 108 -0.45 3.13 6.02
C ARG A 108 -1.87 3.69 5.95
N LYS A 109 -2.79 2.97 6.59
CA LYS A 109 -4.20 3.36 6.58
C LYS A 109 -4.85 3.40 7.96
N LEU A 110 -5.70 4.39 8.14
CA LEU A 110 -6.50 4.53 9.36
C LEU A 110 -7.95 4.78 8.96
N PHE A 111 -8.88 4.23 9.72
CA PHE A 111 -10.30 4.41 9.41
C PHE A 111 -11.05 4.99 10.60
N ILE A 112 -11.70 6.13 10.37
CA ILE A 112 -12.48 6.80 11.40
C ILE A 112 -13.92 6.93 10.95
N GLY A 113 -14.84 6.32 11.70
CA GLY A 113 -16.24 6.39 11.31
C GLY A 113 -16.97 7.62 11.87
N MET A 114 -17.74 7.37 12.91
CA MET A 114 -18.55 8.37 13.58
C MET A 114 -17.78 9.64 13.99
N ILE A 115 -17.80 10.66 13.15
CA ILE A 115 -17.13 11.91 13.48
C ILE A 115 -18.08 13.09 13.39
N SER A 116 -17.73 14.17 14.08
CA SER A 116 -18.55 15.36 14.12
C SER A 116 -18.63 16.02 12.75
N LYS A 117 -19.82 16.51 12.42
CA LYS A 117 -20.07 17.17 11.14
C LYS A 117 -19.21 18.41 10.97
N LYS A 118 -18.78 18.99 12.09
CA LYS A 118 -17.95 20.18 12.05
C LYS A 118 -16.47 19.80 11.91
N CYS A 119 -16.19 18.92 10.96
CA CYS A 119 -14.83 18.46 10.72
C CYS A 119 -14.44 18.62 9.25
N THR A 120 -13.26 19.18 9.02
CA THR A 120 -12.75 19.38 7.67
C THR A 120 -11.59 18.42 7.43
N GLU A 121 -11.34 18.08 6.18
CA GLU A 121 -10.25 17.16 5.85
C GLU A 121 -8.91 17.69 6.32
N ASN A 122 -8.61 18.95 6.02
CA ASN A 122 -7.35 19.55 6.42
C ASN A 122 -7.22 19.57 7.94
N ASP A 123 -8.29 20.00 8.59
CA ASP A 123 -8.32 20.08 10.05
C ASP A 123 -8.00 18.72 10.67
N ILE A 124 -8.46 17.64 10.05
CA ILE A 124 -8.22 16.31 10.58
C ILE A 124 -6.73 16.06 10.74
N ARG A 125 -5.96 16.46 9.74
CA ARG A 125 -4.52 16.27 9.77
C ARG A 125 -3.95 16.87 11.03
N VAL A 126 -4.40 18.09 11.36
CA VAL A 126 -3.91 18.80 12.53
C VAL A 126 -4.08 17.96 13.79
N MET A 127 -5.24 17.33 13.93
CA MET A 127 -5.51 16.50 15.10
C MET A 127 -4.52 15.35 15.17
N PHE A 128 -4.27 14.72 14.02
CA PHE A 128 -3.36 13.59 13.96
C PHE A 128 -1.93 14.05 14.10
N SER A 129 -1.68 15.33 13.77
CA SER A 129 -0.35 15.89 13.86
C SER A 129 0.14 15.89 15.30
N SER A 130 -0.80 15.87 16.24
CA SER A 130 -0.46 15.86 17.66
C SER A 130 0.39 14.63 17.99
N PHE A 131 0.25 13.60 17.17
CA PHE A 131 0.99 12.36 17.37
C PHE A 131 2.29 12.36 16.58
N GLY A 132 2.18 12.31 15.26
CA GLY A 132 3.36 12.29 14.41
C GLY A 132 3.17 13.04 13.12
N GLN A 133 3.71 12.48 12.04
CA GLN A 133 3.60 13.09 10.72
C GLN A 133 2.52 12.41 9.88
N ILE A 134 1.68 13.22 9.25
CA ILE A 134 0.60 12.70 8.42
C ILE A 134 0.97 12.76 6.95
N GLU A 135 0.81 11.63 6.27
CA GLU A 135 1.13 11.54 4.85
C GLU A 135 -0.04 12.03 3.99
N GLU A 136 -1.25 11.62 4.37
CA GLU A 136 -2.44 12.01 3.64
C GLU A 136 -3.63 12.19 4.58
N CYS A 137 -4.42 13.23 4.33
CA CYS A 137 -5.61 13.50 5.14
C CYS A 137 -6.83 13.58 4.25
N ARG A 138 -7.86 12.80 4.58
CA ARG A 138 -9.08 12.78 3.79
C ARG A 138 -10.32 12.76 4.67
N ILE A 139 -11.35 13.46 4.22
CA ILE A 139 -12.62 13.52 4.94
C ILE A 139 -13.77 13.35 3.96
N LEU A 140 -14.84 12.73 4.44
CA LEU A 140 -16.00 12.52 3.61
C LEU A 140 -17.19 13.22 4.22
N ARG A 141 -17.76 14.10 3.40
CA ARG A 141 -18.91 14.92 3.77
C ARG A 141 -19.93 14.96 2.63
N GLY A 142 -21.20 15.08 2.96
CA GLY A 142 -22.23 15.11 1.93
C GLY A 142 -22.93 16.46 1.85
N PRO A 143 -23.42 16.86 0.66
CA PRO A 143 -24.10 18.14 0.47
C PRO A 143 -25.50 18.18 1.06
N ASP A 144 -25.82 17.21 1.92
CA ASP A 144 -27.13 17.16 2.55
C ASP A 144 -27.31 18.34 3.50
N GLY A 145 -26.20 18.92 3.93
CA GLY A 145 -26.22 20.05 4.83
C GLY A 145 -25.06 20.02 5.79
N LEU A 146 -24.43 18.86 5.89
CA LEU A 146 -23.28 18.67 6.77
C LEU A 146 -22.46 17.47 6.33
N SER A 147 -21.37 17.20 7.03
CA SER A 147 -20.52 16.06 6.70
C SER A 147 -21.17 14.75 7.11
N ARG A 148 -21.22 13.80 6.17
CA ARG A 148 -21.78 12.48 6.43
C ARG A 148 -21.28 11.96 7.75
N GLY A 149 -20.05 12.36 8.09
CA GLY A 149 -19.45 11.94 9.33
C GLY A 149 -18.47 10.80 9.18
N CYS A 150 -17.70 10.77 8.08
CA CYS A 150 -16.72 9.69 7.89
C CYS A 150 -15.42 10.25 7.33
N ALA A 151 -14.29 9.69 7.76
CA ALA A 151 -12.98 10.18 7.32
C ALA A 151 -11.94 9.08 7.20
N PHE A 152 -11.00 9.28 6.25
CA PHE A 152 -9.91 8.35 6.02
C PHE A 152 -8.57 9.06 6.18
N VAL A 153 -7.56 8.36 6.70
CA VAL A 153 -6.25 8.95 6.94
C VAL A 153 -5.11 7.98 6.64
N THR A 154 -3.97 8.53 6.21
CA THR A 154 -2.78 7.75 5.90
C THR A 154 -1.66 8.24 6.81
N PHE A 155 -1.00 7.32 7.50
CA PHE A 155 0.03 7.72 8.48
C PHE A 155 1.41 7.09 8.25
N THR A 156 2.41 7.97 8.17
CA THR A 156 3.80 7.58 7.94
C THR A 156 4.15 6.18 8.46
N THR A 157 4.37 6.06 9.78
CA THR A 157 4.73 4.77 10.35
C THR A 157 3.51 4.08 10.95
N ARG A 158 3.39 2.79 10.69
CA ARG A 158 2.28 2.00 11.19
C ARG A 158 2.20 2.07 12.71
N ALA A 159 3.34 1.93 13.38
CA ALA A 159 3.38 1.99 14.83
C ALA A 159 2.78 3.29 15.34
N MET A 160 3.20 4.40 14.73
CA MET A 160 2.70 5.71 15.12
C MET A 160 1.21 5.80 14.84
N ALA A 161 0.78 5.11 13.78
CA ALA A 161 -0.62 5.10 13.41
C ALA A 161 -1.43 4.43 14.52
N GLN A 162 -0.85 3.37 15.07
CA GLN A 162 -1.52 2.62 16.14
C GLN A 162 -1.69 3.52 17.35
N THR A 163 -0.78 4.47 17.52
CA THR A 163 -0.85 5.39 18.63
C THR A 163 -2.15 6.18 18.58
N ALA A 164 -2.53 6.62 17.38
CA ALA A 164 -3.75 7.38 17.19
C ALA A 164 -4.95 6.59 17.69
N ILE A 165 -4.89 5.27 17.52
CA ILE A 165 -5.95 4.40 17.94
C ILE A 165 -6.21 4.55 19.44
N LYS A 166 -5.13 4.57 20.21
CA LYS A 166 -5.25 4.72 21.65
C LYS A 166 -5.80 6.10 21.99
N ALA A 167 -5.49 7.05 21.13
CA ALA A 167 -5.94 8.43 21.31
C ALA A 167 -7.41 8.61 20.96
N MET A 168 -7.93 7.76 20.07
CA MET A 168 -9.32 7.86 19.63
C MET A 168 -10.11 6.61 19.98
N HIS A 169 -9.76 5.49 19.35
CA HIS A 169 -10.44 4.22 19.58
C HIS A 169 -10.57 3.93 21.07
N GLN A 170 -9.61 4.39 21.85
CA GLN A 170 -9.61 4.18 23.30
C GLN A 170 -9.73 5.52 24.02
N ALA A 171 -10.67 6.35 23.56
CA ALA A 171 -10.88 7.66 24.15
C ALA A 171 -12.36 8.03 24.19
N GLN A 172 -13.19 7.16 23.63
CA GLN A 172 -14.63 7.39 23.60
C GLN A 172 -15.19 7.52 25.00
N THR A 173 -15.95 8.59 25.22
CA THR A 173 -16.54 8.86 26.53
C THR A 173 -17.99 8.37 26.61
N MET A 174 -18.71 8.46 25.49
CA MET A 174 -20.09 8.02 25.44
C MET A 174 -20.95 8.80 26.43
N GLU A 175 -21.36 10.00 26.04
CA GLU A 175 -22.18 10.85 26.89
C GLU A 175 -22.74 12.03 26.11
N GLY A 176 -21.92 12.59 25.23
CA GLY A 176 -22.34 13.73 24.43
C GLY A 176 -21.18 14.60 23.98
N CYS A 177 -19.98 14.29 24.48
CA CYS A 177 -18.79 15.05 24.13
C CYS A 177 -18.16 14.52 22.85
N SER A 178 -17.48 13.38 22.95
CA SER A 178 -16.83 12.77 21.80
C SER A 178 -17.65 11.62 21.26
N SER A 179 -18.36 10.96 22.16
CA SER A 179 -19.22 9.85 21.80
C SER A 179 -18.40 8.67 21.29
N PRO A 180 -18.96 7.46 21.34
CA PRO A 180 -18.27 6.27 20.84
C PRO A 180 -17.58 6.56 19.53
N MET A 181 -16.26 6.52 19.54
CA MET A 181 -15.47 6.78 18.34
C MET A 181 -14.59 5.58 18.02
N VAL A 182 -14.54 5.20 16.74
CA VAL A 182 -13.76 4.06 16.32
C VAL A 182 -12.74 4.42 15.23
N VAL A 183 -11.47 4.09 15.53
CA VAL A 183 -10.38 4.32 14.60
C VAL A 183 -9.45 3.12 14.61
N LYS A 184 -9.26 2.49 13.45
CA LYS A 184 -8.41 1.31 13.37
C LYS A 184 -7.69 1.20 12.03
N PHE A 185 -6.47 0.66 12.08
CA PHE A 185 -5.67 0.45 10.89
C PHE A 185 -6.40 -0.46 9.90
N ALA A 186 -6.69 0.07 8.72
CA ALA A 186 -7.40 -0.69 7.70
C ALA A 186 -6.76 -2.05 7.46
N ASP A 187 -7.58 -3.10 7.50
CA ASP A 187 -7.11 -4.46 7.28
C ASP A 187 -6.02 -4.82 8.28
N MET A 1 24.30 -5.43 -27.31
CA MET A 1 23.59 -4.80 -26.16
C MET A 1 22.43 -3.93 -26.65
N ASN A 2 21.71 -3.34 -25.69
CA ASN A 2 20.58 -2.48 -26.01
C ASN A 2 20.70 -1.15 -25.29
N GLY A 3 21.12 -0.13 -26.02
CA GLY A 3 21.27 1.20 -25.44
C GLY A 3 22.70 1.71 -25.50
N THR A 4 23.35 1.51 -26.65
CA THR A 4 24.72 1.95 -26.83
C THR A 4 24.81 3.05 -27.87
N LEU A 5 24.11 4.14 -27.62
CA LEU A 5 24.10 5.28 -28.50
C LEU A 5 25.15 6.30 -28.05
N ASP A 6 25.87 5.93 -26.99
CA ASP A 6 26.92 6.75 -26.40
C ASP A 6 26.35 7.86 -25.52
N HIS A 7 25.11 8.23 -25.78
CA HIS A 7 24.44 9.27 -24.99
C HIS A 7 23.01 8.85 -24.63
N PRO A 8 22.87 7.76 -23.86
CA PRO A 8 21.55 7.27 -23.44
C PRO A 8 20.96 8.16 -22.36
N ASP A 9 21.85 8.76 -21.57
CA ASP A 9 21.47 9.67 -20.48
C ASP A 9 20.87 8.92 -19.29
N GLN A 10 20.06 7.90 -19.58
CA GLN A 10 19.43 7.13 -18.51
C GLN A 10 19.39 5.65 -18.87
N PRO A 11 19.47 4.75 -17.87
CA PRO A 11 19.43 3.30 -18.08
C PRO A 11 18.03 2.83 -18.48
N ASP A 12 17.98 1.97 -19.51
CA ASP A 12 16.72 1.44 -20.01
C ASP A 12 15.83 2.55 -20.58
N LEU A 13 15.25 2.28 -21.74
CA LEU A 13 14.37 3.26 -22.38
C LEU A 13 12.98 3.24 -21.75
N ASP A 14 12.94 3.30 -20.43
CA ASP A 14 11.69 3.29 -19.69
C ASP A 14 10.90 2.01 -19.99
N ALA A 15 11.61 0.88 -19.96
CA ALA A 15 10.99 -0.40 -20.22
C ALA A 15 9.97 -0.76 -19.13
N ILE A 16 10.45 -1.46 -18.10
CA ILE A 16 9.58 -1.85 -16.99
C ILE A 16 10.35 -2.64 -15.94
N LYS A 17 9.95 -2.47 -14.68
CA LYS A 17 10.57 -3.16 -13.57
C LYS A 17 9.55 -3.96 -12.79
N MET A 18 9.93 -5.15 -12.36
CA MET A 18 9.02 -6.03 -11.61
C MET A 18 9.66 -6.50 -10.33
N PHE A 19 8.88 -6.42 -9.26
CA PHE A 19 9.33 -6.83 -7.95
C PHE A 19 8.30 -7.77 -7.30
N VAL A 20 8.73 -8.95 -6.87
CA VAL A 20 7.80 -9.90 -6.27
C VAL A 20 8.26 -10.34 -4.88
N GLY A 21 7.27 -10.58 -4.02
CA GLY A 21 7.54 -11.01 -2.67
C GLY A 21 6.67 -12.18 -2.26
N GLN A 22 7.23 -13.10 -1.47
CA GLN A 22 6.48 -14.27 -1.00
C GLN A 22 6.19 -15.24 -2.16
N VAL A 23 7.18 -15.40 -3.02
CA VAL A 23 7.06 -16.31 -4.16
C VAL A 23 7.36 -17.75 -3.71
N PRO A 24 6.59 -18.74 -4.21
CA PRO A 24 6.77 -20.15 -3.87
C PRO A 24 8.18 -20.49 -3.43
N ARG A 25 9.15 -20.23 -4.31
CA ARG A 25 10.55 -20.51 -4.01
C ARG A 25 10.75 -21.95 -3.56
N THR A 26 9.79 -22.81 -3.90
CA THR A 26 9.85 -24.21 -3.54
C THR A 26 10.79 -24.96 -4.47
N TRP A 27 11.04 -24.37 -5.63
CA TRP A 27 11.91 -24.96 -6.63
C TRP A 27 13.15 -24.07 -6.83
N SER A 28 13.79 -24.18 -7.99
CA SER A 28 14.98 -23.38 -8.28
C SER A 28 14.63 -22.18 -9.16
N GLU A 29 15.64 -21.38 -9.47
CA GLU A 29 15.46 -20.19 -10.31
C GLU A 29 14.83 -20.59 -11.64
N LYS A 30 15.27 -21.72 -12.18
CA LYS A 30 14.76 -22.19 -13.47
C LYS A 30 13.24 -22.29 -13.47
N ASP A 31 12.68 -22.89 -12.44
CA ASP A 31 11.23 -23.00 -12.37
C ASP A 31 10.62 -21.60 -12.40
N LEU A 32 11.24 -20.70 -11.65
CA LEU A 32 10.80 -19.32 -11.53
C LEU A 32 10.84 -18.58 -12.85
N ARG A 33 11.84 -18.84 -13.68
CA ARG A 33 11.92 -18.16 -14.95
C ARG A 33 10.70 -18.47 -15.79
N GLU A 34 10.20 -19.68 -15.75
CA GLU A 34 9.05 -20.04 -16.57
C GLU A 34 7.84 -19.12 -16.36
N LEU A 35 7.60 -18.70 -15.12
CA LEU A 35 6.41 -17.89 -14.81
C LEU A 35 6.48 -16.48 -15.38
N PHE A 36 7.68 -15.93 -15.48
CA PHE A 36 7.82 -14.56 -15.98
C PHE A 36 7.19 -14.36 -17.35
N GLU A 37 7.04 -15.45 -18.11
CA GLU A 37 6.49 -15.34 -19.46
C GLU A 37 5.04 -14.89 -19.41
N GLN A 38 4.30 -15.38 -18.42
CA GLN A 38 2.90 -15.04 -18.25
C GLN A 38 2.74 -13.60 -17.78
N TYR A 39 3.82 -12.83 -17.85
CA TYR A 39 3.78 -11.44 -17.40
C TYR A 39 4.45 -10.50 -18.39
N GLY A 40 5.23 -11.04 -19.34
CA GLY A 40 5.88 -10.18 -20.31
C GLY A 40 7.18 -10.74 -20.88
N ALA A 41 8.03 -9.84 -21.35
CA ALA A 41 9.32 -10.21 -21.94
C ALA A 41 10.50 -9.95 -21.01
N VAL A 42 10.85 -10.97 -20.23
CA VAL A 42 11.97 -10.88 -19.28
C VAL A 42 13.26 -10.42 -19.96
N TYR A 43 14.20 -9.95 -19.15
CA TYR A 43 15.50 -9.48 -19.63
C TYR A 43 16.55 -9.63 -18.56
N GLU A 44 16.19 -9.26 -17.32
CA GLU A 44 17.12 -9.37 -16.19
C GLU A 44 16.42 -9.93 -14.96
N ILE A 45 17.00 -10.97 -14.35
CA ILE A 45 16.42 -11.59 -13.17
C ILE A 45 17.46 -11.80 -12.07
N ASN A 46 17.17 -11.27 -10.89
CA ASN A 46 18.07 -11.41 -9.75
C ASN A 46 17.31 -11.75 -8.47
N VAL A 47 17.94 -12.54 -7.59
CA VAL A 47 17.33 -12.92 -6.32
C VAL A 47 18.18 -12.41 -5.15
N LEU A 48 17.52 -11.80 -4.16
CA LEU A 48 18.23 -11.26 -3.01
C LEU A 48 18.02 -12.13 -1.78
N ARG A 49 18.19 -13.43 -1.99
CA ARG A 49 18.07 -14.42 -0.92
C ARG A 49 18.50 -13.87 0.43
N ASP A 50 19.71 -13.33 0.50
CA ASP A 50 20.24 -12.78 1.75
C ASP A 50 20.58 -11.30 1.61
N ARG A 51 21.86 -10.98 1.75
CA ARG A 51 22.37 -9.61 1.65
C ARG A 51 22.09 -8.81 2.92
N SER A 52 20.82 -8.66 3.28
CA SER A 52 20.46 -7.91 4.48
C SER A 52 18.99 -8.12 4.85
N GLN A 53 18.61 -9.36 5.13
CA GLN A 53 17.24 -9.66 5.52
C GLN A 53 17.22 -10.24 6.93
N ASN A 54 16.05 -10.73 7.36
CA ASN A 54 15.91 -11.33 8.68
C ASN A 54 16.90 -12.46 8.82
N PRO A 55 17.15 -12.95 10.07
CA PRO A 55 18.12 -14.00 10.34
C PRO A 55 18.68 -14.60 9.06
N PRO A 56 19.53 -13.81 8.37
CA PRO A 56 20.17 -14.14 7.12
C PRO A 56 19.97 -15.59 6.71
N GLN A 57 19.12 -15.74 5.71
CA GLN A 57 18.75 -17.05 5.20
C GLN A 57 18.52 -17.01 3.69
N SER A 58 17.26 -16.94 3.26
CA SER A 58 16.92 -16.91 1.84
C SER A 58 15.48 -16.43 1.65
N LYS A 59 15.30 -15.11 1.65
CA LYS A 59 13.97 -14.53 1.48
C LYS A 59 13.42 -14.82 0.09
N GLY A 60 12.14 -15.13 0.03
CA GLY A 60 11.49 -15.42 -1.23
C GLY A 60 11.12 -14.17 -1.99
N CYS A 61 12.12 -13.39 -2.37
CA CYS A 61 11.90 -12.15 -3.10
C CYS A 61 12.82 -12.07 -4.32
N CYS A 62 12.22 -11.80 -5.48
CA CYS A 62 12.99 -11.70 -6.72
C CYS A 62 12.40 -10.65 -7.63
N PHE A 63 13.25 -9.96 -8.39
CA PHE A 63 12.78 -8.93 -9.30
C PHE A 63 13.21 -9.21 -10.73
N VAL A 64 12.30 -8.96 -11.66
CA VAL A 64 12.53 -9.18 -13.08
C VAL A 64 12.28 -7.90 -13.87
N THR A 65 13.05 -7.70 -14.94
CA THR A 65 12.90 -6.52 -15.77
C THR A 65 12.59 -6.92 -17.20
N PHE A 66 11.59 -6.27 -17.79
CA PHE A 66 11.17 -6.59 -19.15
C PHE A 66 11.64 -5.55 -20.14
N TYR A 67 11.35 -5.79 -21.42
CA TYR A 67 11.73 -4.87 -22.49
C TYR A 67 10.52 -4.58 -23.36
N THR A 68 9.38 -5.14 -22.98
CA THR A 68 8.13 -4.93 -23.70
C THR A 68 7.08 -4.37 -22.76
N ARG A 69 7.11 -3.05 -22.57
CA ARG A 69 6.16 -2.38 -21.68
C ARG A 69 4.72 -2.71 -22.05
N LYS A 70 4.47 -2.87 -23.35
CA LYS A 70 3.12 -3.19 -23.82
C LYS A 70 2.60 -4.44 -23.14
N ALA A 71 3.44 -5.47 -23.07
CA ALA A 71 3.06 -6.72 -22.42
C ALA A 71 2.85 -6.50 -20.93
N ALA A 72 3.64 -5.61 -20.36
CA ALA A 72 3.54 -5.30 -18.93
C ALA A 72 2.14 -4.78 -18.59
N LEU A 73 1.51 -4.13 -19.56
CA LEU A 73 0.17 -3.59 -19.36
C LEU A 73 -0.78 -4.67 -18.88
N GLU A 74 -0.70 -5.84 -19.51
CA GLU A 74 -1.56 -6.97 -19.14
C GLU A 74 -1.28 -7.39 -17.70
N ALA A 75 -0.01 -7.34 -17.31
CA ALA A 75 0.38 -7.73 -15.96
C ALA A 75 -0.35 -6.90 -14.93
N GLN A 76 -0.61 -5.64 -15.26
CA GLN A 76 -1.30 -4.74 -14.36
C GLN A 76 -2.66 -5.34 -13.97
N ASN A 77 -3.38 -5.84 -14.96
CA ASN A 77 -4.68 -6.45 -14.72
C ASN A 77 -4.54 -7.68 -13.83
N ALA A 78 -3.42 -8.36 -13.96
CA ALA A 78 -3.14 -9.55 -13.17
C ALA A 78 -2.74 -9.20 -11.73
N LEU A 79 -2.20 -8.01 -11.53
CA LEU A 79 -1.76 -7.61 -10.20
C LEU A 79 -1.78 -6.09 -10.00
N HIS A 80 -1.04 -5.36 -10.83
CA HIS A 80 -0.97 -3.91 -10.71
C HIS A 80 -0.31 -3.53 -9.38
N ASN A 81 -0.57 -2.32 -8.90
CA ASN A 81 0.01 -1.87 -7.64
C ASN A 81 -0.73 -2.48 -6.46
N MET A 82 -1.96 -2.91 -6.68
CA MET A 82 -2.78 -3.51 -5.62
C MET A 82 -3.27 -4.88 -6.04
N LYS A 83 -3.00 -5.88 -5.20
CA LYS A 83 -3.39 -7.25 -5.49
C LYS A 83 -3.83 -7.99 -4.23
N VAL A 84 -4.71 -8.96 -4.42
CA VAL A 84 -5.22 -9.76 -3.33
C VAL A 84 -4.82 -11.22 -3.55
N LEU A 85 -4.54 -11.91 -2.45
CA LEU A 85 -4.09 -13.30 -2.53
C LEU A 85 -5.15 -14.29 -2.04
N PRO A 86 -5.17 -15.50 -2.65
CA PRO A 86 -6.10 -16.56 -2.30
C PRO A 86 -6.48 -16.56 -0.83
N GLY A 87 -5.51 -16.84 0.02
CA GLY A 87 -5.75 -16.87 1.45
C GLY A 87 -5.97 -18.28 1.95
N MET A 88 -5.76 -19.26 1.07
CA MET A 88 -5.95 -20.66 1.43
C MET A 88 -4.72 -21.21 2.13
N HIS A 89 -3.57 -21.16 1.45
CA HIS A 89 -2.33 -21.67 2.02
C HIS A 89 -1.12 -21.29 1.17
N HIS A 90 -1.36 -20.99 -0.10
CA HIS A 90 -0.28 -20.63 -1.01
C HIS A 90 -0.42 -19.19 -1.52
N PRO A 91 -0.01 -18.21 -0.70
CA PRO A 91 -0.09 -16.79 -1.06
C PRO A 91 1.19 -16.28 -1.72
N ILE A 92 1.02 -15.56 -2.83
CA ILE A 92 2.14 -14.98 -3.55
C ILE A 92 1.85 -13.51 -3.87
N GLN A 93 2.88 -12.67 -3.85
CA GLN A 93 2.68 -11.26 -4.12
C GLN A 93 3.52 -10.78 -5.30
N MET A 94 2.88 -10.06 -6.20
CA MET A 94 3.55 -9.53 -7.39
C MET A 94 3.19 -8.07 -7.62
N LYS A 95 4.21 -7.23 -7.69
CA LYS A 95 4.03 -5.81 -7.91
C LYS A 95 5.13 -5.27 -8.81
N PRO A 96 4.85 -4.25 -9.63
CA PRO A 96 5.84 -3.69 -10.53
C PRO A 96 6.34 -2.32 -10.10
N ALA A 97 7.65 -2.14 -10.19
CA ALA A 97 8.29 -0.88 -9.82
C ALA A 97 8.08 -0.57 -8.34
N ASP A 98 8.80 -1.30 -7.50
CA ASP A 98 8.71 -1.11 -6.05
C ASP A 98 9.08 0.31 -5.66
N SER A 99 9.96 0.90 -6.44
CA SER A 99 10.40 2.27 -6.17
C SER A 99 9.24 3.25 -6.27
N GLU A 100 8.25 2.90 -7.09
CA GLU A 100 7.08 3.73 -7.29
C GLU A 100 5.81 2.87 -7.22
N LYS A 101 5.72 2.08 -6.15
CA LYS A 101 4.57 1.19 -5.95
C LYS A 101 3.24 1.95 -6.02
N ASN A 102 3.28 3.22 -5.63
CA ASN A 102 2.08 4.06 -5.60
C ASN A 102 1.17 3.67 -4.45
N ASN A 103 1.25 2.40 -4.04
CA ASN A 103 0.46 1.88 -2.94
C ASN A 103 1.19 2.12 -1.62
N ALA A 104 2.02 3.15 -1.59
CA ALA A 104 2.79 3.48 -0.41
C ALA A 104 1.85 3.86 0.73
N VAL A 105 0.66 4.32 0.36
CA VAL A 105 -0.34 4.72 1.34
C VAL A 105 -0.86 3.51 2.11
N GLU A 106 -0.92 2.38 1.43
CA GLU A 106 -1.38 1.14 2.03
C GLU A 106 -0.56 0.80 3.28
N ASP A 107 0.67 1.32 3.32
CA ASP A 107 1.57 1.07 4.44
C ASP A 107 0.96 1.56 5.75
N ARG A 108 0.41 2.76 5.74
CA ARG A 108 -0.22 3.30 6.94
C ARG A 108 -1.63 3.77 6.64
N LYS A 109 -2.61 3.06 7.16
CA LYS A 109 -4.00 3.38 6.93
C LYS A 109 -4.83 3.48 8.21
N LEU A 110 -5.75 4.45 8.23
CA LEU A 110 -6.67 4.62 9.35
C LEU A 110 -8.09 4.75 8.83
N PHE A 111 -9.04 4.20 9.58
CA PHE A 111 -10.43 4.24 9.19
C PHE A 111 -11.27 4.90 10.28
N ILE A 112 -11.99 5.94 9.90
CA ILE A 112 -12.84 6.68 10.83
C ILE A 112 -14.31 6.50 10.46
N GLY A 113 -15.14 6.24 11.47
CA GLY A 113 -16.55 6.02 11.23
C GLY A 113 -17.47 7.10 11.78
N MET A 114 -17.22 7.53 13.02
CA MET A 114 -18.06 8.54 13.64
C MET A 114 -17.27 9.78 14.06
N ILE A 115 -17.37 10.83 13.26
CA ILE A 115 -16.70 12.10 13.55
C ILE A 115 -17.69 13.25 13.54
N SER A 116 -17.33 14.35 14.20
CA SER A 116 -18.20 15.51 14.28
C SER A 116 -18.40 16.14 12.90
N LYS A 117 -19.65 16.48 12.62
CA LYS A 117 -20.02 17.08 11.34
C LYS A 117 -19.32 18.41 11.11
N LYS A 118 -18.70 18.94 12.17
CA LYS A 118 -17.98 20.21 12.08
C LYS A 118 -16.48 19.96 11.92
N CYS A 119 -16.15 18.95 11.14
CA CYS A 119 -14.75 18.60 10.89
C CYS A 119 -14.39 18.75 9.43
N THR A 120 -13.18 19.26 9.18
CA THR A 120 -12.70 19.44 7.82
C THR A 120 -11.55 18.47 7.55
N GLU A 121 -11.36 18.11 6.29
CA GLU A 121 -10.31 17.17 5.92
C GLU A 121 -8.92 17.65 6.36
N ASN A 122 -8.60 18.91 6.07
CA ASN A 122 -7.30 19.45 6.44
C ASN A 122 -7.14 19.46 7.95
N ASP A 123 -8.19 19.90 8.63
CA ASP A 123 -8.18 19.97 10.08
C ASP A 123 -7.85 18.61 10.70
N ILE A 124 -8.31 17.55 10.07
CA ILE A 124 -8.08 16.20 10.58
C ILE A 124 -6.60 15.94 10.77
N ARG A 125 -5.80 16.32 9.79
CA ARG A 125 -4.36 16.12 9.86
C ARG A 125 -3.81 16.73 11.14
N VAL A 126 -4.27 17.94 11.45
CA VAL A 126 -3.82 18.65 12.63
C VAL A 126 -4.03 17.80 13.89
N MET A 127 -5.21 17.21 13.99
CA MET A 127 -5.56 16.40 15.15
C MET A 127 -4.63 15.19 15.23
N PHE A 128 -4.37 14.58 14.09
CA PHE A 128 -3.51 13.40 14.03
C PHE A 128 -2.06 13.80 14.19
N SER A 129 -1.78 15.06 13.89
CA SER A 129 -0.42 15.59 14.00
C SER A 129 0.03 15.60 15.46
N SER A 130 -0.94 15.64 16.37
CA SER A 130 -0.64 15.64 17.79
C SER A 130 0.17 14.41 18.16
N PHE A 131 0.03 13.36 17.36
CA PHE A 131 0.74 12.11 17.60
C PHE A 131 2.02 12.05 16.77
N GLY A 132 1.86 12.21 15.46
CA GLY A 132 3.00 12.17 14.56
C GLY A 132 2.74 12.90 13.26
N GLN A 133 3.74 12.95 12.39
CA GLN A 133 3.60 13.63 11.10
C GLN A 133 2.65 12.85 10.20
N ILE A 134 1.70 13.55 9.58
CA ILE A 134 0.74 12.91 8.70
C ILE A 134 1.12 13.11 7.24
N GLU A 135 0.90 12.07 6.42
CA GLU A 135 1.22 12.13 5.00
C GLU A 135 0.02 12.58 4.19
N GLU A 136 -1.10 11.88 4.35
CA GLU A 136 -2.31 12.22 3.65
C GLU A 136 -3.50 12.26 4.59
N CYS A 137 -4.34 13.28 4.43
CA CYS A 137 -5.53 13.44 5.26
C CYS A 137 -6.76 13.55 4.37
N ARG A 138 -7.75 12.72 4.62
CA ARG A 138 -8.97 12.71 3.83
C ARG A 138 -10.20 12.61 4.70
N ILE A 139 -11.25 13.35 4.31
CA ILE A 139 -12.51 13.36 5.02
C ILE A 139 -13.66 13.20 4.06
N LEU A 140 -14.72 12.56 4.52
CA LEU A 140 -15.90 12.36 3.70
C LEU A 140 -17.08 13.04 4.37
N ARG A 141 -17.66 13.94 3.59
CA ARG A 141 -18.80 14.76 4.00
C ARG A 141 -19.86 14.79 2.91
N GLY A 142 -21.12 14.89 3.28
CA GLY A 142 -22.18 14.90 2.29
C GLY A 142 -22.91 16.24 2.20
N PRO A 143 -23.45 16.58 1.01
CA PRO A 143 -24.16 17.85 0.80
C PRO A 143 -25.52 17.90 1.49
N ASP A 144 -25.84 16.85 2.25
CA ASP A 144 -27.11 16.80 2.98
C ASP A 144 -27.25 18.01 3.90
N GLY A 145 -26.12 18.62 4.23
CA GLY A 145 -26.10 19.77 5.10
C GLY A 145 -24.97 19.69 6.10
N LEU A 146 -24.36 18.52 6.18
CA LEU A 146 -23.25 18.29 7.09
C LEU A 146 -22.41 17.08 6.63
N SER A 147 -21.26 16.89 7.27
CA SER A 147 -20.39 15.78 6.93
C SER A 147 -20.99 14.45 7.37
N ARG A 148 -21.05 13.49 6.45
CA ARG A 148 -21.60 12.17 6.76
C ARG A 148 -20.96 11.65 8.05
N GLY A 149 -19.72 12.05 8.28
CA GLY A 149 -19.03 11.65 9.49
C GLY A 149 -18.01 10.55 9.31
N CYS A 150 -17.38 10.47 8.12
CA CYS A 150 -16.37 9.41 7.90
C CYS A 150 -15.08 10.01 7.40
N ALA A 151 -13.94 9.43 7.79
CA ALA A 151 -12.65 9.95 7.37
C ALA A 151 -11.59 8.85 7.18
N PHE A 152 -10.69 9.08 6.23
CA PHE A 152 -9.60 8.15 5.94
C PHE A 152 -8.26 8.90 6.05
N VAL A 153 -7.25 8.25 6.64
CA VAL A 153 -5.95 8.89 6.80
C VAL A 153 -4.79 7.92 6.62
N THR A 154 -3.69 8.41 6.04
CA THR A 154 -2.49 7.60 5.82
C THR A 154 -1.26 8.37 6.28
N PHE A 155 -0.48 7.80 7.19
CA PHE A 155 0.70 8.54 7.61
C PHE A 155 1.93 7.75 8.06
N THR A 156 3.08 8.38 7.76
CA THR A 156 4.43 7.92 8.07
C THR A 156 4.57 6.42 8.22
N THR A 157 3.97 5.89 9.27
CA THR A 157 4.07 4.47 9.54
C THR A 157 2.83 3.92 10.20
N ARG A 158 2.81 2.60 10.38
CA ARG A 158 1.68 1.93 10.99
C ARG A 158 1.67 2.13 12.50
N ALA A 159 2.83 1.93 13.15
CA ALA A 159 2.92 2.07 14.59
C ALA A 159 2.44 3.44 15.02
N MET A 160 2.91 4.47 14.35
CA MET A 160 2.51 5.83 14.69
C MET A 160 1.01 5.97 14.46
N ALA A 161 0.52 5.33 13.40
CA ALA A 161 -0.88 5.34 13.09
C ALA A 161 -1.69 4.70 14.21
N GLN A 162 -1.16 3.60 14.74
CA GLN A 162 -1.83 2.88 15.81
C GLN A 162 -1.90 3.72 17.06
N THR A 163 -0.93 4.61 17.23
CA THR A 163 -0.90 5.49 18.39
C THR A 163 -2.18 6.31 18.45
N ALA A 164 -2.61 6.81 17.30
CA ALA A 164 -3.82 7.62 17.22
C ALA A 164 -5.01 6.85 17.75
N ILE A 165 -5.03 5.56 17.44
CA ILE A 165 -6.12 4.69 17.87
C ILE A 165 -6.31 4.73 19.38
N LYS A 166 -5.20 4.65 20.10
CA LYS A 166 -5.25 4.65 21.56
C LYS A 166 -5.78 5.98 22.08
N ALA A 167 -5.48 7.05 21.36
CA ALA A 167 -5.91 8.39 21.76
C ALA A 167 -7.38 8.65 21.43
N MET A 168 -7.92 7.96 20.42
CA MET A 168 -9.31 8.20 20.01
C MET A 168 -10.20 6.98 20.20
N HIS A 169 -9.81 5.87 19.63
CA HIS A 169 -10.58 4.63 19.72
C HIS A 169 -10.84 4.23 21.17
N GLN A 170 -10.20 4.92 22.11
CA GLN A 170 -10.38 4.64 23.53
C GLN A 170 -11.25 5.71 24.18
N ALA A 171 -11.28 6.90 23.57
CA ALA A 171 -12.08 8.00 24.08
C ALA A 171 -13.57 7.75 23.87
N GLN A 172 -13.87 6.70 23.10
CA GLN A 172 -15.25 6.32 22.82
C GLN A 172 -16.09 6.28 24.09
N THR A 173 -17.40 6.31 23.91
CA THR A 173 -18.33 6.27 25.04
C THR A 173 -18.45 4.86 25.59
N MET A 174 -18.60 3.88 24.69
CA MET A 174 -18.73 2.47 25.07
C MET A 174 -19.97 2.23 25.93
N GLU A 175 -20.61 1.07 25.70
CA GLU A 175 -21.82 0.68 26.43
C GLU A 175 -22.98 1.61 26.10
N GLY A 176 -22.90 2.84 26.57
CA GLY A 176 -23.94 3.80 26.35
C GLY A 176 -24.38 3.90 24.90
N CYS A 177 -23.40 4.01 24.00
CA CYS A 177 -23.69 4.11 22.57
C CYS A 177 -22.64 3.38 21.75
N SER A 178 -22.81 3.38 20.43
CA SER A 178 -21.88 2.71 19.52
C SER A 178 -20.68 3.60 19.23
N SER A 179 -20.10 4.15 20.29
CA SER A 179 -18.93 5.02 20.22
C SER A 179 -19.17 6.25 19.34
N PRO A 180 -18.96 7.44 19.90
CA PRO A 180 -19.10 8.68 19.14
C PRO A 180 -17.93 8.83 18.20
N MET A 181 -16.91 8.02 18.45
CA MET A 181 -15.70 8.03 17.64
C MET A 181 -15.13 6.63 17.48
N VAL A 182 -14.68 6.33 16.27
CA VAL A 182 -14.05 5.04 16.00
C VAL A 182 -12.92 5.20 15.00
N VAL A 183 -11.73 4.76 15.40
CA VAL A 183 -10.56 4.85 14.53
C VAL A 183 -9.70 3.60 14.66
N LYS A 184 -9.47 2.93 13.55
CA LYS A 184 -8.66 1.72 13.55
C LYS A 184 -7.89 1.54 12.25
N PHE A 185 -6.69 0.98 12.38
CA PHE A 185 -5.83 0.72 11.24
C PHE A 185 -6.52 -0.19 10.23
N ALA A 186 -6.50 0.20 8.96
CA ALA A 186 -7.12 -0.59 7.91
C ALA A 186 -6.30 -1.82 7.58
N ASP A 187 -6.98 -2.95 7.39
CA ASP A 187 -6.30 -4.21 7.07
C ASP A 187 -7.06 -4.96 5.98
N MET A 1 28.37 -7.27 2.41
CA MET A 1 29.52 -6.41 2.05
C MET A 1 29.19 -5.57 0.82
N ASN A 2 30.20 -4.87 0.30
CA ASN A 2 30.02 -4.03 -0.87
C ASN A 2 29.56 -4.85 -2.08
N GLY A 3 30.41 -5.76 -2.54
CA GLY A 3 30.06 -6.59 -3.68
C GLY A 3 30.91 -7.84 -3.78
N THR A 4 30.88 -8.66 -2.73
CA THR A 4 31.64 -9.91 -2.69
C THR A 4 31.15 -10.82 -1.58
N LEU A 5 29.87 -11.17 -1.64
CA LEU A 5 29.27 -12.05 -0.66
C LEU A 5 29.70 -13.48 -0.92
N ASP A 6 30.31 -13.70 -2.08
CA ASP A 6 30.79 -15.01 -2.50
C ASP A 6 29.63 -15.97 -2.77
N HIS A 7 28.46 -15.67 -2.21
CA HIS A 7 27.28 -16.50 -2.39
C HIS A 7 26.05 -15.64 -2.68
N PRO A 8 26.04 -14.96 -3.84
CA PRO A 8 24.93 -14.09 -4.23
C PRO A 8 23.73 -14.89 -4.70
N ASP A 9 24.00 -15.96 -5.44
CA ASP A 9 22.99 -16.85 -5.98
C ASP A 9 22.25 -16.20 -7.15
N GLN A 10 21.86 -14.95 -6.97
CA GLN A 10 21.16 -14.20 -8.00
C GLN A 10 19.96 -14.97 -8.53
N PRO A 11 18.89 -15.11 -7.71
CA PRO A 11 17.69 -15.83 -8.13
C PRO A 11 16.92 -15.06 -9.20
N ASP A 12 16.94 -15.58 -10.42
CA ASP A 12 16.26 -14.94 -11.53
C ASP A 12 14.81 -14.64 -11.19
N LEU A 13 14.24 -13.66 -11.89
CA LEU A 13 12.87 -13.25 -11.66
C LEU A 13 11.92 -13.99 -12.60
N ASP A 14 12.45 -14.96 -13.34
CA ASP A 14 11.64 -15.74 -14.26
C ASP A 14 10.48 -16.41 -13.54
N ALA A 15 10.59 -16.47 -12.22
CA ALA A 15 9.55 -17.06 -11.38
C ALA A 15 8.49 -16.04 -11.01
N ILE A 16 8.65 -15.43 -9.83
CA ILE A 16 7.71 -14.43 -9.36
C ILE A 16 8.16 -13.81 -8.04
N LYS A 17 7.79 -12.55 -7.83
CA LYS A 17 8.16 -11.84 -6.61
C LYS A 17 6.93 -11.31 -5.88
N MET A 18 6.89 -11.62 -4.59
CA MET A 18 5.79 -11.22 -3.72
C MET A 18 6.32 -10.51 -2.48
N PHE A 19 5.53 -9.58 -1.99
CA PHE A 19 5.87 -8.79 -0.82
C PHE A 19 4.78 -8.95 0.23
N VAL A 20 5.13 -8.89 1.51
CA VAL A 20 4.15 -9.04 2.57
C VAL A 20 4.21 -7.85 3.51
N GLY A 21 3.04 -7.37 3.97
CA GLY A 21 3.07 -6.21 4.87
C GLY A 21 2.08 -6.21 6.04
N GLN A 22 2.57 -5.76 7.22
CA GLN A 22 1.74 -5.63 8.42
C GLN A 22 1.56 -6.93 9.18
N VAL A 23 2.67 -7.51 9.61
CA VAL A 23 2.65 -8.73 10.39
C VAL A 23 3.39 -8.52 11.71
N PRO A 24 2.81 -8.96 12.84
CA PRO A 24 3.45 -8.81 14.15
C PRO A 24 4.80 -9.50 14.16
N ARG A 25 4.92 -10.51 13.31
CA ARG A 25 6.17 -11.28 13.17
C ARG A 25 6.57 -11.89 14.51
N THR A 26 5.68 -11.81 15.48
CA THR A 26 5.95 -12.34 16.82
C THR A 26 6.15 -13.85 16.79
N TRP A 27 5.57 -14.51 15.79
CA TRP A 27 5.70 -15.95 15.67
C TRP A 27 7.03 -16.32 15.02
N SER A 28 7.14 -17.56 14.53
CA SER A 28 8.36 -18.02 13.89
C SER A 28 8.30 -17.80 12.38
N GLU A 29 9.46 -17.89 11.73
CA GLU A 29 9.55 -17.70 10.29
C GLU A 29 8.82 -18.81 9.55
N LYS A 30 9.06 -20.05 9.99
CA LYS A 30 8.43 -21.21 9.38
C LYS A 30 6.91 -21.07 9.37
N ASP A 31 6.35 -20.62 10.49
CA ASP A 31 4.91 -20.43 10.61
C ASP A 31 4.42 -19.45 9.55
N LEU A 32 5.21 -18.42 9.30
CA LEU A 32 4.86 -17.40 8.32
C LEU A 32 4.81 -18.01 6.92
N ARG A 33 5.67 -18.99 6.67
CA ARG A 33 5.72 -19.65 5.38
C ARG A 33 4.37 -20.27 5.03
N GLU A 34 3.66 -20.73 6.07
CA GLU A 34 2.35 -21.36 5.89
C GLU A 34 1.41 -20.43 5.12
N LEU A 35 1.42 -19.15 5.44
CA LEU A 35 0.56 -18.19 4.78
C LEU A 35 0.75 -18.24 3.27
N PHE A 36 2.02 -18.36 2.86
CA PHE A 36 2.38 -18.41 1.46
C PHE A 36 2.11 -19.77 0.84
N GLU A 37 2.15 -20.82 1.65
CA GLU A 37 1.91 -22.18 1.16
C GLU A 37 0.52 -22.31 0.55
N GLN A 38 -0.40 -21.44 0.98
CA GLN A 38 -1.77 -21.46 0.49
C GLN A 38 -1.84 -21.14 -1.00
N TYR A 39 -0.70 -20.84 -1.60
CA TYR A 39 -0.65 -20.50 -3.02
C TYR A 39 0.14 -21.54 -3.82
N GLY A 40 1.03 -22.26 -3.15
CA GLY A 40 1.82 -23.27 -3.84
C GLY A 40 3.15 -23.55 -3.16
N ALA A 41 4.19 -23.76 -3.97
CA ALA A 41 5.52 -24.04 -3.46
C ALA A 41 6.37 -22.79 -3.34
N VAL A 42 6.74 -22.44 -2.11
CA VAL A 42 7.56 -21.27 -1.85
C VAL A 42 9.03 -21.63 -2.03
N TYR A 43 9.91 -20.63 -2.08
CA TYR A 43 11.33 -20.89 -2.28
C TYR A 43 12.20 -19.99 -1.39
N GLU A 44 12.02 -18.67 -1.52
CA GLU A 44 12.83 -17.74 -0.73
C GLU A 44 11.97 -16.76 0.05
N ILE A 45 12.20 -16.70 1.36
CA ILE A 45 11.47 -15.80 2.23
C ILE A 45 12.43 -15.14 3.20
N ASN A 46 12.37 -13.82 3.28
CA ASN A 46 13.26 -13.09 4.17
C ASN A 46 12.56 -12.01 4.96
N VAL A 47 12.98 -11.86 6.22
CA VAL A 47 12.49 -10.79 7.08
C VAL A 47 13.68 -9.93 7.40
N LEU A 48 13.61 -8.66 7.04
CA LEU A 48 14.76 -7.80 7.26
C LEU A 48 14.47 -6.54 8.04
N ARG A 49 15.56 -6.03 8.59
CA ARG A 49 15.57 -4.81 9.38
C ARG A 49 16.44 -3.77 8.68
N ASP A 50 15.80 -2.73 8.17
CA ASP A 50 16.52 -1.66 7.46
C ASP A 50 16.04 -0.27 7.89
N ARG A 51 16.13 0.03 9.18
CA ARG A 51 15.73 1.32 9.72
C ARG A 51 14.24 1.60 9.50
N SER A 52 13.55 0.69 8.82
CA SER A 52 12.13 0.86 8.55
C SER A 52 11.84 2.19 7.86
N GLN A 53 12.29 2.31 6.61
CA GLN A 53 12.07 3.53 5.84
C GLN A 53 11.13 3.25 4.68
N ASN A 54 11.11 4.12 3.68
CA ASN A 54 10.25 3.92 2.53
C ASN A 54 10.93 3.08 1.45
N PRO A 55 12.13 3.48 1.00
CA PRO A 55 12.88 2.71 -0.01
C PRO A 55 13.06 1.24 0.35
N PRO A 56 13.29 0.90 1.64
CA PRO A 56 13.50 -0.48 2.08
C PRO A 56 12.25 -1.16 2.64
N GLN A 57 11.62 -0.52 3.62
CA GLN A 57 10.42 -1.09 4.26
C GLN A 57 10.80 -2.36 5.02
N SER A 58 10.89 -2.24 6.34
CA SER A 58 11.26 -3.38 7.18
C SER A 58 10.39 -3.45 8.43
N LYS A 59 10.70 -4.42 9.28
CA LYS A 59 9.96 -4.62 10.53
C LYS A 59 8.46 -4.51 10.31
N GLY A 60 7.91 -5.57 9.76
CA GLY A 60 6.50 -5.61 9.49
C GLY A 60 6.25 -6.10 8.09
N CYS A 61 7.29 -6.02 7.27
CA CYS A 61 7.25 -6.46 5.89
C CYS A 61 8.35 -7.47 5.61
N CYS A 62 8.05 -8.43 4.76
CA CYS A 62 8.96 -9.50 4.37
C CYS A 62 8.69 -9.84 2.92
N PHE A 63 9.67 -10.36 2.18
CA PHE A 63 9.43 -10.66 0.77
C PHE A 63 9.61 -12.13 0.48
N VAL A 64 8.76 -12.62 -0.42
CA VAL A 64 8.73 -14.03 -0.80
C VAL A 64 8.91 -14.24 -2.30
N THR A 65 9.55 -15.34 -2.66
CA THR A 65 9.77 -15.70 -4.05
C THR A 65 9.19 -17.09 -4.29
N PHE A 66 8.42 -17.24 -5.37
CA PHE A 66 7.78 -18.53 -5.66
C PHE A 66 8.52 -19.32 -6.73
N TYR A 67 8.12 -20.58 -6.87
CA TYR A 67 8.71 -21.47 -7.86
C TYR A 67 7.72 -21.77 -8.98
N THR A 68 6.44 -21.49 -8.71
CA THR A 68 5.38 -21.72 -9.69
C THR A 68 4.71 -20.40 -10.04
N ARG A 69 5.23 -19.73 -11.06
CA ARG A 69 4.70 -18.44 -11.48
C ARG A 69 3.21 -18.53 -11.77
N LYS A 70 2.79 -19.65 -12.37
CA LYS A 70 1.38 -19.83 -12.72
C LYS A 70 0.48 -19.64 -11.51
N ALA A 71 0.83 -20.27 -10.40
CA ALA A 71 0.06 -20.16 -9.18
C ALA A 71 0.04 -18.72 -8.71
N ALA A 72 1.17 -18.04 -8.87
CA ALA A 72 1.31 -16.66 -8.45
C ALA A 72 0.27 -15.79 -9.15
N LEU A 73 -0.01 -16.09 -10.41
CA LEU A 73 -0.97 -15.32 -11.16
C LEU A 73 -2.30 -15.28 -10.44
N GLU A 74 -2.72 -16.44 -9.96
CA GLU A 74 -3.98 -16.54 -9.23
C GLU A 74 -3.87 -15.79 -7.92
N ALA A 75 -2.68 -15.84 -7.33
CA ALA A 75 -2.44 -15.17 -6.07
C ALA A 75 -2.70 -13.68 -6.19
N GLN A 76 -2.40 -13.12 -7.36
CA GLN A 76 -2.61 -11.70 -7.58
C GLN A 76 -4.06 -11.35 -7.30
N ASN A 77 -4.97 -12.16 -7.82
CA ASN A 77 -6.40 -11.95 -7.63
C ASN A 77 -6.77 -12.22 -6.18
N ALA A 78 -5.99 -13.08 -5.55
CA ALA A 78 -6.21 -13.44 -4.16
C ALA A 78 -5.75 -12.35 -3.19
N LEU A 79 -4.80 -11.52 -3.62
CA LEU A 79 -4.29 -10.47 -2.73
C LEU A 79 -4.21 -9.11 -3.41
N HIS A 80 -3.14 -8.87 -4.15
CA HIS A 80 -2.92 -7.60 -4.84
C HIS A 80 -2.46 -6.55 -3.83
N ASN A 81 -2.58 -5.27 -4.18
CA ASN A 81 -2.14 -4.20 -3.30
C ASN A 81 -2.79 -4.28 -1.92
N MET A 82 -3.95 -4.95 -1.82
CA MET A 82 -4.63 -5.06 -0.53
C MET A 82 -5.29 -6.41 -0.33
N LYS A 83 -4.91 -7.09 0.75
CA LYS A 83 -5.46 -8.38 1.11
C LYS A 83 -5.49 -8.53 2.62
N VAL A 84 -6.49 -9.24 3.14
CA VAL A 84 -6.56 -9.43 4.59
C VAL A 84 -6.74 -10.89 4.97
N LEU A 85 -5.78 -11.40 5.75
CA LEU A 85 -5.81 -12.78 6.25
C LEU A 85 -6.02 -12.75 7.76
N PRO A 86 -6.67 -13.79 8.33
CA PRO A 86 -6.98 -13.90 9.75
C PRO A 86 -6.25 -12.92 10.66
N GLY A 87 -4.91 -12.94 10.65
CA GLY A 87 -4.15 -12.03 11.50
C GLY A 87 -4.09 -12.48 12.94
N MET A 88 -5.10 -13.23 13.39
CA MET A 88 -5.14 -13.71 14.77
C MET A 88 -4.02 -14.72 15.03
N HIS A 89 -4.31 -16.00 14.79
CA HIS A 89 -3.32 -17.05 14.99
C HIS A 89 -2.31 -17.03 13.85
N HIS A 90 -2.71 -16.41 12.74
CA HIS A 90 -1.87 -16.28 11.56
C HIS A 90 -1.91 -14.85 11.05
N PRO A 91 -0.85 -14.05 11.33
CA PRO A 91 -0.75 -12.64 10.92
C PRO A 91 -1.25 -12.34 9.51
N ILE A 92 -1.15 -11.08 9.10
CA ILE A 92 -1.62 -10.69 7.77
C ILE A 92 -0.71 -9.67 7.09
N GLN A 93 -0.12 -10.07 5.97
CA GLN A 93 0.67 -9.17 5.18
C GLN A 93 0.67 -9.52 3.70
N MET A 94 0.09 -8.70 2.80
CA MET A 94 0.16 -9.08 1.39
C MET A 94 0.15 -7.94 0.38
N LYS A 95 1.24 -7.84 -0.37
CA LYS A 95 1.37 -6.90 -1.48
C LYS A 95 2.31 -7.50 -2.52
N PRO A 96 2.02 -7.46 -3.82
CA PRO A 96 2.91 -8.02 -4.82
C PRO A 96 3.63 -6.96 -5.64
N ALA A 97 4.95 -7.13 -5.75
CA ALA A 97 5.80 -6.21 -6.49
C ALA A 97 5.70 -4.79 -5.93
N ASP A 98 6.19 -4.63 -4.70
CA ASP A 98 6.18 -3.34 -4.03
C ASP A 98 7.00 -2.31 -4.78
N SER A 99 7.93 -2.79 -5.58
CA SER A 99 8.80 -1.91 -6.34
C SER A 99 8.01 -1.04 -7.31
N GLU A 100 6.82 -1.50 -7.70
CA GLU A 100 6.00 -0.74 -8.64
C GLU A 100 4.50 -0.85 -8.31
N LYS A 101 4.16 -0.63 -7.05
CA LYS A 101 2.77 -0.70 -6.63
C LYS A 101 1.99 0.53 -7.05
N ASN A 102 2.66 1.70 -6.99
CA ASN A 102 2.04 2.98 -7.33
C ASN A 102 1.11 3.45 -6.22
N ASN A 103 0.46 2.50 -5.57
CA ASN A 103 -0.46 2.78 -4.48
C ASN A 103 0.27 2.63 -3.15
N ALA A 104 1.48 3.17 -3.12
CA ALA A 104 2.34 3.09 -1.93
C ALA A 104 1.66 3.73 -0.73
N VAL A 105 0.74 4.63 -1.01
CA VAL A 105 0.00 5.33 0.05
C VAL A 105 -0.84 4.36 0.88
N GLU A 106 -1.37 3.33 0.23
CA GLU A 106 -2.20 2.33 0.90
C GLU A 106 -1.46 1.62 2.02
N ASP A 107 -0.12 1.66 1.96
CA ASP A 107 0.70 0.98 2.96
C ASP A 107 0.27 1.36 4.37
N ARG A 108 -0.12 2.63 4.57
CA ARG A 108 -0.58 3.03 5.88
C ARG A 108 -1.95 3.67 5.77
N LYS A 109 -2.94 2.95 6.26
CA LYS A 109 -4.32 3.40 6.22
C LYS A 109 -5.01 3.36 7.58
N LEU A 110 -5.85 4.35 7.82
CA LEU A 110 -6.65 4.44 9.03
C LEU A 110 -8.11 4.66 8.64
N PHE A 111 -9.02 4.07 9.39
CA PHE A 111 -10.43 4.20 9.09
C PHE A 111 -11.20 4.78 10.27
N ILE A 112 -11.90 5.87 10.02
CA ILE A 112 -12.69 6.53 11.05
C ILE A 112 -14.18 6.38 10.75
N GLY A 113 -14.89 5.76 11.69
CA GLY A 113 -16.30 5.50 11.54
C GLY A 113 -17.19 6.71 11.71
N MET A 114 -17.35 7.17 12.95
CA MET A 114 -18.22 8.31 13.21
C MET A 114 -17.47 9.50 13.81
N ILE A 115 -17.40 10.56 13.02
CA ILE A 115 -16.75 11.81 13.44
C ILE A 115 -17.77 12.95 13.48
N SER A 116 -17.44 14.00 14.22
CA SER A 116 -18.33 15.15 14.36
C SER A 116 -18.50 15.87 13.04
N LYS A 117 -19.73 16.32 12.79
CA LYS A 117 -20.06 17.03 11.56
C LYS A 117 -19.24 18.29 11.39
N LYS A 118 -18.59 18.74 12.45
CA LYS A 118 -17.79 19.95 12.40
C LYS A 118 -16.31 19.64 12.20
N CYS A 119 -16.03 18.64 11.36
CA CYS A 119 -14.66 18.25 11.09
C CYS A 119 -14.32 18.42 9.60
N THR A 120 -13.21 19.11 9.33
CA THR A 120 -12.77 19.33 7.96
C THR A 120 -11.59 18.40 7.65
N GLU A 121 -11.39 18.09 6.38
CA GLU A 121 -10.30 17.19 6.00
C GLU A 121 -8.93 17.72 6.45
N ASN A 122 -8.66 18.98 6.19
CA ASN A 122 -7.38 19.56 6.58
C ASN A 122 -7.28 19.59 8.09
N ASP A 123 -8.37 19.97 8.74
CA ASP A 123 -8.42 20.05 10.19
C ASP A 123 -8.02 18.72 10.80
N ILE A 124 -8.44 17.62 10.16
CA ILE A 124 -8.14 16.30 10.68
C ILE A 124 -6.63 16.11 10.83
N ARG A 125 -5.89 16.53 9.81
CA ARG A 125 -4.45 16.40 9.82
C ARG A 125 -3.88 17.06 11.08
N VAL A 126 -4.42 18.23 11.41
CA VAL A 126 -3.94 18.96 12.58
C VAL A 126 -4.03 18.10 13.83
N MET A 127 -5.16 17.41 14.00
CA MET A 127 -5.35 16.56 15.15
C MET A 127 -4.35 15.40 15.15
N PHE A 128 -4.12 14.85 13.96
CA PHE A 128 -3.21 13.73 13.82
C PHE A 128 -1.77 14.18 13.97
N SER A 129 -1.51 15.47 13.74
CA SER A 129 -0.17 16.01 13.85
C SER A 129 0.36 15.85 15.26
N SER A 130 -0.56 15.75 16.22
CA SER A 130 -0.18 15.59 17.62
C SER A 130 0.65 14.32 17.82
N PHE A 131 0.48 13.37 16.92
CA PHE A 131 1.20 12.10 17.00
C PHE A 131 2.53 12.18 16.24
N GLY A 132 2.44 12.33 14.93
CA GLY A 132 3.64 12.41 14.11
C GLY A 132 3.41 13.11 12.78
N GLN A 133 3.97 12.53 11.72
CA GLN A 133 3.83 13.10 10.38
C GLN A 133 2.71 12.42 9.60
N ILE A 134 1.84 13.23 9.00
CA ILE A 134 0.72 12.71 8.22
C ILE A 134 1.04 12.73 6.73
N GLU A 135 1.01 11.56 6.10
CA GLU A 135 1.29 11.46 4.67
C GLU A 135 0.13 12.05 3.88
N GLU A 136 -1.07 11.58 4.17
CA GLU A 136 -2.27 12.06 3.49
C GLU A 136 -3.47 12.06 4.43
N CYS A 137 -4.28 13.11 4.36
CA CYS A 137 -5.47 13.22 5.21
C CYS A 137 -6.71 13.41 4.35
N ARG A 138 -7.74 12.63 4.62
CA ARG A 138 -8.97 12.68 3.86
C ARG A 138 -10.20 12.61 4.75
N ILE A 139 -11.24 13.32 4.35
CA ILE A 139 -12.49 13.36 5.08
C ILE A 139 -13.67 13.22 4.12
N LEU A 140 -14.73 12.60 4.60
CA LEU A 140 -15.92 12.43 3.79
C LEU A 140 -17.09 13.12 4.47
N ARG A 141 -17.66 14.05 3.71
CA ARG A 141 -18.77 14.87 4.13
C ARG A 141 -19.83 14.94 3.03
N GLY A 142 -21.09 15.07 3.41
CA GLY A 142 -22.16 15.12 2.43
C GLY A 142 -22.84 16.48 2.36
N PRO A 143 -23.39 16.85 1.19
CA PRO A 143 -24.06 18.14 0.99
C PRO A 143 -25.44 18.21 1.64
N ASP A 144 -25.73 17.26 2.51
CA ASP A 144 -27.02 17.25 3.19
C ASP A 144 -27.14 18.44 4.13
N GLY A 145 -25.98 19.00 4.48
CA GLY A 145 -25.94 20.15 5.37
C GLY A 145 -24.76 20.06 6.31
N LEU A 146 -24.19 18.87 6.42
CA LEU A 146 -23.05 18.63 7.29
C LEU A 146 -22.28 17.37 6.84
N SER A 147 -21.12 17.15 7.42
CA SER A 147 -20.31 15.99 7.09
C SER A 147 -21.01 14.69 7.48
N ARG A 148 -21.09 13.76 6.54
CA ARG A 148 -21.72 12.48 6.78
C ARG A 148 -21.16 11.86 8.06
N GLY A 149 -19.88 12.10 8.32
CA GLY A 149 -19.26 11.60 9.52
C GLY A 149 -18.23 10.49 9.33
N CYS A 150 -17.45 10.52 8.24
CA CYS A 150 -16.43 9.48 8.06
C CYS A 150 -15.14 10.08 7.50
N ALA A 151 -14.01 9.50 7.89
CA ALA A 151 -12.71 10.02 7.44
C ALA A 151 -11.67 8.94 7.25
N PHE A 152 -10.76 9.18 6.30
CA PHE A 152 -9.67 8.27 6.00
C PHE A 152 -8.32 8.98 6.18
N VAL A 153 -7.31 8.27 6.65
CA VAL A 153 -6.00 8.86 6.89
C VAL A 153 -4.86 7.90 6.55
N THR A 154 -3.73 8.48 6.11
CA THR A 154 -2.54 7.71 5.76
C THR A 154 -1.41 8.18 6.66
N PHE A 155 -0.78 7.24 7.37
CA PHE A 155 0.28 7.62 8.33
C PHE A 155 1.62 6.91 8.10
N THR A 156 2.67 7.72 7.97
CA THR A 156 4.03 7.24 7.73
C THR A 156 4.33 5.89 8.39
N THR A 157 4.37 5.86 9.71
CA THR A 157 4.68 4.62 10.42
C THR A 157 3.44 4.03 11.07
N ARG A 158 3.26 2.72 10.88
CA ARG A 158 2.12 2.00 11.43
C ARG A 158 2.04 2.18 12.94
N ALA A 159 3.19 2.08 13.61
CA ALA A 159 3.23 2.24 15.06
C ALA A 159 2.60 3.57 15.46
N MET A 160 3.01 4.63 14.77
CA MET A 160 2.47 5.95 15.05
C MET A 160 0.96 5.96 14.81
N ALA A 161 0.55 5.23 13.78
CA ALA A 161 -0.87 5.14 13.45
C ALA A 161 -1.62 4.50 14.60
N GLN A 162 -1.01 3.48 15.20
CA GLN A 162 -1.63 2.77 16.31
C GLN A 162 -1.87 3.72 17.46
N THR A 163 -0.96 4.68 17.63
CA THR A 163 -1.07 5.65 18.69
C THR A 163 -2.37 6.44 18.53
N ALA A 164 -2.68 6.81 17.29
CA ALA A 164 -3.88 7.56 16.99
C ALA A 164 -5.11 6.80 17.47
N ILE A 165 -5.06 5.48 17.34
CA ILE A 165 -6.18 4.63 17.75
C ILE A 165 -6.50 4.84 19.22
N LYS A 166 -5.47 4.87 20.05
CA LYS A 166 -5.66 5.04 21.48
C LYS A 166 -6.19 6.44 21.78
N ALA A 167 -5.84 7.38 20.92
CA ALA A 167 -6.26 8.77 21.08
C ALA A 167 -7.71 8.98 20.69
N MET A 168 -8.22 8.14 19.80
CA MET A 168 -9.60 8.27 19.33
C MET A 168 -10.42 7.02 19.62
N HIS A 169 -10.09 5.92 18.95
CA HIS A 169 -10.81 4.67 19.13
C HIS A 169 -11.05 4.37 20.61
N GLN A 170 -9.96 4.22 21.37
CA GLN A 170 -10.05 3.94 22.79
C GLN A 170 -10.07 5.24 23.59
N ALA A 171 -10.91 6.18 23.16
CA ALA A 171 -11.02 7.47 23.83
C ALA A 171 -12.43 8.04 23.72
N GLN A 172 -12.86 8.33 22.50
CA GLN A 172 -14.19 8.89 22.25
C GLN A 172 -14.32 10.26 22.92
N THR A 173 -15.17 11.10 22.34
CA THR A 173 -15.40 12.44 22.86
C THR A 173 -15.54 12.44 24.38
N MET A 174 -16.51 11.69 24.89
CA MET A 174 -16.75 11.59 26.33
C MET A 174 -16.80 12.96 26.98
N GLU A 175 -16.81 12.95 28.32
CA GLU A 175 -16.89 14.17 29.14
C GLU A 175 -18.09 15.03 28.74
N GLY A 176 -18.05 15.63 27.54
CA GLY A 176 -19.17 16.41 27.07
C GLY A 176 -20.11 15.51 26.29
N CYS A 177 -19.59 14.31 26.01
CA CYS A 177 -20.29 13.26 25.27
C CYS A 177 -20.91 13.72 23.97
N SER A 178 -20.93 12.80 23.01
CA SER A 178 -21.50 13.03 21.70
C SER A 178 -21.75 11.70 21.02
N SER A 179 -20.78 10.79 21.14
CA SER A 179 -20.85 9.45 20.55
C SER A 179 -19.49 8.80 20.63
N PRO A 180 -19.43 7.46 20.68
CA PRO A 180 -18.16 6.76 20.71
C PRO A 180 -17.43 7.01 19.40
N MET A 181 -16.11 6.98 19.44
CA MET A 181 -15.32 7.20 18.23
C MET A 181 -14.46 5.99 17.95
N VAL A 182 -14.45 5.58 16.69
CA VAL A 182 -13.72 4.38 16.28
C VAL A 182 -12.72 4.67 15.16
N VAL A 183 -11.47 4.27 15.39
CA VAL A 183 -10.40 4.43 14.42
C VAL A 183 -9.53 3.17 14.40
N LYS A 184 -9.38 2.55 13.23
CA LYS A 184 -8.59 1.33 13.12
C LYS A 184 -7.87 1.21 11.78
N PHE A 185 -6.68 0.63 11.83
CA PHE A 185 -5.86 0.42 10.64
C PHE A 185 -6.62 -0.43 9.61
N ALA A 186 -6.48 -0.09 8.33
CA ALA A 186 -7.15 -0.83 7.28
C ALA A 186 -6.64 -2.27 7.21
N ASP A 187 -7.56 -3.22 7.42
CA ASP A 187 -7.20 -4.64 7.38
C ASP A 187 -7.52 -5.23 6.01
N MET A 1 23.59 -11.91 22.10
CA MET A 1 22.86 -12.44 23.28
C MET A 1 21.38 -12.65 22.95
N ASN A 2 20.57 -12.81 23.99
CA ASN A 2 19.13 -13.02 23.82
C ASN A 2 18.50 -11.87 23.03
N GLY A 3 19.04 -10.67 23.19
CA GLY A 3 18.52 -9.51 22.49
C GLY A 3 18.94 -9.47 21.04
N THR A 4 18.07 -9.96 20.16
CA THR A 4 18.34 -9.97 18.73
C THR A 4 17.15 -10.48 17.96
N LEU A 5 16.66 -9.63 17.04
CA LEU A 5 15.51 -9.94 16.25
C LEU A 5 14.31 -10.14 17.15
N ASP A 6 14.57 -10.01 18.45
CA ASP A 6 13.57 -10.18 19.49
C ASP A 6 13.05 -11.61 19.58
N HIS A 7 12.51 -12.12 18.46
CA HIS A 7 11.95 -13.46 18.41
C HIS A 7 11.89 -13.94 16.96
N PRO A 8 13.06 -14.15 16.34
CA PRO A 8 13.13 -14.58 14.94
C PRO A 8 12.59 -15.99 14.74
N ASP A 9 13.50 -16.97 14.76
CA ASP A 9 13.13 -18.37 14.57
C ASP A 9 12.76 -18.67 13.11
N GLN A 10 12.09 -17.72 12.48
CA GLN A 10 11.66 -17.88 11.08
C GLN A 10 12.85 -17.86 10.12
N PRO A 11 13.74 -16.83 10.21
CA PRO A 11 14.88 -16.67 9.31
C PRO A 11 15.33 -17.94 8.61
N ASP A 12 15.39 -17.85 7.28
CA ASP A 12 15.81 -18.95 6.41
C ASP A 12 14.73 -20.03 6.30
N LEU A 13 13.71 -19.75 5.50
CA LEU A 13 12.62 -20.69 5.29
C LEU A 13 12.52 -21.10 3.81
N ASP A 14 13.57 -20.78 3.05
CA ASP A 14 13.59 -21.10 1.63
C ASP A 14 12.42 -20.45 0.91
N ALA A 15 12.37 -19.12 0.94
CA ALA A 15 11.29 -18.36 0.31
C ALA A 15 11.75 -16.99 -0.17
N ILE A 16 11.03 -16.43 -1.15
CA ILE A 16 11.36 -15.09 -1.65
C ILE A 16 10.47 -14.59 -2.77
N LYS A 17 10.11 -13.31 -2.60
CA LYS A 17 9.30 -12.53 -3.52
C LYS A 17 10.08 -11.26 -3.74
N MET A 18 10.04 -10.67 -4.92
CA MET A 18 10.89 -9.53 -5.08
C MET A 18 10.45 -8.22 -5.69
N PHE A 19 10.55 -7.22 -4.87
CA PHE A 19 10.47 -5.85 -5.28
C PHE A 19 11.42 -5.12 -4.33
N VAL A 20 12.49 -4.50 -4.78
CA VAL A 20 13.35 -3.82 -3.82
C VAL A 20 13.80 -2.46 -4.28
N GLY A 21 13.88 -1.55 -3.32
CA GLY A 21 14.30 -0.20 -3.60
C GLY A 21 15.36 0.26 -2.62
N GLN A 22 16.45 0.81 -3.16
CA GLN A 22 17.56 1.31 -2.35
C GLN A 22 18.46 0.17 -1.89
N VAL A 23 18.94 -0.62 -2.85
CA VAL A 23 19.86 -1.71 -2.55
C VAL A 23 21.30 -1.23 -2.69
N PRO A 24 22.21 -1.64 -1.78
CA PRO A 24 23.61 -1.22 -1.78
C PRO A 24 24.13 -0.87 -3.18
N ARG A 25 24.23 -1.88 -4.05
CA ARG A 25 24.72 -1.69 -5.41
C ARG A 25 26.19 -1.24 -5.44
N THR A 26 26.73 -0.89 -4.28
CA THR A 26 28.12 -0.45 -4.19
C THR A 26 29.06 -1.63 -4.39
N TRP A 27 28.52 -2.83 -4.25
CA TRP A 27 29.30 -4.05 -4.43
C TRP A 27 29.07 -4.62 -5.83
N SER A 28 28.91 -5.94 -5.92
CA SER A 28 28.67 -6.60 -7.19
C SER A 28 27.29 -7.22 -7.19
N GLU A 29 26.77 -7.57 -8.36
CA GLU A 29 25.44 -8.16 -8.45
C GLU A 29 25.36 -9.40 -7.57
N LYS A 30 26.35 -10.26 -7.69
CA LYS A 30 26.40 -11.50 -6.92
C LYS A 30 26.39 -11.20 -5.42
N ASP A 31 27.11 -10.15 -5.04
CA ASP A 31 27.20 -9.76 -3.65
C ASP A 31 25.83 -9.45 -3.05
N LEU A 32 24.99 -8.71 -3.76
CA LEU A 32 23.68 -8.38 -3.20
C LEU A 32 22.81 -9.62 -3.11
N ARG A 33 23.08 -10.59 -3.98
CA ARG A 33 22.30 -11.81 -4.02
C ARG A 33 22.27 -12.51 -2.66
N GLU A 34 23.37 -12.42 -1.92
CA GLU A 34 23.46 -13.08 -0.63
C GLU A 34 22.45 -12.49 0.35
N LEU A 35 22.23 -11.18 0.22
CA LEU A 35 21.30 -10.47 1.10
C LEU A 35 19.89 -11.04 0.97
N PHE A 36 19.52 -11.42 -0.25
CA PHE A 36 18.19 -11.95 -0.52
C PHE A 36 18.03 -13.39 -0.06
N GLU A 37 19.14 -14.12 0.02
CA GLU A 37 19.10 -15.52 0.44
C GLU A 37 18.53 -15.64 1.85
N GLN A 38 18.72 -14.59 2.65
CA GLN A 38 18.25 -14.54 4.03
C GLN A 38 16.82 -15.05 4.17
N TYR A 39 16.06 -14.99 3.08
CA TYR A 39 14.67 -15.43 3.10
C TYR A 39 14.49 -16.78 2.41
N GLY A 40 15.23 -17.01 1.33
CA GLY A 40 15.08 -18.26 0.59
C GLY A 40 16.21 -18.53 -0.38
N ALA A 41 15.91 -19.32 -1.41
CA ALA A 41 16.91 -19.69 -2.41
C ALA A 41 16.74 -18.90 -3.71
N VAL A 42 17.51 -17.83 -3.85
CA VAL A 42 17.44 -16.98 -5.03
C VAL A 42 17.53 -17.81 -6.31
N TYR A 43 16.92 -17.31 -7.38
CA TYR A 43 16.92 -18.01 -8.65
C TYR A 43 17.04 -17.03 -9.81
N GLU A 44 16.20 -15.99 -9.80
CA GLU A 44 16.22 -14.98 -10.85
C GLU A 44 16.39 -13.59 -10.25
N ILE A 45 17.42 -12.86 -10.69
CA ILE A 45 17.67 -11.53 -10.18
C ILE A 45 18.03 -10.55 -11.29
N ASN A 46 17.32 -9.43 -11.33
CA ASN A 46 17.55 -8.40 -12.32
C ASN A 46 17.57 -7.00 -11.67
N VAL A 47 18.40 -6.12 -12.21
CA VAL A 47 18.50 -4.75 -11.71
C VAL A 47 18.23 -3.76 -12.84
N LEU A 48 17.27 -2.86 -12.63
CA LEU A 48 16.91 -1.89 -13.68
C LEU A 48 16.25 -0.62 -13.14
N ARG A 49 16.99 0.49 -13.11
CA ARG A 49 16.44 1.77 -12.65
C ARG A 49 17.17 2.94 -13.26
N ASP A 50 16.53 3.60 -14.20
CA ASP A 50 17.12 4.75 -14.88
C ASP A 50 16.07 5.66 -15.48
N ARG A 51 14.83 5.57 -14.99
CA ARG A 51 13.74 6.40 -15.51
C ARG A 51 13.62 6.29 -17.03
N SER A 52 14.28 5.27 -17.57
CA SER A 52 14.27 5.02 -19.02
C SER A 52 14.59 6.27 -19.83
N GLN A 53 15.66 6.98 -19.45
CA GLN A 53 16.05 8.17 -20.19
C GLN A 53 17.17 7.85 -21.18
N ASN A 54 17.95 8.87 -21.57
CA ASN A 54 19.04 8.67 -22.50
C ASN A 54 20.39 8.61 -21.76
N PRO A 55 20.67 9.59 -20.86
CA PRO A 55 21.91 9.61 -20.10
C PRO A 55 21.79 9.15 -18.63
N PRO A 56 20.77 8.33 -18.25
CA PRO A 56 20.62 7.87 -16.87
C PRO A 56 21.43 6.60 -16.59
N GLN A 57 20.77 5.44 -16.71
CA GLN A 57 21.42 4.14 -16.48
C GLN A 57 22.23 4.14 -15.20
N SER A 58 21.63 3.69 -14.10
CA SER A 58 22.35 3.65 -12.82
C SER A 58 21.70 2.67 -11.84
N LYS A 59 20.53 2.17 -12.21
CA LYS A 59 19.82 1.22 -11.37
C LYS A 59 19.62 1.73 -9.96
N GLY A 60 19.05 0.87 -9.12
CA GLY A 60 18.78 1.21 -7.73
C GLY A 60 17.77 0.25 -7.12
N CYS A 61 16.96 -0.35 -8.00
CA CYS A 61 15.94 -1.31 -7.58
C CYS A 61 16.15 -2.63 -8.32
N CYS A 62 15.95 -3.73 -7.60
CA CYS A 62 16.16 -5.06 -8.17
C CYS A 62 15.18 -6.08 -7.59
N PHE A 63 14.87 -7.11 -8.37
CA PHE A 63 13.96 -8.15 -7.90
C PHE A 63 14.60 -9.54 -7.95
N VAL A 64 14.44 -10.27 -6.85
CA VAL A 64 14.96 -11.63 -6.68
C VAL A 64 13.84 -12.62 -6.36
N THR A 65 13.79 -13.72 -7.10
CA THR A 65 12.73 -14.71 -6.88
C THR A 65 13.31 -16.05 -6.51
N PHE A 66 12.65 -16.67 -5.54
CA PHE A 66 13.04 -17.98 -5.07
C PHE A 66 12.40 -19.02 -5.95
N TYR A 67 13.11 -20.11 -6.15
CA TYR A 67 12.66 -21.21 -6.98
C TYR A 67 11.14 -21.37 -6.92
N THR A 68 10.62 -21.52 -5.71
CA THR A 68 9.18 -21.66 -5.52
C THR A 68 8.65 -20.45 -4.76
N ARG A 69 8.22 -19.47 -5.53
CA ARG A 69 7.71 -18.21 -4.98
C ARG A 69 6.61 -18.46 -3.95
N LYS A 70 5.94 -19.61 -4.03
CA LYS A 70 4.91 -19.93 -3.05
C LYS A 70 5.47 -19.82 -1.64
N ALA A 71 6.76 -20.15 -1.51
CA ALA A 71 7.45 -20.07 -0.23
C ALA A 71 7.48 -18.62 0.24
N ALA A 72 7.58 -17.72 -0.73
CA ALA A 72 7.68 -16.30 -0.48
C ALA A 72 6.55 -15.78 0.40
N LEU A 73 5.40 -16.46 0.39
CA LEU A 73 4.27 -16.04 1.21
C LEU A 73 4.67 -15.93 2.67
N GLU A 74 5.52 -16.84 3.13
CA GLU A 74 5.99 -16.80 4.52
C GLU A 74 6.92 -15.62 4.74
N ALA A 75 7.62 -15.21 3.68
CA ALA A 75 8.51 -14.07 3.75
C ALA A 75 7.75 -12.80 4.06
N GLN A 76 6.48 -12.77 3.69
CA GLN A 76 5.63 -11.62 3.95
C GLN A 76 5.66 -11.29 5.43
N ASN A 77 5.61 -12.33 6.24
CA ASN A 77 5.64 -12.17 7.69
C ASN A 77 6.84 -11.34 8.11
N ALA A 78 7.95 -11.53 7.41
CA ALA A 78 9.18 -10.80 7.69
C ALA A 78 9.12 -9.37 7.15
N LEU A 79 8.53 -9.18 5.98
CA LEU A 79 8.45 -7.86 5.36
C LEU A 79 7.04 -7.51 4.90
N HIS A 80 6.44 -8.37 4.09
CA HIS A 80 5.09 -8.14 3.57
C HIS A 80 5.11 -6.99 2.58
N ASN A 81 3.98 -6.69 1.96
CA ASN A 81 3.90 -5.61 0.99
C ASN A 81 4.32 -4.28 1.61
N MET A 82 4.31 -4.23 2.94
CA MET A 82 4.69 -3.01 3.64
C MET A 82 5.81 -3.24 4.63
N LYS A 83 6.90 -2.51 4.43
CA LYS A 83 8.07 -2.58 5.30
C LYS A 83 8.72 -1.20 5.36
N VAL A 84 9.28 -0.83 6.50
CA VAL A 84 9.90 0.48 6.63
C VAL A 84 11.24 0.45 7.36
N LEU A 85 12.26 0.94 6.68
CA LEU A 85 13.61 1.03 7.22
C LEU A 85 13.97 2.50 7.41
N PRO A 86 14.85 2.82 8.39
CA PRO A 86 15.26 4.18 8.70
C PRO A 86 14.95 5.21 7.62
N GLY A 87 15.41 4.94 6.40
CA GLY A 87 15.14 5.85 5.29
C GLY A 87 16.38 6.56 4.79
N MET A 88 17.46 6.51 5.55
CA MET A 88 18.71 7.16 5.17
C MET A 88 19.28 6.52 3.91
N HIS A 89 20.50 6.92 3.56
CA HIS A 89 21.17 6.38 2.37
C HIS A 89 21.82 5.04 2.67
N HIS A 90 21.67 4.57 3.90
CA HIS A 90 22.24 3.30 4.32
C HIS A 90 21.21 2.16 4.28
N PRO A 91 19.98 2.37 4.81
CA PRO A 91 18.95 1.33 4.83
C PRO A 91 18.63 0.75 3.45
N ILE A 92 17.75 -0.24 3.44
CA ILE A 92 17.33 -0.94 2.23
C ILE A 92 15.86 -1.32 2.35
N GLN A 93 15.16 -1.44 1.22
CA GLN A 93 13.73 -1.77 1.28
C GLN A 93 13.41 -3.07 0.55
N MET A 94 12.65 -3.94 1.22
CA MET A 94 12.24 -5.22 0.66
C MET A 94 10.73 -5.36 0.66
N LYS A 95 10.18 -5.63 -0.52
CA LYS A 95 8.74 -5.78 -0.69
C LYS A 95 8.48 -6.87 -1.71
N PRO A 96 7.32 -7.51 -1.72
CA PRO A 96 7.06 -8.60 -2.63
C PRO A 96 6.31 -8.19 -3.87
N ALA A 97 6.94 -8.48 -5.02
CA ALA A 97 6.40 -8.15 -6.33
C ALA A 97 5.44 -6.96 -6.29
N ASP A 98 5.86 -5.93 -5.58
CA ASP A 98 5.09 -4.69 -5.43
C ASP A 98 4.71 -4.09 -6.78
N SER A 99 5.38 -4.52 -7.82
CA SER A 99 5.14 -3.98 -9.15
C SER A 99 3.65 -3.97 -9.50
N GLU A 100 2.87 -4.82 -8.83
CA GLU A 100 1.45 -4.88 -9.10
C GLU A 100 0.63 -5.02 -7.81
N LYS A 101 1.04 -4.27 -6.79
CA LYS A 101 0.34 -4.32 -5.51
C LYS A 101 -0.97 -3.52 -5.56
N ASN A 102 -0.89 -2.30 -6.09
CA ASN A 102 -2.05 -1.41 -6.19
C ASN A 102 -2.54 -0.95 -4.82
N ASN A 103 -2.25 -1.73 -3.78
CA ASN A 103 -2.67 -1.41 -2.42
C ASN A 103 -1.48 -0.99 -1.58
N ALA A 104 -0.60 -0.18 -2.16
CA ALA A 104 0.58 0.29 -1.48
C ALA A 104 0.21 1.15 -0.28
N VAL A 105 -0.94 1.79 -0.37
CA VAL A 105 -1.45 2.64 0.69
C VAL A 105 -1.69 1.84 1.96
N GLU A 106 -1.93 0.53 1.77
CA GLU A 106 -2.17 -0.37 2.89
C GLU A 106 -1.05 -0.31 3.92
N ASP A 107 0.12 0.17 3.50
CA ASP A 107 1.25 0.26 4.41
C ASP A 107 0.84 0.99 5.68
N ARG A 108 0.22 2.16 5.54
CA ARG A 108 -0.25 2.89 6.71
C ARG A 108 -1.68 3.38 6.52
N LYS A 109 -2.62 2.77 7.22
CA LYS A 109 -3.99 3.18 7.10
C LYS A 109 -4.75 3.29 8.41
N LEU A 110 -5.62 4.28 8.47
CA LEU A 110 -6.50 4.49 9.59
C LEU A 110 -7.92 4.65 9.06
N PHE A 111 -8.88 4.01 9.68
CA PHE A 111 -10.25 4.08 9.22
C PHE A 111 -11.18 4.62 10.30
N ILE A 112 -11.88 5.69 9.96
CA ILE A 112 -12.82 6.33 10.87
C ILE A 112 -14.23 6.26 10.30
N GLY A 113 -15.17 5.78 11.10
CA GLY A 113 -16.54 5.64 10.63
C GLY A 113 -17.51 6.67 11.17
N MET A 114 -17.36 7.05 12.43
CA MET A 114 -18.28 8.02 13.03
C MET A 114 -17.55 9.20 13.67
N ILE A 115 -17.53 10.32 12.94
CA ILE A 115 -16.91 11.55 13.42
C ILE A 115 -17.93 12.67 13.47
N SER A 116 -17.62 13.71 14.26
CA SER A 116 -18.52 14.83 14.42
C SER A 116 -18.68 15.60 13.12
N LYS A 117 -19.91 16.04 12.86
CA LYS A 117 -20.24 16.76 11.63
C LYS A 117 -19.44 18.05 11.50
N LYS A 118 -18.79 18.47 12.59
CA LYS A 118 -18.01 19.70 12.58
C LYS A 118 -16.53 19.39 12.38
N CYS A 119 -16.23 18.64 11.32
CA CYS A 119 -14.85 18.26 11.02
C CYS A 119 -14.52 18.44 9.54
N THR A 120 -13.39 19.09 9.27
CA THR A 120 -12.94 19.31 7.90
C THR A 120 -11.78 18.37 7.59
N GLU A 121 -11.50 18.15 6.31
CA GLU A 121 -10.42 17.25 5.93
C GLU A 121 -9.06 17.78 6.37
N ASN A 122 -8.78 19.04 6.07
CA ASN A 122 -7.51 19.64 6.42
C ASN A 122 -7.35 19.68 7.94
N ASP A 123 -8.43 20.11 8.61
CA ASP A 123 -8.43 20.20 10.05
C ASP A 123 -8.10 18.85 10.69
N ILE A 124 -8.59 17.77 10.07
CA ILE A 124 -8.35 16.44 10.61
C ILE A 124 -6.85 16.18 10.76
N ARG A 125 -6.09 16.56 9.75
CA ARG A 125 -4.66 16.36 9.77
C ARG A 125 -4.05 16.99 11.01
N VAL A 126 -4.51 18.20 11.34
CA VAL A 126 -4.00 18.92 12.49
C VAL A 126 -4.15 18.08 13.76
N MET A 127 -5.30 17.47 13.93
CA MET A 127 -5.55 16.66 15.12
C MET A 127 -4.58 15.48 15.18
N PHE A 128 -4.36 14.84 14.04
CA PHE A 128 -3.48 13.69 13.98
C PHE A 128 -2.03 14.15 14.08
N SER A 129 -1.78 15.41 13.73
CA SER A 129 -0.43 15.97 13.77
C SER A 129 0.14 15.91 15.18
N SER A 130 -0.75 15.87 16.17
CA SER A 130 -0.32 15.82 17.57
C SER A 130 0.39 14.51 17.86
N PHE A 131 0.09 13.48 17.08
CA PHE A 131 0.70 12.18 17.26
C PHE A 131 1.96 12.02 16.43
N GLY A 132 1.94 12.52 15.19
CA GLY A 132 3.10 12.41 14.32
C GLY A 132 2.92 13.16 13.02
N GLN A 133 3.47 12.59 11.94
CA GLN A 133 3.38 13.20 10.62
C GLN A 133 2.33 12.49 9.76
N ILE A 134 1.41 13.28 9.20
CA ILE A 134 0.34 12.75 8.37
C ILE A 134 0.74 12.77 6.89
N GLU A 135 0.71 11.61 6.26
CA GLU A 135 1.06 11.51 4.85
C GLU A 135 -0.09 11.99 3.98
N GLU A 136 -1.29 11.51 4.29
CA GLU A 136 -2.48 11.89 3.54
C GLU A 136 -3.69 11.98 4.46
N CYS A 137 -4.50 13.01 4.26
CA CYS A 137 -5.70 13.21 5.06
C CYS A 137 -6.93 13.31 4.15
N ARG A 138 -7.94 12.52 4.47
CA ARG A 138 -9.16 12.52 3.67
C ARG A 138 -10.40 12.49 4.54
N ILE A 139 -11.36 13.35 4.19
CA ILE A 139 -12.62 13.43 4.91
C ILE A 139 -13.79 13.39 3.96
N LEU A 140 -14.88 12.81 4.43
CA LEU A 140 -16.08 12.71 3.63
C LEU A 140 -17.19 13.46 4.32
N ARG A 141 -17.74 14.42 3.57
CA ARG A 141 -18.80 15.30 4.02
C ARG A 141 -19.86 15.45 2.93
N GLY A 142 -21.12 15.66 3.33
CA GLY A 142 -22.18 15.80 2.36
C GLY A 142 -22.77 17.19 2.32
N PRO A 143 -23.29 17.64 1.16
CA PRO A 143 -23.86 18.98 1.01
C PRO A 143 -25.17 19.17 1.76
N ASP A 144 -25.56 18.17 2.54
CA ASP A 144 -26.80 18.25 3.31
C ASP A 144 -26.72 19.40 4.31
N GLY A 145 -25.51 19.89 4.54
CA GLY A 145 -25.30 20.99 5.47
C GLY A 145 -24.25 20.65 6.49
N LEU A 146 -23.88 19.37 6.54
CA LEU A 146 -22.87 18.90 7.47
C LEU A 146 -22.13 17.69 6.88
N SER A 147 -21.00 17.34 7.48
CA SER A 147 -20.22 16.20 7.01
C SER A 147 -20.89 14.89 7.41
N ARG A 148 -21.04 13.99 6.42
CA ARG A 148 -21.64 12.68 6.66
C ARG A 148 -21.07 12.06 7.93
N GLY A 149 -19.81 12.39 8.19
CA GLY A 149 -19.14 11.89 9.37
C GLY A 149 -18.25 10.70 9.10
N CYS A 150 -17.53 10.70 7.97
CA CYS A 150 -16.63 9.58 7.68
C CYS A 150 -15.30 10.08 7.14
N ALA A 151 -14.20 9.52 7.64
CA ALA A 151 -12.87 9.97 7.22
C ALA A 151 -11.83 8.85 7.17
N PHE A 152 -10.88 8.99 6.25
CA PHE A 152 -9.80 8.02 6.09
C PHE A 152 -8.46 8.73 6.23
N VAL A 153 -7.46 8.04 6.80
CA VAL A 153 -6.15 8.64 7.01
C VAL A 153 -5.01 7.67 6.70
N THR A 154 -3.90 8.24 6.23
CA THR A 154 -2.69 7.48 5.90
C THR A 154 -1.56 8.05 6.75
N PHE A 155 -0.85 7.20 7.48
CA PHE A 155 0.19 7.72 8.41
C PHE A 155 1.59 7.15 8.17
N THR A 156 2.56 8.06 8.02
CA THR A 156 3.96 7.72 7.78
C THR A 156 4.33 6.32 8.29
N THR A 157 4.41 6.16 9.60
CA THR A 157 4.76 4.87 10.19
C THR A 157 3.53 4.18 10.78
N ARG A 158 3.55 2.85 10.74
CA ARG A 158 2.44 2.07 11.26
C ARG A 158 2.31 2.23 12.77
N ALA A 159 3.44 2.14 13.46
CA ALA A 159 3.46 2.27 14.92
C ALA A 159 2.81 3.57 15.34
N MET A 160 3.22 4.66 14.70
CA MET A 160 2.67 5.98 15.01
C MET A 160 1.18 5.98 14.76
N ALA A 161 0.77 5.27 13.70
CA ALA A 161 -0.64 5.18 13.35
C ALA A 161 -1.41 4.51 14.46
N GLN A 162 -0.81 3.46 15.02
CA GLN A 162 -1.44 2.71 16.09
C GLN A 162 -1.64 3.60 17.31
N THR A 163 -0.73 4.55 17.48
CA THR A 163 -0.82 5.47 18.61
C THR A 163 -2.14 6.23 18.55
N ALA A 164 -2.50 6.66 17.34
CA ALA A 164 -3.74 7.40 17.14
C ALA A 164 -4.92 6.60 17.65
N ILE A 165 -4.86 5.29 17.43
CA ILE A 165 -5.93 4.41 17.87
C ILE A 165 -6.12 4.51 19.37
N LYS A 166 -5.03 4.47 20.11
CA LYS A 166 -5.12 4.56 21.56
C LYS A 166 -5.61 5.94 21.96
N ALA A 167 -5.34 6.91 21.11
CA ALA A 167 -5.75 8.29 21.35
C ALA A 167 -7.22 8.53 21.03
N MET A 168 -7.78 7.73 20.11
CA MET A 168 -9.18 7.92 19.70
C MET A 168 -10.07 6.73 19.99
N HIS A 169 -9.62 5.55 19.58
CA HIS A 169 -10.38 4.31 19.76
C HIS A 169 -10.87 4.11 21.21
N GLN A 170 -10.31 4.88 22.15
CA GLN A 170 -10.72 4.76 23.55
C GLN A 170 -11.80 5.80 23.89
N ALA A 171 -12.31 6.45 22.86
CA ALA A 171 -13.32 7.48 23.02
C ALA A 171 -14.72 6.89 22.92
N GLN A 172 -14.83 5.78 22.20
CA GLN A 172 -16.11 5.10 22.03
C GLN A 172 -16.80 4.88 23.36
N THR A 173 -18.11 4.71 23.31
CA THR A 173 -18.91 4.52 24.51
C THR A 173 -19.04 3.03 24.87
N MET A 174 -19.41 2.21 23.88
CA MET A 174 -19.56 0.78 24.08
C MET A 174 -20.39 0.46 25.31
N GLU A 175 -21.72 0.40 25.13
CA GLU A 175 -22.63 0.12 26.23
C GLU A 175 -24.06 -0.05 25.74
N GLY A 176 -24.56 0.96 25.04
CA GLY A 176 -25.93 0.92 24.52
C GLY A 176 -26.06 1.52 23.15
N CYS A 177 -25.03 2.21 22.69
CA CYS A 177 -25.04 2.85 21.38
C CYS A 177 -23.80 2.46 20.57
N SER A 178 -23.34 1.23 20.76
CA SER A 178 -22.16 0.73 20.07
C SER A 178 -20.96 1.64 20.33
N SER A 179 -20.78 2.66 19.49
CA SER A 179 -19.68 3.60 19.65
C SER A 179 -19.91 4.86 18.82
N PRO A 180 -19.69 6.04 19.43
CA PRO A 180 -19.83 7.32 18.75
C PRO A 180 -18.62 7.63 17.86
N MET A 181 -17.51 6.98 18.18
CA MET A 181 -16.27 7.16 17.44
C MET A 181 -15.52 5.85 17.28
N VAL A 182 -15.00 5.61 16.08
CA VAL A 182 -14.24 4.39 15.80
C VAL A 182 -13.08 4.66 14.85
N VAL A 183 -11.88 4.31 15.28
CA VAL A 183 -10.68 4.49 14.48
C VAL A 183 -9.77 3.28 14.63
N LYS A 184 -9.43 2.63 13.52
CA LYS A 184 -8.57 1.45 13.56
C LYS A 184 -7.69 1.32 12.33
N PHE A 185 -6.49 0.80 12.54
CA PHE A 185 -5.54 0.59 11.46
C PHE A 185 -6.07 -0.46 10.50
N ALA A 186 -6.48 -0.02 9.31
CA ALA A 186 -7.03 -0.93 8.30
C ALA A 186 -6.13 -2.15 8.12
N ASP A 187 -6.57 -3.28 8.68
CA ASP A 187 -5.82 -4.52 8.58
C ASP A 187 -4.42 -4.37 9.19
#